data_6S43
#
_entry.id   6S43
#
_cell.length_a   175.313
_cell.length_b   96.567
_cell.length_c   124.349
_cell.angle_alpha   90.00
_cell.angle_beta   102.70
_cell.angle_gamma   90.00
#
_symmetry.space_group_name_H-M   'C 1 2 1'
#
loop_
_entity.id
_entity.type
_entity.pdbx_description
1 polymer 'Fumarate hydratase class II'
2 non-polymer ~{N}-[5-(azocan-1-ylsulfonyl)-2-methoxy-phenyl]-2-(4-oxidanylidene-3~{H}-phthalazin-1-yl)ethanamide
3 non-polymer 'FORMIC ACID'
4 non-polymer 'MAGNESIUM ION'
5 water water
#
_entity_poly.entity_id   1
_entity_poly.type   'polypeptide(L)'
_entity_poly.pdbx_seq_one_letter_code
;MAVDADSANYRIEHDTMGEVRVPAKALWRAQTQRAVENFPISGRGLERTQIRALGLLKGACAQVNSDLGLLAPEKADAII
AAAAEIADGQHDDQFPIDVFQTGSGTSSNMNTNEVIASIAAKGGVTLHPNDDVNMSQSSNDTFPTATHIAATEAAVAHLI
PALQQLHDALAAKALDWHTVVKSGRTHLMDAVPVTLGQEFSGYARQIEAGIERVRACLPRLGELAIGGTAVGTGLNAPDD
FGVRVVAVLVAQTGLSELRTAANSFEAQAARDGLVEASGALRTIAVSLTKIANDIRWMGSGPLTGLAEIQLPDLQPGSSI
MPGKVNPVLPEAVTQVAAQVIGNDAAIAWGGANGAFELNVYIPMMARNILESFKLLTNVSRLFAQRCIAGLTANVEHLRR
LAESSPSIVTPLNSAIGYEEAAAVAKQALKERKTIRQTVIDRGLIGDRLSIEDLDRRLDVLAMAKAEQLDSDRL
;
_entity_poly.pdbx_strand_id   A,B,C,D
#
loop_
_chem_comp.id
_chem_comp.type
_chem_comp.name
_chem_comp.formula
FMT non-polymer 'FORMIC ACID' 'C H2 O2'
KUE non-polymer ~{N}-[5-(azocan-1-ylsulfonyl)-2-methoxy-phenyl]-2-(4-oxidanylidene-3~{H}-phthalazin-1-yl)ethanamide 'C24 H28 N4 O5 S'
MG non-polymer 'MAGNESIUM ION' 'Mg 2'
#
# COMPACT_ATOMS: atom_id res chain seq x y z
N TYR A 10 16.17 35.59 -23.69
CA TYR A 10 16.40 34.32 -24.43
C TYR A 10 17.90 34.11 -24.71
N ARG A 11 18.77 34.26 -23.70
CA ARG A 11 20.27 34.26 -23.84
C ARG A 11 20.80 32.85 -24.17
N ILE A 12 21.97 32.76 -24.80
CA ILE A 12 22.56 31.50 -25.37
C ILE A 12 23.76 31.08 -24.51
N GLU A 13 24.07 29.77 -24.47
CA GLU A 13 25.24 29.18 -23.76
C GLU A 13 25.82 28.04 -24.61
N HIS A 14 27.13 27.83 -24.49
CA HIS A 14 27.90 26.79 -25.23
C HIS A 14 28.30 25.70 -24.24
N ASP A 15 27.70 24.52 -24.39
CA ASP A 15 27.91 23.32 -23.53
C ASP A 15 29.14 22.55 -24.03
N THR A 16 29.46 21.43 -23.39
CA THR A 16 30.41 20.39 -23.89
C THR A 16 29.85 19.80 -25.18
N MET A 17 28.53 19.63 -25.28
CA MET A 17 27.83 18.91 -26.38
C MET A 17 27.01 19.89 -27.24
N GLY A 18 27.46 21.15 -27.39
CA GLY A 18 26.90 22.11 -28.37
C GLY A 18 26.32 23.36 -27.73
N GLU A 19 25.24 23.89 -28.31
CA GLU A 19 24.59 25.17 -27.91
C GLU A 19 23.31 24.90 -27.11
N VAL A 20 22.98 25.77 -26.13
CA VAL A 20 21.76 25.68 -25.29
C VAL A 20 21.19 27.08 -25.10
N ARG A 21 19.90 27.23 -25.32
CA ARG A 21 19.25 28.54 -25.05
C ARG A 21 18.64 28.50 -23.64
N VAL A 22 18.92 29.51 -22.84
CA VAL A 22 18.48 29.66 -21.41
C VAL A 22 17.66 30.95 -21.32
N PRO A 23 16.50 31.01 -20.63
CA PRO A 23 15.80 32.28 -20.42
C PRO A 23 16.75 33.36 -19.88
N ALA A 24 16.46 34.62 -20.23
CA ALA A 24 17.31 35.78 -19.94
C ALA A 24 17.50 35.95 -18.43
N LYS A 25 16.42 35.88 -17.65
CA LYS A 25 16.38 36.12 -16.18
C LYS A 25 16.60 34.81 -15.41
N ALA A 26 16.96 33.72 -16.09
CA ALA A 26 17.37 32.46 -15.40
C ALA A 26 18.79 32.64 -14.83
N LEU A 27 18.99 32.20 -13.60
CA LEU A 27 20.34 32.11 -12.98
C LEU A 27 20.93 30.71 -13.16
N TRP A 28 20.15 29.73 -13.65
CA TRP A 28 20.76 28.43 -13.96
C TRP A 28 21.53 28.52 -15.27
N ARG A 29 22.30 27.49 -15.59
CA ARG A 29 23.20 27.47 -16.75
C ARG A 29 22.96 26.20 -17.57
N ALA A 30 23.96 25.77 -18.31
CA ALA A 30 23.76 24.80 -19.41
C ALA A 30 23.33 23.44 -18.86
N GLN A 31 23.95 22.93 -17.78
CA GLN A 31 23.62 21.58 -17.27
C GLN A 31 22.18 21.53 -16.75
N THR A 32 21.71 22.60 -16.12
CA THR A 32 20.31 22.67 -15.67
C THR A 32 19.39 22.65 -16.92
N GLN A 33 19.68 23.50 -17.89
CA GLN A 33 18.81 23.60 -19.08
C GLN A 33 18.75 22.23 -19.79
N ARG A 34 19.85 21.47 -19.87
CA ARG A 34 19.86 20.11 -20.44
C ARG A 34 18.93 19.18 -19.63
N ALA A 35 18.95 19.29 -18.31
CA ALA A 35 18.07 18.49 -17.43
C ALA A 35 16.61 18.89 -17.66
N VAL A 36 16.33 20.17 -17.88
CA VAL A 36 14.97 20.64 -18.21
C VAL A 36 14.50 19.90 -19.48
N GLU A 37 15.38 19.82 -20.48
CA GLU A 37 15.04 19.15 -21.76
C GLU A 37 14.94 17.63 -21.62
N ASN A 38 15.72 17.03 -20.73
N ASN A 38 15.72 17.02 -20.72
CA ASN A 38 15.79 15.56 -20.53
CA ASN A 38 15.78 15.55 -20.55
C ASN A 38 14.55 15.03 -19.77
C ASN A 38 14.56 15.03 -19.76
N PHE A 39 14.01 15.81 -18.84
CA PHE A 39 13.01 15.26 -17.87
C PHE A 39 11.70 16.02 -17.88
N PRO A 40 11.00 16.23 -19.02
CA PRO A 40 9.68 16.85 -18.97
C PRO A 40 8.58 15.84 -18.61
N ILE A 41 8.48 15.51 -17.34
CA ILE A 41 7.72 14.32 -16.89
C ILE A 41 6.54 14.79 -16.06
N SER A 42 6.76 15.50 -14.97
CA SER A 42 5.68 15.87 -14.01
C SER A 42 5.36 17.35 -14.13
N GLY A 43 6.28 18.18 -14.58
CA GLY A 43 6.10 19.65 -14.53
C GLY A 43 6.16 20.20 -13.11
N ARG A 44 6.64 19.41 -12.12
CA ARG A 44 6.74 19.83 -10.71
C ARG A 44 8.22 19.65 -10.35
N GLY A 45 8.86 20.68 -9.87
CA GLY A 45 10.27 20.61 -9.40
C GLY A 45 10.35 20.61 -7.88
N LEU A 46 11.54 20.90 -7.36
CA LEU A 46 11.77 20.86 -5.90
C LEU A 46 10.87 21.92 -5.25
N GLU A 47 10.49 21.60 -4.03
CA GLU A 47 9.75 22.49 -3.11
C GLU A 47 10.72 23.40 -2.35
N ARG A 48 10.16 24.43 -1.75
CA ARG A 48 10.92 25.48 -1.04
C ARG A 48 11.82 24.85 0.02
N THR A 49 11.39 23.78 0.68
CA THR A 49 12.18 23.27 1.83
C THR A 49 13.47 22.61 1.32
N GLN A 50 13.37 21.88 0.21
N GLN A 50 13.28 21.80 0.28
CA GLN A 50 14.55 21.20 -0.38
CA GLN A 50 14.36 21.19 -0.52
C GLN A 50 15.51 22.24 -0.98
C GLN A 50 15.42 22.25 -0.93
N ILE A 51 14.97 23.27 -1.64
CA ILE A 51 15.78 24.35 -2.20
C ILE A 51 16.53 25.06 -1.05
N ARG A 52 15.80 25.37 0.02
CA ARG A 52 16.46 26.01 1.20
C ARG A 52 17.59 25.14 1.71
N ALA A 53 17.36 23.83 1.84
CA ALA A 53 18.39 22.94 2.42
C ALA A 53 19.61 22.87 1.50
N LEU A 54 19.40 22.84 0.19
CA LEU A 54 20.55 22.86 -0.76
C LEU A 54 21.34 24.16 -0.58
N GLY A 55 20.70 25.28 -0.38
CA GLY A 55 21.43 26.51 -0.04
C GLY A 55 22.19 26.38 1.27
N LEU A 56 21.52 25.90 2.31
CA LEU A 56 22.21 25.77 3.61
C LEU A 56 23.48 24.91 3.42
N LEU A 57 23.36 23.78 2.75
CA LEU A 57 24.46 22.83 2.60
C LEU A 57 25.61 23.47 1.83
N LYS A 58 25.32 24.15 0.71
CA LYS A 58 26.41 24.75 -0.08
C LYS A 58 27.14 25.84 0.71
N GLY A 59 26.42 26.64 1.49
CA GLY A 59 27.04 27.62 2.39
C GLY A 59 27.97 26.98 3.39
N ALA A 60 27.51 25.89 4.03
CA ALA A 60 28.33 25.22 5.06
C ALA A 60 29.54 24.57 4.42
N CYS A 61 29.43 23.95 3.25
CA CYS A 61 30.55 23.34 2.56
C CYS A 61 31.61 24.41 2.22
N ALA A 62 31.15 25.56 1.74
CA ALA A 62 32.12 26.62 1.35
C ALA A 62 32.82 27.09 2.65
N GLN A 63 32.07 27.23 3.74
CA GLN A 63 32.68 27.65 5.06
C GLN A 63 33.80 26.70 5.46
N VAL A 64 33.55 25.40 5.37
CA VAL A 64 34.52 24.38 5.76
C VAL A 64 35.69 24.39 4.79
N ASN A 65 35.47 24.40 3.49
CA ASN A 65 36.56 24.43 2.49
C ASN A 65 37.43 25.68 2.75
N SER A 66 36.81 26.80 3.09
CA SER A 66 37.56 28.03 3.47
C SER A 66 38.40 27.73 4.72
N ASP A 67 37.76 27.23 5.78
CA ASP A 67 38.41 26.97 7.08
C ASP A 67 39.60 26.06 6.90
N LEU A 68 39.53 25.06 6.01
CA LEU A 68 40.62 24.10 5.79
C LEU A 68 41.68 24.65 4.83
N GLY A 69 41.53 25.86 4.31
CA GLY A 69 42.50 26.46 3.37
C GLY A 69 42.45 25.85 1.98
N LEU A 70 41.34 25.22 1.59
CA LEU A 70 41.17 24.60 0.26
C LEU A 70 40.54 25.55 -0.76
N LEU A 71 39.86 26.58 -0.31
CA LEU A 71 39.07 27.48 -1.16
C LEU A 71 39.42 28.90 -0.76
N ALA A 72 39.75 29.76 -1.73
CA ALA A 72 40.11 31.16 -1.45
C ALA A 72 38.97 31.86 -0.72
N PRO A 73 39.22 32.68 0.32
CA PRO A 73 38.14 33.31 1.06
C PRO A 73 37.16 34.20 0.26
N GLU A 74 37.61 34.98 -0.72
CA GLU A 74 36.71 35.82 -1.58
C GLU A 74 35.69 34.92 -2.32
N LYS A 75 36.13 33.77 -2.83
CA LYS A 75 35.24 32.76 -3.45
C LYS A 75 34.31 32.16 -2.38
N ALA A 76 34.85 31.75 -1.23
CA ALA A 76 34.00 31.18 -0.16
C ALA A 76 32.95 32.19 0.28
N ASP A 77 33.37 33.45 0.51
CA ASP A 77 32.43 34.52 0.90
C ASP A 77 31.31 34.72 -0.14
N ALA A 78 31.63 34.67 -1.43
CA ALA A 78 30.63 34.83 -2.52
C ALA A 78 29.64 33.65 -2.49
N ILE A 79 30.17 32.44 -2.27
CA ILE A 79 29.31 31.23 -2.18
C ILE A 79 28.39 31.36 -0.98
N ILE A 80 28.95 31.72 0.18
CA ILE A 80 28.15 31.84 1.43
C ILE A 80 27.05 32.89 1.26
N ALA A 81 27.36 34.06 0.66
CA ALA A 81 26.33 35.09 0.43
C ALA A 81 25.23 34.60 -0.54
N ALA A 82 25.60 33.94 -1.64
CA ALA A 82 24.63 33.38 -2.62
C ALA A 82 23.79 32.27 -1.98
N ALA A 83 24.43 31.41 -1.22
CA ALA A 83 23.74 30.29 -0.56
C ALA A 83 22.73 30.82 0.46
N ALA A 84 23.02 31.93 1.15
CA ALA A 84 22.09 32.47 2.16
C ALA A 84 20.84 33.00 1.46
N GLU A 85 21.00 33.62 0.29
CA GLU A 85 19.84 34.08 -0.50
C GLU A 85 18.97 32.88 -0.87
N ILE A 86 19.57 31.77 -1.31
CA ILE A 86 18.78 30.55 -1.65
C ILE A 86 18.07 30.03 -0.41
N ALA A 87 18.78 29.94 0.72
CA ALA A 87 18.24 29.43 2.01
C ALA A 87 17.09 30.34 2.46
N ASP A 88 17.16 31.64 2.15
CA ASP A 88 16.14 32.63 2.56
C ASP A 88 14.94 32.59 1.61
N GLY A 89 14.96 31.74 0.58
CA GLY A 89 13.80 31.53 -0.30
C GLY A 89 13.70 32.61 -1.37
N GLN A 90 14.79 33.29 -1.69
CA GLN A 90 14.77 34.40 -2.69
C GLN A 90 14.88 33.86 -4.11
N HIS A 91 15.16 32.58 -4.32
CA HIS A 91 15.46 32.04 -5.66
C HIS A 91 14.67 30.77 -5.91
N ASP A 92 13.48 30.64 -5.34
CA ASP A 92 12.65 29.42 -5.50
C ASP A 92 12.26 29.26 -6.97
N ASP A 93 12.32 30.32 -7.79
CA ASP A 93 11.97 30.21 -9.24
C ASP A 93 13.18 29.82 -10.08
N GLN A 94 14.34 29.48 -9.49
CA GLN A 94 15.55 29.22 -10.28
C GLN A 94 15.90 27.72 -10.27
N PHE A 95 14.90 26.90 -9.93
CA PHE A 95 15.09 25.43 -9.79
C PHE A 95 14.04 24.70 -10.63
N PRO A 96 14.21 24.71 -11.97
CA PRO A 96 13.16 24.25 -12.89
C PRO A 96 13.18 22.73 -13.16
N ILE A 97 14.15 22.00 -12.66
CA ILE A 97 14.30 20.57 -12.99
C ILE A 97 13.18 19.73 -12.36
N ASP A 98 12.64 18.82 -13.13
CA ASP A 98 11.61 17.87 -12.65
C ASP A 98 12.13 17.11 -11.42
N VAL A 99 11.22 16.76 -10.51
CA VAL A 99 11.50 15.72 -9.47
C VAL A 99 12.00 14.43 -10.09
N PHE A 100 11.45 14.02 -11.23
CA PHE A 100 11.72 12.74 -11.88
C PHE A 100 12.94 12.89 -12.77
N GLN A 101 14.08 12.97 -12.11
CA GLN A 101 15.42 13.20 -12.68
C GLN A 101 16.33 12.04 -12.30
N THR A 102 17.60 12.09 -12.67
CA THR A 102 18.60 11.09 -12.27
C THR A 102 18.42 10.80 -10.76
N GLY A 103 18.49 9.55 -10.36
CA GLY A 103 18.01 9.16 -9.03
C GLY A 103 18.93 9.52 -7.91
N SER A 104 20.12 10.02 -8.17
CA SER A 104 21.03 10.55 -7.13
C SER A 104 20.66 11.99 -6.79
N GLY A 105 19.86 12.66 -7.62
CA GLY A 105 19.66 14.11 -7.48
C GLY A 105 20.85 14.94 -7.98
N THR A 106 21.74 14.35 -8.79
CA THR A 106 22.89 15.08 -9.36
C THR A 106 22.37 16.30 -10.14
N SER A 107 21.29 16.20 -10.90
CA SER A 107 20.87 17.35 -11.74
C SER A 107 20.54 18.52 -10.83
N SER A 108 19.80 18.31 -9.74
CA SER A 108 19.47 19.43 -8.83
C SER A 108 20.70 19.93 -8.09
N ASN A 109 21.64 19.04 -7.77
CA ASN A 109 22.93 19.48 -7.17
C ASN A 109 23.60 20.49 -8.12
N MET A 110 23.70 20.11 -9.40
CA MET A 110 24.35 20.98 -10.40
C MET A 110 23.53 22.27 -10.58
N ASN A 111 22.22 22.22 -10.49
CA ASN A 111 21.34 23.41 -10.56
C ASN A 111 21.73 24.37 -9.44
N THR A 112 21.95 23.89 -8.24
CA THR A 112 22.35 24.73 -7.11
C THR A 112 23.71 25.36 -7.43
N ASN A 113 24.67 24.57 -7.88
CA ASN A 113 26.05 25.06 -8.12
C ASN A 113 25.96 26.18 -9.19
N GLU A 114 25.15 25.99 -10.23
CA GLU A 114 25.06 26.98 -11.34
C GLU A 114 24.42 28.24 -10.85
N VAL A 115 23.33 28.19 -10.09
CA VAL A 115 22.62 29.37 -9.59
C VAL A 115 23.57 30.15 -8.67
N ILE A 116 24.29 29.49 -7.77
CA ILE A 116 25.25 30.19 -6.87
C ILE A 116 26.30 30.90 -7.75
N ALA A 117 26.85 30.24 -8.78
CA ALA A 117 27.89 30.87 -9.64
C ALA A 117 27.27 32.11 -10.30
N SER A 118 26.03 32.06 -10.76
CA SER A 118 25.42 33.20 -11.50
C SER A 118 25.15 34.35 -10.52
N ILE A 119 24.72 34.04 -9.31
CA ILE A 119 24.50 35.10 -8.29
C ILE A 119 25.85 35.77 -7.99
N ALA A 120 26.91 34.98 -7.85
CA ALA A 120 28.24 35.49 -7.46
C ALA A 120 28.73 36.39 -8.59
N ALA A 121 28.51 36.00 -9.83
CA ALA A 121 29.00 36.71 -11.04
C ALA A 121 28.45 38.13 -11.03
N LYS A 122 27.22 38.35 -10.56
CA LYS A 122 26.58 39.70 -10.49
C LYS A 122 27.23 40.57 -9.44
N GLY A 123 27.91 39.98 -8.44
CA GLY A 123 28.66 40.74 -7.42
C GLY A 123 30.12 40.80 -7.81
N GLY A 124 30.47 40.37 -9.03
CA GLY A 124 31.84 40.51 -9.56
C GLY A 124 32.80 39.40 -9.20
N VAL A 125 32.32 38.21 -8.81
CA VAL A 125 33.22 37.09 -8.41
C VAL A 125 32.94 35.90 -9.31
N THR A 126 33.98 35.38 -9.93
CA THR A 126 33.91 34.23 -10.83
C THR A 126 34.05 32.97 -9.96
N LEU A 127 33.06 32.07 -10.04
CA LEU A 127 33.10 30.73 -9.39
C LEU A 127 32.90 29.69 -10.49
N HIS A 128 33.63 28.60 -10.41
CA HIS A 128 33.40 27.40 -11.21
C HIS A 128 32.35 26.56 -10.46
N PRO A 129 31.18 26.27 -11.08
CA PRO A 129 30.14 25.48 -10.38
C PRO A 129 30.70 24.20 -9.76
N ASN A 130 31.42 23.41 -10.55
CA ASN A 130 31.94 22.12 -10.09
C ASN A 130 33.17 22.35 -9.19
N ASP A 131 34.20 23.03 -9.69
CA ASP A 131 35.51 23.00 -8.98
C ASP A 131 35.43 23.84 -7.71
N ASP A 132 34.59 24.87 -7.66
CA ASP A 132 34.51 25.72 -6.47
C ASP A 132 33.25 25.36 -5.67
N VAL A 133 32.07 25.42 -6.26
CA VAL A 133 30.84 25.31 -5.44
C VAL A 133 30.64 23.85 -5.01
N ASN A 134 31.14 22.91 -5.78
CA ASN A 134 31.03 21.47 -5.48
C ASN A 134 32.33 20.94 -4.85
N MET A 135 33.23 21.82 -4.45
CA MET A 135 34.53 21.36 -3.88
C MET A 135 34.31 20.44 -2.66
N SER A 136 35.00 19.30 -2.67
CA SER A 136 35.01 18.24 -1.61
C SER A 136 33.69 17.44 -1.58
N GLN A 137 32.83 17.62 -2.57
CA GLN A 137 31.49 17.01 -2.56
C GLN A 137 31.37 16.14 -3.80
N SER A 138 30.46 15.20 -3.74
CA SER A 138 30.30 14.42 -4.97
C SER A 138 28.90 14.65 -5.51
N SER A 139 28.60 13.93 -6.56
CA SER A 139 27.26 13.96 -7.16
C SER A 139 26.25 13.16 -6.31
N ASN A 140 26.68 12.33 -5.32
CA ASN A 140 25.88 11.37 -4.51
C ASN A 140 25.73 11.61 -2.99
N ASP A 141 26.55 12.44 -2.36
CA ASP A 141 26.41 12.64 -0.90
C ASP A 141 25.69 13.96 -0.58
N THR A 142 25.49 14.81 -1.59
CA THR A 142 24.92 16.16 -1.37
C THR A 142 23.38 16.17 -1.40
N PHE A 143 22.77 15.62 -2.44
CA PHE A 143 21.29 15.68 -2.51
C PHE A 143 20.69 14.95 -1.30
N PRO A 144 21.10 13.75 -0.92
CA PRO A 144 20.47 13.12 0.24
C PRO A 144 20.75 13.84 1.56
N THR A 145 21.91 14.49 1.68
CA THR A 145 22.15 15.36 2.83
C THR A 145 21.11 16.47 2.87
N ALA A 146 20.92 17.18 1.76
CA ALA A 146 19.94 18.27 1.73
C ALA A 146 18.53 17.72 2.08
N THR A 147 18.22 16.52 1.60
CA THR A 147 16.88 15.90 1.89
C THR A 147 16.71 15.67 3.38
N HIS A 148 17.75 15.17 4.02
CA HIS A 148 17.65 14.88 5.45
C HIS A 148 17.69 16.18 6.27
N ILE A 149 18.40 17.22 5.83
CA ILE A 149 18.31 18.55 6.49
C ILE A 149 16.87 19.06 6.41
N ALA A 150 16.28 19.02 5.24
CA ALA A 150 14.92 19.54 5.00
C ALA A 150 13.95 18.76 5.86
N ALA A 151 14.10 17.44 5.90
CA ALA A 151 13.10 16.61 6.62
C ALA A 151 13.23 16.81 8.14
N THR A 152 14.45 16.94 8.64
CA THR A 152 14.70 17.14 10.08
C THR A 152 14.16 18.52 10.49
N GLU A 153 14.42 19.55 9.68
CA GLU A 153 13.85 20.89 9.95
C GLU A 153 12.32 20.83 9.91
N ALA A 154 11.78 20.13 8.92
CA ALA A 154 10.29 20.04 8.79
C ALA A 154 9.75 19.40 10.08
N ALA A 155 10.38 18.36 10.56
CA ALA A 155 9.91 17.65 11.76
C ALA A 155 9.98 18.55 12.97
N VAL A 156 11.17 19.17 13.22
CA VAL A 156 11.47 19.85 14.51
C VAL A 156 10.82 21.23 14.55
N ALA A 157 11.00 22.00 13.51
CA ALA A 157 10.61 23.42 13.49
C ALA A 157 9.14 23.61 13.15
N HIS A 158 8.51 22.69 12.41
CA HIS A 158 7.17 22.93 11.82
C HIS A 158 6.17 21.87 12.27
N LEU A 159 6.43 20.58 12.03
CA LEU A 159 5.36 19.59 12.34
C LEU A 159 5.16 19.45 13.85
N ILE A 160 6.20 19.30 14.65
CA ILE A 160 5.99 19.10 16.11
C ILE A 160 5.24 20.29 16.70
N PRO A 161 5.59 21.57 16.41
CA PRO A 161 4.81 22.67 16.94
C PRO A 161 3.36 22.66 16.46
N ALA A 162 3.09 22.28 15.20
CA ALA A 162 1.71 22.23 14.69
C ALA A 162 0.95 21.11 15.40
N LEU A 163 1.54 19.96 15.63
CA LEU A 163 0.89 18.87 16.38
C LEU A 163 0.65 19.33 17.82
N GLN A 164 1.62 20.04 18.42
CA GLN A 164 1.43 20.52 19.81
C GLN A 164 0.23 21.47 19.85
N GLN A 165 0.04 22.35 18.86
CA GLN A 165 -1.11 23.25 18.80
C GLN A 165 -2.37 22.39 18.79
N LEU A 166 -2.43 21.39 17.92
CA LEU A 166 -3.64 20.53 17.80
C LEU A 166 -3.83 19.80 19.13
N HIS A 167 -2.80 19.16 19.69
CA HIS A 167 -2.90 18.52 21.02
C HIS A 167 -3.54 19.50 22.01
N ASP A 168 -3.02 20.72 22.10
CA ASP A 168 -3.47 21.66 23.13
C ASP A 168 -4.93 22.05 22.88
N ALA A 169 -5.37 22.16 21.65
CA ALA A 169 -6.78 22.46 21.32
C ALA A 169 -7.66 21.28 21.75
N LEU A 170 -7.26 20.06 21.44
CA LEU A 170 -8.05 18.88 21.86
C LEU A 170 -8.09 18.77 23.40
N ALA A 171 -6.98 19.00 24.08
CA ALA A 171 -6.88 18.93 25.56
C ALA A 171 -7.78 20.02 26.17
N ALA A 172 -7.87 21.20 25.58
CA ALA A 172 -8.69 22.30 26.11
C ALA A 172 -10.16 21.89 26.00
N LYS A 173 -10.55 21.27 24.89
CA LYS A 173 -11.94 20.78 24.77
C LYS A 173 -12.17 19.67 25.78
N ALA A 174 -11.22 18.78 26.04
CA ALA A 174 -11.37 17.68 27.01
C ALA A 174 -11.71 18.32 28.36
N LEU A 175 -11.01 19.39 28.72
CA LEU A 175 -11.23 20.02 30.04
C LEU A 175 -12.59 20.71 30.04
N ASP A 176 -12.93 21.44 28.99
CA ASP A 176 -14.22 22.21 28.90
C ASP A 176 -15.41 21.23 29.01
N TRP A 177 -15.25 20.03 28.45
CA TRP A 177 -16.34 19.03 28.31
C TRP A 177 -16.20 17.91 29.33
N HIS A 178 -15.44 18.13 30.40
CA HIS A 178 -15.19 17.15 31.47
C HIS A 178 -16.46 16.45 31.96
N THR A 179 -17.53 17.19 32.14
CA THR A 179 -18.78 16.63 32.73
C THR A 179 -19.88 16.50 31.67
N VAL A 180 -19.55 16.57 30.39
CA VAL A 180 -20.57 16.51 29.32
C VAL A 180 -20.84 15.04 29.03
N VAL A 181 -21.73 14.46 29.81
CA VAL A 181 -22.06 13.01 29.72
C VAL A 181 -22.92 12.68 28.51
N LYS A 182 -22.56 11.56 27.88
CA LYS A 182 -23.25 11.10 26.68
C LYS A 182 -23.09 9.58 26.57
N SER A 183 -23.92 9.01 25.72
N SER A 183 -23.92 9.00 25.72
CA SER A 183 -23.86 7.56 25.48
CA SER A 183 -23.85 7.54 25.49
C SER A 183 -22.51 7.20 24.86
C SER A 183 -22.49 7.20 24.86
N GLY A 184 -21.97 6.06 25.28
CA GLY A 184 -20.76 5.53 24.65
C GLY A 184 -21.24 4.77 23.40
N ARG A 185 -20.34 4.54 22.45
CA ARG A 185 -20.70 3.74 21.26
C ARG A 185 -19.59 2.74 20.96
N THR A 186 -19.96 1.47 20.87
CA THR A 186 -19.01 0.40 20.50
C THR A 186 -19.70 -0.36 19.38
N HIS A 187 -18.97 -0.63 18.28
CA HIS A 187 -19.55 -1.33 17.11
C HIS A 187 -20.62 -0.47 16.47
N LEU A 188 -20.65 0.82 16.79
CA LEU A 188 -21.65 1.84 16.39
C LEU A 188 -22.94 1.66 17.20
N MET A 189 -22.97 0.77 18.16
CA MET A 189 -24.20 0.53 18.94
C MET A 189 -24.09 1.22 20.29
N ASP A 190 -25.24 1.51 20.88
CA ASP A 190 -25.28 2.23 22.16
C ASP A 190 -24.56 1.40 23.23
N ALA A 191 -23.80 2.10 24.07
CA ALA A 191 -23.02 1.48 25.16
C ALA A 191 -23.13 2.33 26.42
N VAL A 192 -22.50 1.91 27.49
CA VAL A 192 -22.57 2.67 28.76
C VAL A 192 -21.96 4.05 28.61
N PRO A 193 -22.27 4.97 29.52
CA PRO A 193 -21.88 6.38 29.37
C PRO A 193 -20.38 6.66 29.41
N VAL A 194 -20.05 7.70 28.65
CA VAL A 194 -18.74 8.37 28.67
C VAL A 194 -18.98 9.86 28.80
N THR A 195 -17.92 10.64 28.83
CA THR A 195 -18.07 12.07 28.60
C THR A 195 -17.42 12.46 27.27
N LEU A 196 -17.89 13.56 26.69
CA LEU A 196 -17.23 14.13 25.50
C LEU A 196 -15.80 14.43 25.91
N GLY A 197 -15.56 14.91 27.12
CA GLY A 197 -14.19 15.20 27.56
C GLY A 197 -13.30 13.98 27.53
N GLN A 198 -13.81 12.84 27.97
CA GLN A 198 -12.99 11.61 27.92
C GLN A 198 -12.63 11.26 26.47
N GLU A 199 -13.58 11.38 25.55
CA GLU A 199 -13.30 11.07 24.13
C GLU A 199 -12.21 12.03 23.62
N PHE A 200 -12.31 13.31 23.96
CA PHE A 200 -11.31 14.31 23.50
C PHE A 200 -9.97 14.06 24.17
N SER A 201 -9.97 13.53 25.39
CA SER A 201 -8.70 13.17 26.04
C SER A 201 -8.01 12.04 25.26
N GLY A 202 -8.80 11.12 24.70
CA GLY A 202 -8.24 10.07 23.84
C GLY A 202 -7.64 10.67 22.57
N TYR A 203 -8.36 11.57 21.92
CA TYR A 203 -7.84 12.23 20.69
C TYR A 203 -6.54 12.94 21.05
N ALA A 204 -6.53 13.67 22.16
CA ALA A 204 -5.32 14.39 22.58
C ALA A 204 -4.17 13.41 22.77
N ARG A 205 -4.39 12.28 23.39
CA ARG A 205 -3.32 11.31 23.57
C ARG A 205 -2.83 10.80 22.21
N GLN A 206 -3.72 10.60 21.23
CA GLN A 206 -3.28 10.13 19.90
C GLN A 206 -2.26 11.14 19.35
N ILE A 207 -2.52 12.43 19.49
CA ILE A 207 -1.65 13.47 18.93
C ILE A 207 -0.38 13.56 19.74
N GLU A 208 -0.44 13.50 21.07
CA GLU A 208 0.76 13.45 21.92
C GLU A 208 1.64 12.24 21.59
N ALA A 209 1.06 11.09 21.32
CA ALA A 209 1.81 9.88 20.90
C ALA A 209 2.39 10.13 19.52
N GLY A 210 1.69 10.83 18.66
CA GLY A 210 2.23 11.26 17.35
C GLY A 210 3.52 12.04 17.52
N ILE A 211 3.53 13.02 18.40
CA ILE A 211 4.76 13.81 18.66
C ILE A 211 5.84 12.87 19.15
N GLU A 212 5.52 11.96 20.09
CA GLU A 212 6.52 10.98 20.58
C GLU A 212 7.10 10.16 19.41
N ARG A 213 6.24 9.76 18.48
CA ARG A 213 6.68 8.98 17.31
C ARG A 213 7.63 9.79 16.42
N VAL A 214 7.34 11.05 16.22
CA VAL A 214 8.26 11.88 15.40
C VAL A 214 9.55 12.05 16.16
N ARG A 215 9.49 12.32 17.47
N ARG A 215 9.50 12.33 17.45
N ARG A 215 9.49 12.32 17.46
CA ARG A 215 10.74 12.54 18.25
CA ARG A 215 10.76 12.52 18.23
CA ARG A 215 10.72 12.53 18.26
C ARG A 215 11.60 11.27 18.28
C ARG A 215 11.61 11.26 18.22
C ARG A 215 11.60 11.27 18.26
N ALA A 216 10.98 10.10 18.22
CA ALA A 216 11.71 8.82 18.28
C ALA A 216 12.47 8.53 16.97
N CYS A 217 12.06 9.10 15.85
CA CYS A 217 12.73 8.82 14.54
C CYS A 217 13.90 9.80 14.34
N LEU A 218 14.01 10.86 15.10
CA LEU A 218 15.00 11.93 14.83
C LEU A 218 16.44 11.45 14.94
N PRO A 219 16.82 10.48 15.80
CA PRO A 219 18.21 10.04 15.86
C PRO A 219 18.71 9.56 14.50
N ARG A 220 17.82 8.99 13.70
CA ARG A 220 18.22 8.45 12.40
C ARG A 220 17.78 9.41 11.31
N LEU A 221 16.67 10.14 11.42
CA LEU A 221 16.29 11.10 10.36
C LEU A 221 17.36 12.19 10.21
N GLY A 222 17.98 12.58 11.30
CA GLY A 222 18.98 13.67 11.25
C GLY A 222 20.34 13.25 10.73
N GLU A 223 20.55 11.98 10.44
CA GLU A 223 21.88 11.51 9.97
C GLU A 223 22.11 12.02 8.54
N LEU A 224 23.31 12.62 8.33
CA LEU A 224 23.70 13.24 7.04
C LEU A 224 24.87 12.47 6.43
N ALA A 225 24.80 12.30 5.12
CA ALA A 225 25.82 11.55 4.34
C ALA A 225 27.02 12.45 4.02
N ILE A 226 26.91 13.77 4.16
CA ILE A 226 28.00 14.68 3.70
C ILE A 226 29.39 14.24 4.17
N GLY A 227 30.33 14.20 3.23
CA GLY A 227 31.71 13.76 3.48
C GLY A 227 31.98 12.36 2.97
N GLY A 228 30.93 11.60 2.67
CA GLY A 228 31.08 10.24 2.13
C GLY A 228 31.52 10.22 0.68
N THR A 229 31.30 11.32 -0.03
CA THR A 229 31.65 11.43 -1.47
C THR A 229 30.94 10.37 -2.32
N ALA A 230 31.59 9.87 -3.35
CA ALA A 230 30.88 9.06 -4.37
C ALA A 230 30.30 7.75 -3.85
N VAL A 231 31.03 7.01 -3.02
CA VAL A 231 30.57 5.66 -2.61
C VAL A 231 30.50 5.50 -1.10
N GLY A 232 30.81 6.53 -0.32
CA GLY A 232 30.77 6.40 1.16
C GLY A 232 32.16 6.36 1.79
N THR A 233 33.21 6.26 0.99
CA THR A 233 34.60 6.16 1.52
C THR A 233 35.20 7.51 1.89
N GLY A 234 34.66 8.62 1.38
CA GLY A 234 35.26 9.93 1.66
C GLY A 234 36.43 10.26 0.73
N LEU A 235 36.67 9.42 -0.27
CA LEU A 235 37.76 9.72 -1.23
C LEU A 235 37.46 11.08 -1.89
N ASN A 236 38.50 11.91 -1.99
CA ASN A 236 38.48 13.27 -2.60
C ASN A 236 37.84 14.31 -1.67
N ALA A 237 37.65 13.97 -0.39
CA ALA A 237 37.20 14.98 0.56
C ALA A 237 38.14 14.93 1.77
N PRO A 238 38.27 16.01 2.55
CA PRO A 238 39.01 15.95 3.80
C PRO A 238 38.41 14.89 4.74
N ASP A 239 39.27 14.25 5.52
CA ASP A 239 38.82 13.15 6.42
C ASP A 239 37.73 13.60 7.40
N ASP A 240 37.77 14.85 7.82
CA ASP A 240 36.84 15.41 8.81
C ASP A 240 35.84 16.34 8.11
N PHE A 241 35.67 16.22 6.80
CA PHE A 241 34.72 17.15 6.09
C PHE A 241 33.33 17.02 6.71
N GLY A 242 32.83 15.81 6.86
CA GLY A 242 31.48 15.57 7.37
C GLY A 242 31.28 16.21 8.72
N VAL A 243 32.15 15.92 9.69
CA VAL A 243 31.89 16.42 11.05
C VAL A 243 32.00 17.97 11.01
N ARG A 244 32.89 18.51 10.19
CA ARG A 244 33.03 19.98 10.14
C ARG A 244 31.77 20.62 9.55
N VAL A 245 31.26 20.05 8.44
CA VAL A 245 30.07 20.65 7.78
C VAL A 245 28.84 20.52 8.69
N VAL A 246 28.67 19.36 9.32
CA VAL A 246 27.54 19.16 10.25
C VAL A 246 27.62 20.19 11.37
N ALA A 247 28.84 20.46 11.87
CA ALA A 247 28.95 21.39 13.01
C ALA A 247 28.57 22.79 12.56
N VAL A 248 28.93 23.17 11.34
CA VAL A 248 28.54 24.51 10.83
C VAL A 248 27.00 24.57 10.67
N LEU A 249 26.40 23.49 10.12
CA LEU A 249 24.93 23.46 9.94
C LEU A 249 24.25 23.60 11.31
N VAL A 250 24.71 22.89 12.31
CA VAL A 250 24.10 22.92 13.67
C VAL A 250 24.23 24.35 14.21
N ALA A 251 25.42 24.94 14.07
CA ALA A 251 25.68 26.28 14.64
C ALA A 251 24.77 27.29 13.96
N GLN A 252 24.58 27.19 12.65
CA GLN A 252 23.84 28.20 11.87
C GLN A 252 22.33 28.00 12.10
N THR A 253 21.82 26.76 12.12
CA THR A 253 20.36 26.47 12.07
C THR A 253 19.79 26.30 13.49
N GLY A 254 20.61 25.97 14.47
CA GLY A 254 20.14 25.52 15.78
C GLY A 254 19.54 24.12 15.79
N LEU A 255 19.60 23.37 14.68
N LEU A 255 19.67 23.36 14.70
CA LEU A 255 19.01 22.00 14.64
CA LEU A 255 19.08 22.00 14.58
C LEU A 255 20.05 20.98 15.16
C LEU A 255 20.06 20.97 15.16
N SER A 256 20.09 20.77 16.47
CA SER A 256 21.05 19.86 17.11
C SER A 256 20.82 18.41 16.70
N GLU A 257 19.66 18.12 16.10
CA GLU A 257 19.34 16.74 15.68
C GLU A 257 20.20 16.34 14.47
N LEU A 258 20.78 17.30 13.76
CA LEU A 258 21.65 16.97 12.61
C LEU A 258 22.95 16.36 13.11
N ARG A 259 23.37 15.25 12.51
CA ARG A 259 24.58 14.55 12.91
C ARG A 259 25.18 13.82 11.72
N THR A 260 26.47 13.55 11.76
N THR A 260 26.47 13.51 11.79
CA THR A 260 27.10 12.66 10.78
CA THR A 260 27.15 12.70 10.78
C THR A 260 26.40 11.31 10.88
C THR A 260 26.67 11.26 10.93
N ALA A 261 26.41 10.57 9.80
CA ALA A 261 25.87 9.19 9.82
C ALA A 261 26.73 8.26 10.66
N ALA A 262 26.08 7.28 11.31
CA ALA A 262 26.78 6.25 12.11
C ALA A 262 27.64 5.41 11.17
N ASN A 263 27.14 5.14 9.96
CA ASN A 263 27.89 4.30 8.98
C ASN A 263 27.76 4.97 7.62
N SER A 264 28.88 5.40 7.05
CA SER A 264 28.86 6.23 5.82
C SER A 264 28.35 5.43 4.61
N PHE A 265 28.44 4.11 4.64
CA PHE A 265 27.94 3.25 3.52
C PHE A 265 26.42 3.12 3.60
N GLU A 266 25.92 2.82 4.78
CA GLU A 266 24.45 2.78 5.01
C GLU A 266 23.80 4.13 4.64
N ALA A 267 24.51 5.24 4.86
CA ALA A 267 23.92 6.58 4.61
C ALA A 267 23.79 6.91 3.13
N GLN A 268 24.44 6.14 2.26
CA GLN A 268 24.35 6.40 0.80
C GLN A 268 23.70 5.22 0.06
N ALA A 269 23.88 4.01 0.56
CA ALA A 269 23.31 2.80 -0.06
C ALA A 269 21.81 2.73 0.24
N ALA A 270 21.38 3.40 1.30
CA ALA A 270 19.95 3.35 1.67
C ALA A 270 19.47 4.70 2.15
N ARG A 271 18.16 4.84 2.18
CA ARG A 271 17.43 6.03 2.69
C ARG A 271 16.47 5.55 3.76
N ASP A 272 16.90 4.60 4.57
CA ASP A 272 16.03 3.93 5.55
C ASP A 272 15.47 4.95 6.56
N GLY A 273 16.20 6.00 6.89
CA GLY A 273 15.72 7.04 7.81
C GLY A 273 14.45 7.72 7.29
N LEU A 274 14.36 7.92 5.98
CA LEU A 274 13.14 8.53 5.37
C LEU A 274 11.99 7.51 5.47
N VAL A 275 12.26 6.23 5.22
CA VAL A 275 11.21 5.20 5.32
C VAL A 275 10.71 5.19 6.78
N GLU A 276 11.62 5.23 7.74
CA GLU A 276 11.26 5.22 9.16
C GLU A 276 10.40 6.43 9.46
N ALA A 277 10.83 7.62 9.07
CA ALA A 277 10.07 8.85 9.39
C ALA A 277 8.72 8.81 8.70
N SER A 278 8.63 8.33 7.46
CA SER A 278 7.30 8.23 6.81
C SER A 278 6.36 7.35 7.61
N GLY A 279 6.86 6.30 8.24
CA GLY A 279 6.01 5.45 9.10
C GLY A 279 5.40 6.23 10.25
N ALA A 280 6.14 7.17 10.85
CA ALA A 280 5.60 8.00 11.93
C ALA A 280 4.51 8.89 11.32
N LEU A 281 4.76 9.51 10.17
CA LEU A 281 3.77 10.42 9.54
C LEU A 281 2.52 9.59 9.18
N ARG A 282 2.68 8.38 8.69
CA ARG A 282 1.56 7.48 8.31
C ARG A 282 0.74 7.14 9.56
N THR A 283 1.41 6.93 10.70
CA THR A 283 0.70 6.63 11.95
C THR A 283 -0.10 7.86 12.34
N ILE A 284 0.49 9.05 12.25
CA ILE A 284 -0.25 10.30 12.56
C ILE A 284 -1.45 10.43 11.63
N ALA A 285 -1.31 10.11 10.34
CA ALA A 285 -2.43 10.16 9.39
C ALA A 285 -3.55 9.20 9.83
N VAL A 286 -3.20 8.05 10.33
CA VAL A 286 -4.14 7.05 10.84
C VAL A 286 -4.88 7.64 12.04
N SER A 287 -4.17 8.25 12.98
CA SER A 287 -4.78 8.86 14.18
C SER A 287 -5.73 9.96 13.71
N LEU A 288 -5.27 10.86 12.85
CA LEU A 288 -6.08 12.02 12.40
C LEU A 288 -7.33 11.54 11.68
N THR A 289 -7.25 10.42 10.97
CA THR A 289 -8.44 9.89 10.28
C THR A 289 -9.50 9.54 11.33
N LYS A 290 -9.12 8.85 12.39
CA LYS A 290 -10.09 8.47 13.45
C LYS A 290 -10.67 9.72 14.13
N ILE A 291 -9.82 10.68 14.47
CA ILE A 291 -10.31 11.91 15.15
C ILE A 291 -11.27 12.68 14.24
N ALA A 292 -10.87 12.89 13.01
CA ALA A 292 -11.67 13.69 12.05
C ALA A 292 -12.98 12.97 11.75
N ASN A 293 -12.94 11.64 11.60
N ASN A 293 -12.94 11.64 11.60
CA ASN A 293 -14.17 10.86 11.28
CA ASN A 293 -14.17 10.87 11.27
C ASN A 293 -15.15 10.89 12.46
C ASN A 293 -15.15 10.91 12.45
N ASP A 294 -14.65 10.83 13.68
CA ASP A 294 -15.54 10.90 14.86
C ASP A 294 -16.17 12.30 14.91
N ILE A 295 -15.37 13.33 14.65
CA ILE A 295 -15.89 14.72 14.74
C ILE A 295 -16.97 14.98 13.68
N ARG A 296 -16.76 14.55 12.44
CA ARG A 296 -17.83 14.75 11.42
C ARG A 296 -19.07 13.94 11.78
N TRP A 297 -18.91 12.72 12.28
CA TRP A 297 -20.09 11.92 12.71
C TRP A 297 -20.83 12.58 13.88
N MET A 298 -20.09 13.15 14.82
N MET A 298 -20.08 13.14 14.83
CA MET A 298 -20.75 13.83 15.96
CA MET A 298 -20.72 13.84 15.99
C MET A 298 -21.51 15.08 15.48
C MET A 298 -21.52 15.05 15.47
N GLY A 299 -21.01 15.75 14.44
CA GLY A 299 -21.70 16.93 13.91
C GLY A 299 -22.76 16.62 12.85
N SER A 300 -23.02 15.35 12.55
CA SER A 300 -23.95 14.92 11.49
C SER A 300 -25.38 15.37 11.86
N GLY A 301 -26.14 15.77 10.85
CA GLY A 301 -27.55 16.16 11.06
C GLY A 301 -27.93 17.30 10.16
N PRO A 302 -28.77 18.26 10.59
CA PRO A 302 -29.17 18.44 11.99
C PRO A 302 -30.34 17.60 12.50
N LEU A 303 -31.03 16.84 11.64
CA LEU A 303 -32.17 16.02 12.07
C LEU A 303 -31.86 14.54 12.08
N THR A 304 -31.30 13.99 11.02
CA THR A 304 -31.29 12.51 10.89
C THR A 304 -29.97 11.87 11.33
N GLY A 305 -29.01 12.70 11.75
CA GLY A 305 -27.68 12.24 12.19
C GLY A 305 -27.56 12.18 13.70
N LEU A 306 -26.32 12.10 14.18
CA LEU A 306 -26.08 12.00 15.63
C LEU A 306 -26.38 13.31 16.36
N ALA A 307 -26.08 14.45 15.74
CA ALA A 307 -26.36 15.80 16.29
C ALA A 307 -25.81 15.96 17.71
N GLU A 308 -24.59 15.50 17.95
CA GLU A 308 -23.98 15.62 19.29
C GLU A 308 -23.35 17.00 19.46
N ILE A 309 -22.73 17.51 18.40
CA ILE A 309 -22.00 18.80 18.43
C ILE A 309 -22.30 19.57 17.14
N GLN A 310 -21.96 20.85 17.16
CA GLN A 310 -22.01 21.73 15.97
C GLN A 310 -20.58 22.15 15.64
N LEU A 311 -20.20 21.96 14.37
CA LEU A 311 -18.93 22.49 13.83
C LEU A 311 -19.12 23.95 13.45
N PRO A 312 -18.09 24.77 13.64
CA PRO A 312 -18.09 26.12 13.11
C PRO A 312 -18.21 26.12 11.57
N ASP A 313 -18.98 27.09 11.07
CA ASP A 313 -19.37 27.25 9.63
C ASP A 313 -18.28 28.02 8.88
N LEU A 314 -17.58 27.38 7.94
CA LEU A 314 -16.42 28.00 7.24
C LEU A 314 -16.81 28.42 5.81
N GLN A 315 -17.76 27.72 5.18
CA GLN A 315 -18.12 27.99 3.75
C GLN A 315 -19.60 28.41 3.68
N LYS A 324 -26.10 22.76 10.01
CA LYS A 324 -26.12 22.46 8.55
C LYS A 324 -24.73 22.75 7.93
N VAL A 325 -23.75 23.14 8.73
CA VAL A 325 -22.39 23.33 8.17
C VAL A 325 -21.89 21.99 7.59
N ASN A 326 -21.38 21.90 6.37
CA ASN A 326 -20.60 20.69 5.98
C ASN A 326 -19.28 20.67 6.77
N PRO A 327 -18.82 19.45 7.13
CA PRO A 327 -17.56 19.24 7.87
C PRO A 327 -16.32 19.35 6.96
N VAL A 328 -16.11 20.53 6.42
CA VAL A 328 -15.10 20.71 5.36
C VAL A 328 -13.70 20.48 5.97
N LEU A 329 -13.41 20.87 7.22
N LEU A 329 -13.42 20.90 7.22
CA LEU A 329 -12.02 20.66 7.71
CA LEU A 329 -12.05 20.69 7.77
C LEU A 329 -11.78 19.18 8.05
C LEU A 329 -11.83 19.19 7.97
N PRO A 330 -12.75 18.42 8.60
CA PRO A 330 -12.59 16.98 8.67
C PRO A 330 -12.36 16.37 7.27
N GLU A 331 -13.01 16.85 6.21
CA GLU A 331 -12.79 16.31 4.84
C GLU A 331 -11.39 16.68 4.36
N ALA A 332 -10.90 17.86 4.65
CA ALA A 332 -9.51 18.21 4.28
C ALA A 332 -8.54 17.28 5.03
N VAL A 333 -8.77 17.04 6.30
CA VAL A 333 -7.88 16.24 7.13
C VAL A 333 -7.88 14.79 6.63
N THR A 334 -9.03 14.21 6.32
CA THR A 334 -9.06 12.79 5.88
C THR A 334 -8.48 12.65 4.45
N GLN A 335 -8.61 13.67 3.62
CA GLN A 335 -7.97 13.69 2.29
C GLN A 335 -6.44 13.79 2.46
N VAL A 336 -5.97 14.69 3.29
CA VAL A 336 -4.52 14.78 3.56
C VAL A 336 -4.03 13.42 4.04
N ALA A 337 -4.74 12.78 4.96
CA ALA A 337 -4.31 11.48 5.52
C ALA A 337 -4.17 10.47 4.39
N ALA A 338 -5.11 10.41 3.46
CA ALA A 338 -5.03 9.50 2.31
C ALA A 338 -3.75 9.81 1.53
N GLN A 339 -3.46 11.09 1.28
CA GLN A 339 -2.23 11.45 0.53
C GLN A 339 -0.99 10.97 1.28
N VAL A 340 -0.94 11.16 2.59
CA VAL A 340 0.22 10.73 3.39
C VAL A 340 0.40 9.20 3.29
N ILE A 341 -0.70 8.46 3.28
N ILE A 341 -0.70 8.46 3.29
CA ILE A 341 -0.64 6.98 3.16
CA ILE A 341 -0.67 6.97 3.16
C ILE A 341 -0.11 6.59 1.78
C ILE A 341 -0.10 6.61 1.79
N GLY A 342 -0.58 7.25 0.72
CA GLY A 342 -0.02 6.95 -0.61
C GLY A 342 1.46 7.30 -0.69
N ASN A 343 1.79 8.52 -0.28
CA ASN A 343 3.20 8.99 -0.28
C ASN A 343 4.10 7.99 0.46
N ASP A 344 3.60 7.48 1.58
CA ASP A 344 4.31 6.49 2.40
C ASP A 344 4.60 5.24 1.59
N ALA A 345 3.67 4.76 0.79
CA ALA A 345 3.92 3.57 -0.03
C ALA A 345 4.98 3.87 -1.08
N ALA A 346 4.95 5.05 -1.70
CA ALA A 346 5.97 5.42 -2.71
C ALA A 346 7.36 5.45 -2.05
N ILE A 347 7.43 6.03 -0.86
CA ILE A 347 8.73 6.15 -0.13
C ILE A 347 9.30 4.77 0.13
N ALA A 348 8.50 3.85 0.64
CA ALA A 348 9.04 2.52 1.00
C ALA A 348 9.48 1.78 -0.26
N TRP A 349 8.75 1.92 -1.36
CA TRP A 349 9.10 1.34 -2.65
C TRP A 349 10.48 1.86 -3.09
N GLY A 350 10.68 3.16 -3.07
CA GLY A 350 12.00 3.71 -3.41
C GLY A 350 13.06 3.21 -2.45
N GLY A 351 12.77 3.16 -1.16
CA GLY A 351 13.77 2.80 -0.15
C GLY A 351 14.27 1.40 -0.32
N ALA A 352 13.44 0.47 -0.78
CA ALA A 352 13.82 -0.93 -0.81
C ALA A 352 14.74 -1.19 -1.97
N ASN A 353 14.70 -0.31 -2.96
CA ASN A 353 15.27 -0.61 -4.31
C ASN A 353 16.62 0.04 -4.61
N GLY A 354 17.42 0.26 -3.58
CA GLY A 354 18.80 0.72 -3.79
C GLY A 354 19.67 -0.42 -4.29
N ALA A 355 20.80 -0.07 -4.88
CA ALA A 355 21.71 -1.13 -5.34
C ALA A 355 23.15 -0.77 -4.94
N PHE A 356 23.83 -1.70 -4.29
CA PHE A 356 25.26 -1.50 -3.97
C PHE A 356 25.48 -0.20 -3.22
N GLU A 357 26.31 0.70 -3.76
CA GLU A 357 26.72 1.91 -3.01
C GLU A 357 25.71 3.07 -3.09
N LEU A 358 24.63 2.95 -3.85
CA LEU A 358 23.75 4.13 -3.95
C LEU A 358 22.27 3.77 -4.12
N ASN A 359 21.42 4.42 -3.34
CA ASN A 359 19.96 4.33 -3.56
C ASN A 359 19.63 5.46 -4.54
N VAL A 360 19.11 5.10 -5.71
CA VAL A 360 18.83 6.08 -6.79
C VAL A 360 17.33 6.37 -6.91
N TYR A 361 16.65 6.51 -5.76
CA TYR A 361 15.24 6.96 -5.73
C TYR A 361 15.08 8.23 -4.91
N ILE A 362 16.16 8.98 -4.74
CA ILE A 362 16.19 10.06 -3.74
C ILE A 362 15.25 11.21 -4.11
N PRO A 363 15.23 11.75 -5.36
CA PRO A 363 14.33 12.84 -5.66
C PRO A 363 12.86 12.48 -5.41
N MET A 364 12.44 11.29 -5.81
CA MET A 364 11.04 10.85 -5.59
C MET A 364 10.80 10.69 -4.08
N MET A 365 11.71 10.08 -3.35
CA MET A 365 11.51 9.91 -1.89
C MET A 365 11.41 11.26 -1.22
N ALA A 366 12.25 12.21 -1.59
CA ALA A 366 12.30 13.58 -1.01
C ALA A 366 10.99 14.30 -1.29
N ARG A 367 10.50 14.22 -2.53
CA ARG A 367 9.21 14.88 -2.84
C ARG A 367 8.14 14.38 -1.87
N ASN A 368 8.02 13.06 -1.77
CA ASN A 368 6.93 12.44 -1.00
C ASN A 368 7.06 12.72 0.49
N ILE A 369 8.24 12.60 1.08
N ILE A 369 8.23 12.62 1.07
CA ILE A 369 8.41 12.78 2.56
CA ILE A 369 8.29 12.78 2.55
C ILE A 369 8.16 14.26 2.88
C ILE A 369 8.12 14.26 2.88
N LEU A 370 8.71 15.16 2.09
CA LEU A 370 8.61 16.59 2.40
C LEU A 370 7.17 17.06 2.19
N GLU A 371 6.46 16.51 1.18
CA GLU A 371 5.02 16.83 1.03
C GLU A 371 4.26 16.34 2.25
N SER A 372 4.49 15.12 2.70
CA SER A 372 3.78 14.59 3.88
C SER A 372 3.97 15.50 5.08
N PHE A 373 5.22 15.95 5.31
CA PHE A 373 5.45 16.87 6.46
C PHE A 373 4.63 18.13 6.26
N LYS A 374 4.66 18.72 5.07
CA LYS A 374 3.96 20.01 4.81
C LYS A 374 2.45 19.84 5.00
N LEU A 375 1.83 18.84 4.39
CA LEU A 375 0.36 18.69 4.46
C LEU A 375 -0.03 18.47 5.90
N LEU A 376 0.66 17.62 6.66
CA LEU A 376 0.25 17.35 8.05
C LEU A 376 0.42 18.61 8.88
N THR A 377 1.49 19.35 8.65
CA THR A 377 1.72 20.58 9.43
C THR A 377 0.58 21.57 9.18
N ASN A 378 0.30 21.84 7.91
CA ASN A 378 -0.67 22.89 7.58
C ASN A 378 -2.08 22.46 8.03
N VAL A 379 -2.49 21.22 7.76
CA VAL A 379 -3.87 20.82 8.04
C VAL A 379 -4.03 20.71 9.54
N SER A 380 -3.02 20.34 10.31
CA SER A 380 -3.15 20.17 11.79
C SER A 380 -3.47 21.56 12.38
N ARG A 381 -2.75 22.60 11.92
CA ARG A 381 -2.99 23.96 12.47
C ARG A 381 -4.40 24.40 12.10
N LEU A 382 -4.81 24.24 10.85
CA LEU A 382 -6.15 24.65 10.40
C LEU A 382 -7.19 23.88 11.20
N PHE A 383 -7.00 22.60 11.39
CA PHE A 383 -8.01 21.79 12.12
C PHE A 383 -8.10 22.30 13.57
N ALA A 384 -6.96 22.55 14.21
CA ALA A 384 -6.95 23.06 15.59
C ALA A 384 -7.72 24.37 15.68
N GLN A 385 -7.39 25.32 14.83
CA GLN A 385 -7.82 26.72 15.01
C GLN A 385 -9.25 26.89 14.49
N ARG A 386 -9.60 26.28 13.37
CA ARG A 386 -10.82 26.62 12.61
C ARG A 386 -11.87 25.53 12.77
N CYS A 387 -11.58 24.45 13.47
CA CYS A 387 -12.59 23.40 13.72
C CYS A 387 -12.63 23.13 15.22
N ILE A 388 -11.59 22.57 15.79
CA ILE A 388 -11.61 22.07 17.18
C ILE A 388 -11.97 23.23 18.11
N ALA A 389 -11.30 24.36 17.99
CA ALA A 389 -11.43 25.41 19.02
C ALA A 389 -12.88 25.88 19.13
N GLY A 390 -13.64 25.84 18.04
CA GLY A 390 -14.99 26.44 17.99
C GLY A 390 -16.13 25.43 18.05
N LEU A 391 -15.85 24.13 18.26
CA LEU A 391 -16.92 23.14 18.40
C LEU A 391 -17.83 23.54 19.57
N THR A 392 -19.13 23.31 19.42
CA THR A 392 -20.08 23.46 20.54
C THR A 392 -20.84 22.16 20.75
N ALA A 393 -21.06 21.79 22.00
CA ALA A 393 -21.74 20.53 22.33
C ALA A 393 -23.23 20.81 22.62
N ASN A 394 -24.08 19.89 22.21
CA ASN A 394 -25.53 19.91 22.59
C ASN A 394 -25.67 19.25 23.95
N VAL A 395 -25.26 19.92 25.01
CA VAL A 395 -25.02 19.32 26.33
C VAL A 395 -26.31 18.66 26.87
N GLU A 396 -27.38 19.41 26.93
CA GLU A 396 -28.60 18.88 27.58
C GLU A 396 -29.16 17.70 26.78
N HIS A 397 -29.11 17.83 25.48
CA HIS A 397 -29.55 16.76 24.55
C HIS A 397 -28.72 15.47 24.78
N LEU A 398 -27.40 15.58 24.83
CA LEU A 398 -26.52 14.44 25.06
C LEU A 398 -26.88 13.77 26.40
N ARG A 399 -27.09 14.56 27.46
CA ARG A 399 -27.43 13.97 28.78
C ARG A 399 -28.79 13.28 28.69
N ARG A 400 -29.78 13.91 28.06
N ARG A 400 -29.77 13.92 28.06
CA ARG A 400 -31.12 13.29 27.96
CA ARG A 400 -31.11 13.28 27.97
C ARG A 400 -31.00 11.93 27.25
C ARG A 400 -30.99 11.92 27.26
N LEU A 401 -30.24 11.85 26.15
CA LEU A 401 -30.08 10.54 25.48
C LEU A 401 -29.41 9.55 26.44
N ALA A 402 -28.34 9.93 27.15
CA ALA A 402 -27.63 9.00 28.06
C ALA A 402 -28.64 8.47 29.09
N GLU A 403 -29.47 9.36 29.61
CA GLU A 403 -30.46 9.01 30.67
C GLU A 403 -31.63 8.20 30.10
N SER A 404 -31.74 8.02 28.78
CA SER A 404 -32.87 7.35 28.13
C SER A 404 -32.44 6.01 27.50
N SER A 405 -31.17 5.65 27.65
CA SER A 405 -30.59 4.48 26.97
C SER A 405 -30.88 3.18 27.72
N PRO A 406 -31.37 2.14 27.02
CA PRO A 406 -31.38 0.79 27.59
C PRO A 406 -30.06 0.31 28.19
N SER A 407 -28.94 0.84 27.72
CA SER A 407 -27.61 0.46 28.28
C SER A 407 -27.49 0.73 29.78
N ILE A 408 -28.27 1.63 30.39
CA ILE A 408 -28.05 2.05 31.79
C ILE A 408 -29.02 1.32 32.73
N VAL A 409 -29.76 0.32 32.28
CA VAL A 409 -30.70 -0.34 33.23
C VAL A 409 -29.98 -1.36 34.11
N THR A 410 -28.75 -1.79 33.80
CA THR A 410 -28.02 -2.87 34.55
C THR A 410 -27.97 -2.53 36.05
N PRO A 411 -27.63 -1.30 36.46
CA PRO A 411 -27.60 -0.98 37.89
C PRO A 411 -28.95 -1.06 38.62
N LEU A 412 -30.05 -1.29 37.90
CA LEU A 412 -31.38 -1.52 38.54
C LEU A 412 -31.53 -2.98 38.89
N ASN A 413 -30.77 -3.89 38.27
CA ASN A 413 -31.03 -5.35 38.37
C ASN A 413 -31.10 -5.78 39.83
N SER A 414 -30.20 -5.27 40.68
CA SER A 414 -30.13 -5.71 42.10
C SER A 414 -31.33 -5.22 42.90
N ALA A 415 -32.11 -4.24 42.43
CA ALA A 415 -33.34 -3.77 43.09
C ALA A 415 -34.58 -4.46 42.48
N ILE A 416 -34.70 -4.59 41.16
CA ILE A 416 -35.99 -4.96 40.49
C ILE A 416 -35.85 -6.26 39.68
N GLY A 417 -34.67 -6.82 39.50
CA GLY A 417 -34.41 -8.01 38.68
C GLY A 417 -34.20 -7.68 37.21
N TYR A 418 -33.46 -8.53 36.51
CA TYR A 418 -33.07 -8.27 35.09
C TYR A 418 -34.31 -8.33 34.18
N GLU A 419 -35.38 -9.08 34.53
CA GLU A 419 -36.61 -9.19 33.70
C GLU A 419 -37.38 -7.87 33.73
N GLU A 420 -37.57 -7.26 34.90
CA GLU A 420 -38.28 -6.00 35.01
C GLU A 420 -37.37 -4.88 34.43
N ALA A 421 -36.06 -4.98 34.60
CA ALA A 421 -35.12 -3.96 34.05
C ALA A 421 -35.23 -4.01 32.52
N ALA A 422 -35.42 -5.17 31.92
CA ALA A 422 -35.58 -5.27 30.44
C ALA A 422 -36.92 -4.67 30.00
N ALA A 423 -38.01 -4.81 30.79
CA ALA A 423 -39.31 -4.21 30.44
C ALA A 423 -39.21 -2.69 30.53
N VAL A 424 -38.45 -2.18 31.50
CA VAL A 424 -38.21 -0.73 31.66
C VAL A 424 -37.49 -0.23 30.38
N ALA A 425 -36.42 -0.89 29.99
CA ALA A 425 -35.62 -0.52 28.80
C ALA A 425 -36.48 -0.49 27.53
N LYS A 426 -37.29 -1.53 27.31
CA LYS A 426 -38.18 -1.58 26.13
C LYS A 426 -39.23 -0.46 26.15
N GLN A 427 -39.89 -0.18 27.28
CA GLN A 427 -40.92 0.88 27.34
C GLN A 427 -40.28 2.26 27.23
N ALA A 428 -39.09 2.48 27.82
CA ALA A 428 -38.42 3.78 27.74
C ALA A 428 -38.16 4.10 26.24
N LEU A 429 -37.65 3.12 25.51
CA LEU A 429 -37.34 3.36 24.08
C LEU A 429 -38.62 3.60 23.31
N LYS A 430 -39.63 2.73 23.52
CA LYS A 430 -40.89 2.80 22.75
C LYS A 430 -41.56 4.16 22.99
N GLU A 431 -41.59 4.64 24.23
CA GLU A 431 -42.30 5.89 24.61
C GLU A 431 -41.39 7.12 24.54
N ARG A 432 -40.09 6.95 24.21
CA ARG A 432 -39.13 8.09 24.14
C ARG A 432 -39.10 8.84 25.47
N LYS A 433 -38.88 8.08 26.53
CA LYS A 433 -38.78 8.59 27.90
C LYS A 433 -37.44 8.21 28.53
N THR A 434 -37.07 8.92 29.58
CA THR A 434 -35.88 8.57 30.40
C THR A 434 -36.17 7.23 31.09
N ILE A 435 -35.10 6.53 31.41
CA ILE A 435 -35.19 5.31 32.25
C ILE A 435 -35.81 5.74 33.59
N ARG A 436 -35.37 6.84 34.19
CA ARG A 436 -35.92 7.34 35.48
C ARG A 436 -37.44 7.49 35.36
N GLN A 437 -37.94 8.18 34.34
CA GLN A 437 -39.38 8.48 34.24
C GLN A 437 -40.09 7.15 34.02
N THR A 438 -39.50 6.19 33.28
CA THR A 438 -40.15 4.91 32.97
C THR A 438 -40.30 4.08 34.26
N VAL A 439 -39.30 4.11 35.13
CA VAL A 439 -39.30 3.35 36.41
C VAL A 439 -40.44 3.89 37.28
N ILE A 440 -40.63 5.20 37.28
CA ILE A 440 -41.69 5.90 38.05
C ILE A 440 -43.05 5.53 37.44
N ASP A 441 -43.18 5.60 36.12
CA ASP A 441 -44.46 5.35 35.39
C ASP A 441 -44.94 3.93 35.59
N ARG A 442 -44.02 2.98 35.77
CA ARG A 442 -44.35 1.53 35.89
C ARG A 442 -44.65 1.18 37.36
N GLY A 443 -44.72 2.20 38.22
CA GLY A 443 -45.06 2.08 39.66
C GLY A 443 -44.01 1.33 40.48
N LEU A 444 -42.71 1.45 40.17
CA LEU A 444 -41.65 0.66 40.86
C LEU A 444 -41.10 1.39 42.10
N ILE A 445 -41.40 2.68 42.30
CA ILE A 445 -40.93 3.44 43.49
C ILE A 445 -41.68 2.85 44.69
N GLY A 446 -40.96 2.37 45.69
CA GLY A 446 -41.55 1.85 46.95
C GLY A 446 -40.49 1.50 47.97
N ASP A 447 -40.72 0.47 48.78
CA ASP A 447 -39.78 -0.02 49.80
C ASP A 447 -38.55 -0.62 49.11
N ARG A 448 -38.77 -1.30 47.98
CA ARG A 448 -37.74 -1.99 47.16
C ARG A 448 -36.77 -0.95 46.54
N LEU A 449 -37.20 0.31 46.37
CA LEU A 449 -36.48 1.32 45.55
C LEU A 449 -37.02 2.73 45.82
N SER A 450 -36.29 3.55 46.58
CA SER A 450 -36.65 4.95 46.85
C SER A 450 -36.31 5.80 45.61
N ILE A 451 -36.89 6.98 45.48
CA ILE A 451 -36.54 8.01 44.47
C ILE A 451 -35.03 8.32 44.57
N GLU A 452 -34.46 8.41 45.78
CA GLU A 452 -33.03 8.74 45.99
C GLU A 452 -32.15 7.57 45.57
N ASP A 453 -32.57 6.32 45.81
CA ASP A 453 -31.80 5.11 45.41
C ASP A 453 -31.83 5.03 43.88
N LEU A 454 -32.94 5.45 43.26
CA LEU A 454 -33.11 5.41 41.78
C LEU A 454 -32.11 6.41 41.17
N ASP A 455 -32.01 7.60 41.74
CA ASP A 455 -31.18 8.69 41.17
C ASP A 455 -29.70 8.35 41.34
N ARG A 456 -29.37 7.59 42.37
CA ARG A 456 -27.99 7.08 42.60
C ARG A 456 -27.69 5.98 41.57
N ARG A 457 -28.62 5.04 41.35
CA ARG A 457 -28.38 3.92 40.43
C ARG A 457 -28.31 4.45 38.99
N LEU A 458 -29.02 5.53 38.66
CA LEU A 458 -29.08 6.01 37.24
C LEU A 458 -28.25 7.29 37.06
N ASP A 459 -27.30 7.53 37.93
CA ASP A 459 -26.40 8.70 37.83
C ASP A 459 -25.43 8.45 36.66
N VAL A 460 -25.78 8.95 35.48
CA VAL A 460 -25.00 8.61 34.26
C VAL A 460 -23.61 9.26 34.36
N LEU A 461 -23.46 10.46 34.91
CA LEU A 461 -22.09 11.04 35.02
C LEU A 461 -21.25 10.19 35.94
N ALA A 462 -21.80 9.72 37.05
CA ALA A 462 -21.08 8.77 37.91
C ALA A 462 -20.68 7.49 37.16
N MET A 463 -21.55 6.96 36.28
N MET A 463 -21.55 6.98 36.27
CA MET A 463 -21.25 5.74 35.50
CA MET A 463 -21.25 5.74 35.50
C MET A 463 -20.04 5.98 34.58
C MET A 463 -20.06 5.97 34.56
N ALA A 464 -19.87 7.20 34.09
CA ALA A 464 -18.71 7.57 33.22
C ALA A 464 -17.42 7.61 34.01
N LYS A 465 -17.42 7.68 35.36
CA LYS A 465 -16.19 7.61 36.21
C LYS A 465 -15.14 8.67 35.81
N ALA A 466 -15.55 9.92 35.62
CA ALA A 466 -14.63 11.03 35.25
C ALA A 466 -13.96 11.55 36.54
N GLU A 467 -12.68 11.92 36.46
CA GLU A 467 -11.96 12.67 37.54
C GLU A 467 -12.78 13.95 37.87
N TYR B 10 -19.25 -36.44 18.71
CA TYR B 10 -20.23 -35.32 18.91
C TYR B 10 -20.81 -35.37 20.33
N ARG B 11 -21.24 -34.21 20.83
CA ARG B 11 -22.04 -34.01 22.06
C ARG B 11 -22.87 -32.73 21.87
N ILE B 12 -24.05 -32.66 22.50
CA ILE B 12 -25.01 -31.54 22.22
C ILE B 12 -25.06 -30.59 23.41
N GLU B 13 -25.25 -29.30 23.13
CA GLU B 13 -25.30 -28.21 24.15
C GLU B 13 -26.52 -27.31 23.90
N HIS B 14 -26.86 -26.48 24.88
CA HIS B 14 -28.02 -25.57 24.76
C HIS B 14 -27.59 -24.10 24.96
N ASP B 15 -27.62 -23.31 23.89
CA ASP B 15 -27.35 -21.85 23.86
C ASP B 15 -28.68 -21.16 24.20
N THR B 16 -28.64 -19.85 24.47
CA THR B 16 -29.85 -19.01 24.63
C THR B 16 -30.73 -19.18 23.38
N MET B 17 -30.13 -19.31 22.18
CA MET B 17 -30.87 -19.46 20.90
C MET B 17 -31.50 -20.86 20.81
N GLY B 18 -30.72 -21.92 21.05
CA GLY B 18 -31.23 -23.30 20.91
C GLY B 18 -30.16 -24.36 21.18
N GLU B 19 -30.20 -25.46 20.42
CA GLU B 19 -29.34 -26.66 20.58
C GLU B 19 -28.17 -26.60 19.59
N VAL B 20 -26.96 -26.99 20.03
CA VAL B 20 -25.70 -26.87 19.25
C VAL B 20 -24.89 -28.16 19.36
N ARG B 21 -24.46 -28.72 18.23
CA ARG B 21 -23.62 -29.94 18.23
C ARG B 21 -22.15 -29.53 18.30
N VAL B 22 -21.38 -30.12 19.21
CA VAL B 22 -19.96 -29.74 19.40
C VAL B 22 -19.10 -31.00 19.38
N PRO B 23 -17.92 -31.03 18.73
CA PRO B 23 -17.04 -32.19 18.73
C PRO B 23 -16.78 -32.77 20.14
N ALA B 24 -16.66 -34.10 20.21
CA ALA B 24 -16.54 -34.83 21.50
C ALA B 24 -15.31 -34.33 22.28
N LYS B 25 -14.15 -34.28 21.65
CA LYS B 25 -12.85 -33.91 22.28
C LYS B 25 -12.70 -32.38 22.41
N ALA B 26 -13.74 -31.61 22.12
CA ALA B 26 -13.65 -30.13 22.15
C ALA B 26 -13.83 -29.59 23.57
N LEU B 27 -12.93 -28.72 24.00
CA LEU B 27 -13.04 -28.06 25.31
C LEU B 27 -13.83 -26.76 25.17
N TRP B 28 -14.14 -26.36 23.95
CA TRP B 28 -14.97 -25.14 23.77
C TRP B 28 -16.46 -25.46 23.97
N ARG B 29 -17.30 -24.44 24.09
CA ARG B 29 -18.75 -24.68 24.35
C ARG B 29 -19.62 -24.05 23.25
N ALA B 30 -20.86 -23.72 23.59
CA ALA B 30 -21.86 -23.22 22.62
C ALA B 30 -21.51 -21.89 21.98
N GLN B 31 -20.98 -20.91 22.71
CA GLN B 31 -20.68 -19.62 22.03
C GLN B 31 -19.59 -19.84 20.97
N THR B 32 -18.57 -20.62 21.27
CA THR B 32 -17.50 -20.86 20.28
C THR B 32 -18.07 -21.61 19.07
N GLN B 33 -18.93 -22.59 19.30
CA GLN B 33 -19.50 -23.35 18.16
C GLN B 33 -20.34 -22.42 17.27
N ARG B 34 -21.09 -21.50 17.86
CA ARG B 34 -21.88 -20.51 17.08
C ARG B 34 -20.94 -19.67 16.21
N ALA B 35 -19.83 -19.20 16.78
CA ALA B 35 -18.82 -18.40 16.04
C ALA B 35 -18.20 -19.25 14.93
N VAL B 36 -17.96 -20.55 15.16
CA VAL B 36 -17.45 -21.46 14.11
C VAL B 36 -18.46 -21.45 12.94
N GLU B 37 -19.77 -21.51 13.24
CA GLU B 37 -20.80 -21.62 12.18
C GLU B 37 -21.01 -20.25 11.52
N ASN B 38 -20.78 -19.16 12.24
CA ASN B 38 -21.03 -17.77 11.74
C ASN B 38 -19.91 -17.27 10.81
N PHE B 39 -18.67 -17.69 10.97
CA PHE B 39 -17.55 -17.05 10.24
C PHE B 39 -16.70 -18.07 9.48
N PRO B 40 -17.25 -18.92 8.56
CA PRO B 40 -16.40 -19.79 7.74
C PRO B 40 -15.80 -19.03 6.55
N ILE B 41 -14.76 -18.26 6.83
CA ILE B 41 -14.27 -17.26 5.86
C ILE B 41 -12.90 -17.67 5.37
N SER B 42 -11.91 -17.79 6.25
CA SER B 42 -10.50 -18.05 5.88
C SER B 42 -10.09 -19.48 6.17
N GLY B 43 -10.74 -20.15 7.12
CA GLY B 43 -10.32 -21.49 7.59
C GLY B 43 -9.04 -21.43 8.41
N ARG B 44 -8.64 -20.27 8.92
CA ARG B 44 -7.44 -20.06 9.79
C ARG B 44 -7.94 -19.37 11.08
N GLY B 45 -7.50 -19.83 12.23
CA GLY B 45 -7.84 -19.29 13.54
C GLY B 45 -6.62 -18.67 14.18
N LEU B 46 -6.72 -18.36 15.46
CA LEU B 46 -5.61 -17.73 16.21
C LEU B 46 -4.36 -18.62 16.11
N GLU B 47 -3.24 -17.95 16.13
CA GLU B 47 -1.91 -18.60 16.21
C GLU B 47 -1.55 -18.91 17.66
N ARG B 48 -0.54 -19.74 17.84
CA ARG B 48 -0.12 -20.15 19.19
C ARG B 48 0.26 -18.94 20.03
N THR B 49 0.89 -17.90 19.49
CA THR B 49 1.31 -16.70 20.30
C THR B 49 0.09 -15.96 20.86
N GLN B 50 -0.97 -15.87 20.07
CA GLN B 50 -2.22 -15.24 20.55
C GLN B 50 -2.93 -16.08 21.59
N ILE B 51 -3.00 -17.41 21.38
CA ILE B 51 -3.60 -18.32 22.38
C ILE B 51 -2.83 -18.22 23.69
N ARG B 52 -1.51 -18.27 23.60
CA ARG B 52 -0.64 -18.16 24.80
C ARG B 52 -0.99 -16.88 25.55
N ALA B 53 -1.11 -15.76 24.84
CA ALA B 53 -1.34 -14.46 25.51
C ALA B 53 -2.71 -14.43 26.19
N LEU B 54 -3.73 -14.98 25.53
CA LEU B 54 -5.06 -15.07 26.16
C LEU B 54 -4.99 -15.90 27.45
N GLY B 55 -4.23 -17.01 27.44
CA GLY B 55 -4.04 -17.79 28.68
C GLY B 55 -3.33 -16.97 29.76
N LEU B 56 -2.23 -16.28 29.42
CA LEU B 56 -1.49 -15.44 30.39
C LEU B 56 -2.46 -14.42 31.00
N LEU B 57 -3.21 -13.76 30.13
CA LEU B 57 -4.13 -12.74 30.59
C LEU B 57 -5.17 -13.32 31.56
N LYS B 58 -5.81 -14.40 31.20
CA LYS B 58 -6.90 -14.92 32.07
C LYS B 58 -6.35 -15.38 33.42
N GLY B 59 -5.13 -15.91 33.44
CA GLY B 59 -4.48 -16.32 34.70
C GLY B 59 -4.18 -15.14 35.58
N ALA B 60 -3.73 -14.01 35.00
CA ALA B 60 -3.40 -12.80 35.79
C ALA B 60 -4.69 -12.17 36.34
N CYS B 61 -5.74 -12.12 35.52
CA CYS B 61 -7.05 -11.57 35.94
C CYS B 61 -7.59 -12.37 37.14
N ALA B 62 -7.53 -13.70 37.07
CA ALA B 62 -8.02 -14.57 38.19
C ALA B 62 -7.16 -14.29 39.42
N GLN B 63 -5.85 -14.17 39.29
CA GLN B 63 -4.96 -13.86 40.44
C GLN B 63 -5.38 -12.56 41.11
N VAL B 64 -5.65 -11.52 40.33
CA VAL B 64 -6.02 -10.19 40.89
C VAL B 64 -7.42 -10.28 41.52
N ASN B 65 -8.37 -10.89 40.83
CA ASN B 65 -9.76 -10.97 41.34
C ASN B 65 -9.74 -11.74 42.70
N SER B 66 -8.92 -12.77 42.81
CA SER B 66 -8.68 -13.49 44.10
C SER B 66 -8.08 -12.52 45.11
N ASP B 67 -7.01 -11.82 44.77
CA ASP B 67 -6.31 -10.93 45.73
C ASP B 67 -7.26 -9.86 46.28
N LEU B 68 -8.25 -9.45 45.48
CA LEU B 68 -9.19 -8.37 45.83
C LEU B 68 -10.42 -8.93 46.57
N GLY B 69 -10.49 -10.24 46.75
CA GLY B 69 -11.60 -10.89 47.48
C GLY B 69 -12.86 -10.91 46.65
N LEU B 70 -12.74 -10.89 45.32
CA LEU B 70 -13.94 -10.86 44.44
C LEU B 70 -14.24 -12.25 43.90
N LEU B 71 -13.25 -13.12 43.88
CA LEU B 71 -13.38 -14.46 43.29
C LEU B 71 -12.90 -15.45 44.34
N ALA B 72 -13.67 -16.50 44.59
CA ALA B 72 -13.36 -17.51 45.62
C ALA B 72 -12.05 -18.18 45.24
N PRO B 73 -11.15 -18.44 46.21
CA PRO B 73 -9.83 -19.00 45.94
C PRO B 73 -9.83 -20.32 45.15
N GLU B 74 -10.77 -21.23 45.41
CA GLU B 74 -10.86 -22.54 44.71
C GLU B 74 -11.11 -22.33 43.19
N LYS B 75 -11.98 -21.38 42.88
CA LYS B 75 -12.32 -20.95 41.49
C LYS B 75 -11.10 -20.25 40.88
N ALA B 76 -10.48 -19.31 41.57
CA ALA B 76 -9.27 -18.61 41.07
C ALA B 76 -8.18 -19.64 40.81
N ASP B 77 -8.00 -20.60 41.73
CA ASP B 77 -6.90 -21.59 41.58
C ASP B 77 -7.15 -22.44 40.33
N ALA B 78 -8.40 -22.84 40.06
CA ALA B 78 -8.74 -23.62 38.86
C ALA B 78 -8.52 -22.80 37.58
N ILE B 79 -8.85 -21.50 37.62
CA ILE B 79 -8.62 -20.64 36.41
C ILE B 79 -7.11 -20.54 36.17
N ILE B 80 -6.34 -20.31 37.23
CA ILE B 80 -4.86 -20.16 37.13
C ILE B 80 -4.28 -21.45 36.52
N ALA B 81 -4.69 -22.62 37.03
CA ALA B 81 -4.13 -23.89 36.52
C ALA B 81 -4.47 -24.08 35.04
N ALA B 82 -5.73 -23.83 34.67
CA ALA B 82 -6.20 -23.99 33.29
C ALA B 82 -5.50 -22.96 32.39
N ALA B 83 -5.40 -21.72 32.85
CA ALA B 83 -4.79 -20.66 32.00
C ALA B 83 -3.31 -20.94 31.79
N ALA B 84 -2.60 -21.56 32.77
CA ALA B 84 -1.19 -21.93 32.60
C ALA B 84 -1.06 -23.04 31.57
N GLU B 85 -2.01 -23.97 31.51
CA GLU B 85 -1.97 -25.01 30.46
C GLU B 85 -2.10 -24.37 29.07
N ILE B 86 -3.01 -23.39 28.94
CA ILE B 86 -3.19 -22.68 27.65
C ILE B 86 -1.91 -21.88 27.28
N ALA B 87 -1.33 -21.15 28.23
CA ALA B 87 -0.11 -20.35 27.95
C ALA B 87 1.09 -21.26 27.58
N ASP B 88 1.05 -22.51 28.03
CA ASP B 88 2.13 -23.50 27.80
C ASP B 88 1.93 -24.24 26.47
N GLY B 89 0.91 -23.90 25.67
CA GLY B 89 0.73 -24.50 24.34
C GLY B 89 0.02 -25.85 24.41
N GLN B 90 -0.63 -26.19 25.52
CA GLN B 90 -1.27 -27.53 25.70
C GLN B 90 -2.66 -27.58 25.05
N HIS B 91 -3.18 -26.46 24.57
CA HIS B 91 -4.58 -26.40 24.09
C HIS B 91 -4.67 -25.67 22.74
N ASP B 92 -3.68 -25.74 21.89
CA ASP B 92 -3.62 -24.95 20.63
C ASP B 92 -4.65 -25.48 19.63
N ASP B 93 -5.28 -26.63 19.91
CA ASP B 93 -6.30 -27.23 19.00
C ASP B 93 -7.71 -26.85 19.47
N GLN B 94 -7.84 -26.01 20.51
CA GLN B 94 -9.16 -25.73 21.11
C GLN B 94 -9.67 -24.32 20.74
N PHE B 95 -9.09 -23.68 19.72
CA PHE B 95 -9.43 -22.29 19.30
C PHE B 95 -9.79 -22.27 17.83
N PRO B 96 -11.00 -22.74 17.48
CA PRO B 96 -11.36 -22.98 16.08
C PRO B 96 -11.92 -21.77 15.32
N ILE B 97 -12.11 -20.66 16.02
CA ILE B 97 -12.84 -19.52 15.43
C ILE B 97 -11.94 -18.82 14.39
N ASP B 98 -12.53 -18.48 13.27
CA ASP B 98 -11.87 -17.73 12.18
C ASP B 98 -11.23 -16.46 12.75
N VAL B 99 -10.11 -16.04 12.18
CA VAL B 99 -9.59 -14.65 12.34
C VAL B 99 -10.67 -13.63 12.03
N PHE B 100 -11.42 -13.83 10.94
CA PHE B 100 -12.41 -12.87 10.44
C PHE B 100 -13.70 -13.07 11.22
N GLN B 101 -13.72 -12.50 12.40
CA GLN B 101 -14.78 -12.64 13.42
C GLN B 101 -15.20 -11.22 13.82
N THR B 102 -16.12 -11.11 14.76
CA THR B 102 -16.54 -9.82 15.32
C THR B 102 -15.27 -9.03 15.68
N GLY B 103 -15.25 -7.75 15.35
CA GLY B 103 -14.00 -6.97 15.30
C GLY B 103 -13.43 -6.59 16.61
N SER B 104 -14.09 -6.85 17.73
CA SER B 104 -13.54 -6.64 19.08
C SER B 104 -12.71 -7.85 19.48
N GLY B 105 -12.89 -8.98 18.80
CA GLY B 105 -12.31 -10.24 19.25
C GLY B 105 -13.13 -10.88 20.37
N THR B 106 -14.34 -10.41 20.63
CA THR B 106 -15.18 -11.00 21.70
C THR B 106 -15.33 -12.52 21.47
N SER B 107 -15.46 -13.01 20.24
CA SER B 107 -15.68 -14.46 20.03
C SER B 107 -14.47 -15.22 20.61
N SER B 108 -13.25 -14.78 20.34
CA SER B 108 -12.05 -15.48 20.83
C SER B 108 -11.90 -15.33 22.34
N ASN B 109 -12.27 -14.20 22.90
CA ASN B 109 -12.31 -14.02 24.36
C ASN B 109 -13.23 -15.07 24.98
N MET B 110 -14.44 -15.21 24.44
CA MET B 110 -15.41 -16.22 24.95
C MET B 110 -14.88 -17.64 24.76
N ASN B 111 -14.17 -17.91 23.66
CA ASN B 111 -13.53 -19.22 23.38
C ASN B 111 -12.60 -19.52 24.55
N THR B 112 -11.79 -18.56 24.95
CA THR B 112 -10.85 -18.74 26.06
C THR B 112 -11.61 -19.04 27.37
N ASN B 113 -12.65 -18.28 27.63
CA ASN B 113 -13.44 -18.44 28.87
C ASN B 113 -14.06 -19.85 28.90
N GLU B 114 -14.61 -20.30 27.79
CA GLU B 114 -15.26 -21.64 27.67
C GLU B 114 -14.23 -22.76 27.84
N VAL B 115 -13.07 -22.65 27.23
CA VAL B 115 -12.03 -23.71 27.32
C VAL B 115 -11.53 -23.81 28.76
N ILE B 116 -11.33 -22.67 29.43
CA ILE B 116 -10.89 -22.68 30.84
C ILE B 116 -11.97 -23.33 31.72
N ALA B 117 -13.24 -23.04 31.47
CA ALA B 117 -14.34 -23.65 32.26
C ALA B 117 -14.35 -25.17 32.07
N SER B 118 -14.14 -25.63 30.85
CA SER B 118 -14.10 -27.10 30.57
C SER B 118 -12.88 -27.75 31.23
N ILE B 119 -11.73 -27.10 31.20
CA ILE B 119 -10.53 -27.68 31.86
C ILE B 119 -10.82 -27.78 33.36
N ALA B 120 -11.40 -26.74 33.94
CA ALA B 120 -11.70 -26.71 35.38
C ALA B 120 -12.70 -27.83 35.72
N ALA B 121 -13.68 -28.06 34.85
CA ALA B 121 -14.73 -29.07 35.07
C ALA B 121 -14.12 -30.48 35.19
N LYS B 122 -13.06 -30.78 34.42
CA LYS B 122 -12.36 -32.09 34.46
C LYS B 122 -11.67 -32.32 35.79
N GLY B 123 -11.49 -31.27 36.59
CA GLY B 123 -10.89 -31.34 37.94
C GLY B 123 -11.92 -31.14 39.01
N GLY B 124 -13.21 -31.07 38.66
CA GLY B 124 -14.31 -31.08 39.63
C GLY B 124 -14.73 -29.71 40.08
N VAL B 125 -14.27 -28.63 39.41
CA VAL B 125 -14.63 -27.24 39.79
C VAL B 125 -15.50 -26.64 38.69
N THR B 126 -16.65 -26.10 39.09
CA THR B 126 -17.59 -25.42 38.18
C THR B 126 -17.23 -23.95 38.09
N LEU B 127 -16.89 -23.50 36.88
CA LEU B 127 -16.57 -22.09 36.58
C LEU B 127 -17.59 -21.59 35.57
N HIS B 128 -18.18 -20.43 35.83
CA HIS B 128 -19.07 -19.78 34.85
C HIS B 128 -18.15 -19.00 33.89
N PRO B 129 -18.14 -19.30 32.58
CA PRO B 129 -17.25 -18.62 31.64
C PRO B 129 -17.29 -17.09 31.76
N ASN B 130 -18.49 -16.53 31.79
CA ASN B 130 -18.61 -15.07 31.92
C ASN B 130 -18.47 -14.56 33.36
N ASP B 131 -19.18 -15.13 34.34
CA ASP B 131 -19.20 -14.45 35.67
C ASP B 131 -17.91 -14.69 36.44
N ASP B 132 -17.22 -15.81 36.17
CA ASP B 132 -15.96 -16.15 36.89
C ASP B 132 -14.74 -15.87 36.01
N VAL B 133 -14.66 -16.48 34.84
CA VAL B 133 -13.42 -16.39 34.02
C VAL B 133 -13.32 -14.98 33.41
N ASN B 134 -14.42 -14.31 33.13
CA ASN B 134 -14.43 -12.93 32.55
C ASN B 134 -14.67 -11.88 33.66
N MET B 135 -14.58 -12.23 34.95
CA MET B 135 -14.86 -11.27 36.03
C MET B 135 -13.94 -10.05 35.86
N SER B 136 -14.52 -8.86 36.00
CA SER B 136 -13.84 -7.54 36.03
C SER B 136 -13.40 -7.15 34.62
N GLN B 137 -13.75 -7.93 33.62
CA GLN B 137 -13.28 -7.77 32.22
C GLN B 137 -14.49 -7.49 31.34
N SER B 138 -14.25 -7.07 30.11
CA SER B 138 -15.40 -6.91 29.21
C SER B 138 -15.08 -7.61 27.93
N SER B 139 -16.02 -7.55 27.02
CA SER B 139 -15.84 -8.10 25.68
C SER B 139 -14.86 -7.27 24.81
N ASN B 140 -14.28 -6.09 25.24
CA ASN B 140 -13.54 -5.05 24.43
C ASN B 140 -12.14 -4.67 24.92
N ASP B 141 -11.76 -4.98 26.16
CA ASP B 141 -10.44 -4.61 26.73
C ASP B 141 -9.58 -5.89 26.81
N THR B 142 -10.12 -7.07 26.56
CA THR B 142 -9.40 -8.34 26.75
C THR B 142 -8.62 -8.71 25.48
N PHE B 143 -9.26 -8.83 24.35
CA PHE B 143 -8.56 -9.23 23.11
C PHE B 143 -7.47 -8.24 22.72
N PRO B 144 -7.66 -6.90 22.76
CA PRO B 144 -6.56 -5.99 22.43
C PRO B 144 -5.41 -6.10 23.42
N THR B 145 -5.72 -6.35 24.71
CA THR B 145 -4.66 -6.61 25.71
C THR B 145 -3.85 -7.86 25.30
N ALA B 146 -4.50 -8.96 24.96
CA ALA B 146 -3.78 -10.19 24.59
C ALA B 146 -2.95 -9.93 23.32
N THR B 147 -3.50 -9.16 22.39
CA THR B 147 -2.80 -8.82 21.14
C THR B 147 -1.51 -8.05 21.48
N HIS B 148 -1.57 -7.04 22.30
CA HIS B 148 -0.36 -6.26 22.67
C HIS B 148 0.63 -7.11 23.48
N ILE B 149 0.17 -8.02 24.35
CA ILE B 149 1.09 -8.94 25.06
C ILE B 149 1.83 -9.79 24.03
N ALA B 150 1.10 -10.37 23.09
CA ALA B 150 1.68 -11.26 22.09
C ALA B 150 2.69 -10.48 21.24
N ALA B 151 2.35 -9.27 20.82
CA ALA B 151 3.22 -8.47 19.91
C ALA B 151 4.48 -8.05 20.68
N THR B 152 4.32 -7.67 21.96
CA THR B 152 5.48 -7.22 22.76
C THR B 152 6.41 -8.41 22.95
N GLU B 153 5.85 -9.57 23.31
CA GLU B 153 6.64 -10.82 23.47
C GLU B 153 7.36 -11.12 22.14
N ALA B 154 6.64 -11.02 21.05
CA ALA B 154 7.25 -11.35 19.72
C ALA B 154 8.41 -10.39 19.46
N ALA B 155 8.29 -9.13 19.80
CA ALA B 155 9.33 -8.13 19.53
C ALA B 155 10.57 -8.42 20.38
N VAL B 156 10.37 -8.62 21.69
CA VAL B 156 11.48 -8.60 22.67
C VAL B 156 12.12 -9.96 22.77
N ALA B 157 11.32 -11.01 22.82
CA ALA B 157 11.86 -12.36 23.07
C ALA B 157 12.28 -13.08 21.80
N HIS B 158 11.80 -12.67 20.64
CA HIS B 158 12.01 -13.43 19.40
C HIS B 158 12.66 -12.56 18.33
N LEU B 159 12.04 -11.47 17.93
CA LEU B 159 12.58 -10.74 16.76
C LEU B 159 13.92 -10.06 17.09
N ILE B 160 14.01 -9.35 18.19
CA ILE B 160 15.26 -8.62 18.49
C ILE B 160 16.39 -9.63 18.56
N PRO B 161 16.31 -10.77 19.27
CA PRO B 161 17.45 -11.71 19.25
C PRO B 161 17.75 -12.26 17.85
N ALA B 162 16.74 -12.52 17.02
CA ALA B 162 16.99 -13.02 15.67
C ALA B 162 17.72 -11.93 14.85
N LEU B 163 17.29 -10.68 14.97
CA LEU B 163 17.98 -9.57 14.26
C LEU B 163 19.39 -9.42 14.78
N GLN B 164 19.60 -9.60 16.08
CA GLN B 164 20.96 -9.46 16.63
C GLN B 164 21.83 -10.57 16.03
N GLN B 165 21.28 -11.78 15.85
CA GLN B 165 22.02 -12.89 15.25
C GLN B 165 22.44 -12.51 13.83
N LEU B 166 21.53 -11.93 13.07
CA LEU B 166 21.84 -11.55 11.69
C LEU B 166 22.87 -10.41 11.70
N HIS B 167 22.67 -9.42 12.55
CA HIS B 167 23.63 -8.30 12.68
C HIS B 167 25.03 -8.91 12.93
N ASP B 168 25.16 -9.79 13.91
CA ASP B 168 26.47 -10.37 14.29
C ASP B 168 27.06 -11.13 13.11
N ALA B 169 26.29 -11.84 12.35
CA ALA B 169 26.79 -12.61 11.19
C ALA B 169 27.30 -11.58 10.16
N LEU B 170 26.55 -10.50 9.90
CA LEU B 170 26.99 -9.51 8.89
C LEU B 170 28.25 -8.80 9.36
N ALA B 171 28.32 -8.46 10.63
CA ALA B 171 29.46 -7.72 11.24
C ALA B 171 30.67 -8.66 11.19
N ALA B 172 30.52 -9.97 11.38
CA ALA B 172 31.68 -10.90 11.32
C ALA B 172 32.25 -10.88 9.90
N LYS B 173 31.38 -10.89 8.89
CA LYS B 173 31.85 -10.81 7.49
C LYS B 173 32.53 -9.49 7.24
N ALA B 174 32.04 -8.39 7.79
CA ALA B 174 32.59 -7.03 7.62
C ALA B 174 34.05 -7.09 8.12
N LEU B 175 34.29 -7.79 9.22
CA LEU B 175 35.67 -7.88 9.79
C LEU B 175 36.54 -8.82 8.95
N ASP B 176 36.03 -10.00 8.56
CA ASP B 176 36.76 -11.00 7.76
C ASP B 176 37.14 -10.41 6.42
N TRP B 177 36.35 -9.47 5.88
CA TRP B 177 36.54 -8.94 4.52
C TRP B 177 37.02 -7.50 4.53
N HIS B 178 37.62 -7.08 5.65
CA HIS B 178 38.11 -5.72 5.86
C HIS B 178 39.10 -5.30 4.75
N THR B 179 39.88 -6.20 4.20
CA THR B 179 40.90 -5.85 3.17
C THR B 179 40.50 -6.32 1.77
N VAL B 180 39.26 -6.78 1.58
CA VAL B 180 38.87 -7.37 0.28
C VAL B 180 38.42 -6.24 -0.64
N VAL B 181 39.38 -5.63 -1.34
N VAL B 181 39.38 -5.63 -1.34
CA VAL B 181 39.11 -4.46 -2.22
CA VAL B 181 39.12 -4.46 -2.22
C VAL B 181 38.40 -4.86 -3.53
C VAL B 181 38.42 -4.85 -3.54
N LYS B 182 37.44 -4.02 -3.90
CA LYS B 182 36.64 -4.22 -5.12
C LYS B 182 36.22 -2.85 -5.66
N SER B 183 35.68 -2.85 -6.87
CA SER B 183 35.14 -1.59 -7.40
C SER B 183 33.77 -1.32 -6.76
N GLY B 184 33.52 -0.06 -6.47
CA GLY B 184 32.17 0.34 -6.04
C GLY B 184 31.24 0.40 -7.25
N ARG B 185 29.96 0.40 -6.98
CA ARG B 185 28.96 0.53 -8.07
C ARG B 185 27.94 1.59 -7.65
N THR B 186 27.75 2.59 -8.50
CA THR B 186 26.71 3.61 -8.29
C THR B 186 25.92 3.66 -9.60
N HIS B 187 24.57 3.66 -9.52
CA HIS B 187 23.73 3.62 -10.73
C HIS B 187 23.96 2.32 -11.51
N LEU B 188 24.58 1.31 -10.91
CA LEU B 188 25.01 0.01 -11.52
C LEU B 188 26.25 0.19 -12.37
N MET B 189 26.86 1.35 -12.31
CA MET B 189 28.08 1.65 -13.12
C MET B 189 29.31 1.62 -12.22
N ASP B 190 30.44 1.34 -12.86
CA ASP B 190 31.76 1.27 -12.20
C ASP B 190 31.99 2.57 -11.44
N ALA B 191 32.50 2.44 -10.23
CA ALA B 191 32.85 3.59 -9.37
C ALA B 191 34.21 3.31 -8.68
N VAL B 192 34.62 4.26 -7.84
CA VAL B 192 35.91 4.15 -7.10
C VAL B 192 35.85 3.01 -6.10
N PRO B 193 37.02 2.53 -5.63
CA PRO B 193 37.09 1.36 -4.80
C PRO B 193 36.39 1.45 -3.45
N VAL B 194 35.92 0.28 -3.03
CA VAL B 194 35.40 0.02 -1.67
C VAL B 194 35.95 -1.32 -1.25
N THR B 195 35.68 -1.74 -0.03
CA THR B 195 35.91 -3.14 0.34
C THR B 195 34.57 -3.86 0.54
N LEU B 196 34.60 -5.16 0.35
N LEU B 196 34.57 -5.18 0.33
CA LEU B 196 33.43 -5.99 0.62
CA LEU B 196 33.41 -6.02 0.68
C LEU B 196 33.12 -5.85 2.12
C LEU B 196 33.09 -5.77 2.14
N GLY B 197 34.12 -5.65 2.98
CA GLY B 197 33.88 -5.44 4.42
C GLY B 197 33.10 -4.17 4.65
N GLN B 198 33.42 -3.09 3.96
CA GLN B 198 32.67 -1.81 4.12
C GLN B 198 31.19 -2.00 3.75
N GLU B 199 30.92 -2.69 2.65
CA GLU B 199 29.52 -2.92 2.22
C GLU B 199 28.78 -3.72 3.28
N PHE B 200 29.42 -4.75 3.83
CA PHE B 200 28.81 -5.59 4.89
C PHE B 200 28.62 -4.79 6.19
N SER B 201 29.53 -3.86 6.45
CA SER B 201 29.37 -2.95 7.62
C SER B 201 28.09 -2.14 7.44
N GLY B 202 27.78 -1.74 6.24
CA GLY B 202 26.55 -1.00 5.90
C GLY B 202 25.35 -1.89 6.16
N TYR B 203 25.37 -3.13 5.66
CA TYR B 203 24.27 -4.10 5.90
C TYR B 203 24.07 -4.24 7.41
N ALA B 204 25.18 -4.44 8.14
CA ALA B 204 25.10 -4.60 9.62
C ALA B 204 24.43 -3.39 10.23
N ARG B 205 24.82 -2.18 9.83
CA ARG B 205 24.21 -0.98 10.42
C ARG B 205 22.71 -0.98 10.11
N GLN B 206 22.29 -1.37 8.92
CA GLN B 206 20.84 -1.43 8.61
C GLN B 206 20.14 -2.30 9.64
N ILE B 207 20.67 -3.47 9.96
CA ILE B 207 19.99 -4.38 10.91
C ILE B 207 20.08 -3.79 12.31
N GLU B 208 21.20 -3.20 12.72
CA GLU B 208 21.36 -2.55 14.05
C GLU B 208 20.32 -1.44 14.17
N ALA B 209 20.16 -0.62 13.14
CA ALA B 209 19.12 0.44 13.08
C ALA B 209 17.73 -0.19 13.16
N GLY B 210 17.54 -1.33 12.54
CA GLY B 210 16.26 -2.08 12.65
C GLY B 210 15.93 -2.43 14.09
N ILE B 211 16.92 -2.88 14.84
CA ILE B 211 16.73 -3.19 16.28
C ILE B 211 16.37 -1.89 17.01
N GLU B 212 17.08 -0.79 16.73
CA GLU B 212 16.78 0.51 17.35
C GLU B 212 15.33 0.89 17.05
N ARG B 213 14.86 0.66 15.82
CA ARG B 213 13.46 0.98 15.46
C ARG B 213 12.46 0.18 16.27
N VAL B 214 12.73 -1.10 16.44
CA VAL B 214 11.81 -1.96 17.23
C VAL B 214 11.83 -1.45 18.66
N ARG B 215 13.01 -1.19 19.21
N ARG B 215 13.00 -1.19 19.21
N ARG B 215 13.00 -1.19 19.20
CA ARG B 215 13.10 -0.71 20.62
CA ARG B 215 13.08 -0.71 20.63
CA ARG B 215 13.09 -0.72 20.61
C ARG B 215 12.34 0.61 20.80
C ARG B 215 12.31 0.60 20.79
C ARG B 215 12.34 0.60 20.79
N ALA B 216 12.39 1.49 19.80
CA ALA B 216 11.75 2.80 19.87
C ALA B 216 10.23 2.69 19.92
N CYS B 217 9.65 1.61 19.39
CA CYS B 217 8.17 1.48 19.36
C CYS B 217 7.67 0.84 20.66
N LEU B 218 8.50 0.21 21.45
CA LEU B 218 8.02 -0.61 22.60
C LEU B 218 7.32 0.22 23.66
N PRO B 219 7.66 1.49 23.98
CA PRO B 219 6.90 2.24 24.98
C PRO B 219 5.41 2.31 24.69
N ARG B 220 5.01 2.26 23.42
CA ARG B 220 3.59 2.31 23.07
C ARG B 220 3.09 0.90 22.68
N LEU B 221 3.90 0.04 22.08
CA LEU B 221 3.40 -1.33 21.75
C LEU B 221 3.01 -2.05 23.05
N GLY B 222 3.76 -1.81 24.12
CA GLY B 222 3.56 -2.54 25.38
C GLY B 222 2.40 -2.01 26.20
N GLU B 223 1.69 -0.96 25.78
CA GLU B 223 0.52 -0.41 26.50
C GLU B 223 -0.63 -1.40 26.36
N LEU B 224 -1.24 -1.69 27.52
CA LEU B 224 -2.38 -2.65 27.60
C LEU B 224 -3.67 -1.91 27.98
N ALA B 225 -4.78 -2.33 27.40
CA ALA B 225 -6.12 -1.76 27.67
C ALA B 225 -6.79 -2.33 28.93
N ILE B 226 -6.27 -3.42 29.48
CA ILE B 226 -6.98 -4.16 30.56
C ILE B 226 -7.31 -3.21 31.73
N GLY B 227 -8.56 -3.33 32.20
CA GLY B 227 -9.09 -2.45 33.24
C GLY B 227 -10.02 -1.40 32.69
N GLY B 228 -9.98 -1.14 31.38
CA GLY B 228 -10.84 -0.11 30.78
C GLY B 228 -12.28 -0.57 30.56
N THR B 229 -12.54 -1.88 30.59
CA THR B 229 -13.90 -2.52 30.42
C THR B 229 -14.56 -2.03 29.14
N ALA B 230 -15.86 -1.85 29.05
CA ALA B 230 -16.55 -1.82 27.75
C ALA B 230 -16.17 -0.60 26.91
N VAL B 231 -15.97 0.56 27.53
CA VAL B 231 -15.83 1.84 26.79
C VAL B 231 -14.54 2.57 27.12
N GLY B 232 -13.77 2.09 28.08
CA GLY B 232 -12.53 2.75 28.52
C GLY B 232 -12.65 3.40 29.89
N THR B 233 -13.85 3.48 30.44
CA THR B 233 -14.10 4.17 31.75
C THR B 233 -13.77 3.29 32.97
N GLY B 234 -13.64 1.97 32.79
CA GLY B 234 -13.39 1.04 33.89
C GLY B 234 -14.64 0.72 34.68
N LEU B 235 -15.82 1.16 34.21
CA LEU B 235 -17.06 0.73 34.88
C LEU B 235 -17.10 -0.77 35.01
N ASN B 236 -17.47 -1.25 36.21
CA ASN B 236 -17.64 -2.70 36.52
C ASN B 236 -16.28 -3.39 36.72
N ALA B 237 -15.18 -2.65 36.81
CA ALA B 237 -13.90 -3.24 37.26
C ALA B 237 -13.43 -2.48 38.47
N PRO B 238 -12.55 -3.09 39.28
CA PRO B 238 -11.77 -2.33 40.28
C PRO B 238 -10.98 -1.19 39.65
N ASP B 239 -10.88 -0.04 40.35
CA ASP B 239 -10.18 1.16 39.82
C ASP B 239 -8.72 0.84 39.49
N ASP B 240 -8.09 -0.10 40.19
CA ASP B 240 -6.66 -0.41 39.97
C ASP B 240 -6.52 -1.78 39.31
N PHE B 241 -7.55 -2.26 38.62
CA PHE B 241 -7.46 -3.59 37.98
C PHE B 241 -6.30 -3.63 37.01
N GLY B 242 -6.19 -2.62 36.16
CA GLY B 242 -5.16 -2.60 35.11
C GLY B 242 -3.78 -2.67 35.73
N VAL B 243 -3.47 -1.77 36.66
CA VAL B 243 -2.11 -1.77 37.23
C VAL B 243 -1.85 -3.11 37.94
N ARG B 244 -2.83 -3.70 38.60
CA ARG B 244 -2.60 -4.99 39.29
C ARG B 244 -2.37 -6.12 38.31
N VAL B 245 -3.16 -6.18 37.22
CA VAL B 245 -2.98 -7.24 36.21
C VAL B 245 -1.61 -7.07 35.53
N VAL B 246 -1.28 -5.86 35.12
CA VAL B 246 0.05 -5.56 34.49
C VAL B 246 1.18 -6.00 35.43
N ALA B 247 1.04 -5.75 36.73
CA ALA B 247 2.11 -6.11 37.68
C ALA B 247 2.34 -7.62 37.65
N VAL B 248 1.27 -8.42 37.64
CA VAL B 248 1.34 -9.88 37.63
C VAL B 248 1.96 -10.33 36.30
N LEU B 249 1.50 -9.80 35.17
CA LEU B 249 2.06 -10.19 33.87
C LEU B 249 3.53 -9.90 33.77
N VAL B 250 3.96 -8.74 34.21
CA VAL B 250 5.39 -8.38 34.15
C VAL B 250 6.20 -9.35 35.02
N ALA B 251 5.71 -9.63 36.23
CA ALA B 251 6.46 -10.50 37.14
C ALA B 251 6.58 -11.91 36.57
N GLN B 252 5.50 -12.41 35.97
CA GLN B 252 5.46 -13.81 35.50
C GLN B 252 6.25 -13.96 34.19
N THR B 253 6.19 -13.00 33.29
CA THR B 253 6.74 -13.13 31.92
C THR B 253 8.13 -12.53 31.84
N GLY B 254 8.47 -11.58 32.69
CA GLY B 254 9.70 -10.80 32.60
C GLY B 254 9.65 -9.78 31.46
N LEU B 255 8.47 -9.54 30.86
CA LEU B 255 8.31 -8.52 29.78
C LEU B 255 8.15 -7.16 30.41
N SER B 256 9.29 -6.53 30.69
N SER B 256 9.26 -6.47 30.75
CA SER B 256 9.38 -5.22 31.37
CA SER B 256 9.27 -5.13 31.39
C SER B 256 8.72 -4.09 30.54
C SER B 256 8.55 -4.09 30.53
N GLU B 257 8.46 -4.34 29.23
CA GLU B 257 7.88 -3.32 28.37
C GLU B 257 6.35 -3.20 28.57
N LEU B 258 5.70 -4.18 29.19
CA LEU B 258 4.23 -4.12 29.40
C LEU B 258 3.91 -3.04 30.43
N ARG B 259 2.87 -2.27 30.15
N ARG B 259 2.87 -2.24 30.18
CA ARG B 259 2.52 -1.11 30.98
CA ARG B 259 2.41 -1.21 31.12
C ARG B 259 1.03 -0.91 30.82
C ARG B 259 0.93 -0.89 30.86
N THR B 260 0.42 -0.21 31.76
N THR B 260 0.22 -0.43 31.87
CA THR B 260 -1.00 0.22 31.65
CA THR B 260 -1.12 0.15 31.62
C THR B 260 -1.04 1.40 30.68
C THR B 260 -1.00 1.25 30.57
N ALA B 261 -2.08 1.46 29.84
CA ALA B 261 -2.15 2.54 28.82
C ALA B 261 -2.07 3.91 29.48
N ALA B 262 -1.43 4.86 28.81
CA ALA B 262 -1.38 6.27 29.24
C ALA B 262 -2.80 6.84 29.29
N ASN B 263 -3.65 6.49 28.32
CA ASN B 263 -5.01 6.98 28.25
C ASN B 263 -5.91 5.79 27.89
N SER B 264 -6.88 5.46 28.76
N SER B 264 -6.89 5.50 28.76
CA SER B 264 -7.70 4.23 28.61
CA SER B 264 -7.73 4.29 28.62
C SER B 264 -8.68 4.34 27.44
C SER B 264 -8.60 4.35 27.38
N PHE B 265 -9.01 5.56 26.98
CA PHE B 265 -9.88 5.74 25.80
C PHE B 265 -9.06 5.51 24.52
N GLU B 266 -7.88 6.10 24.43
CA GLU B 266 -6.99 5.89 23.27
C GLU B 266 -6.67 4.39 23.13
N ALA B 267 -6.55 3.65 24.22
CA ALA B 267 -6.11 2.26 24.16
C ALA B 267 -7.22 1.35 23.68
N GLN B 268 -8.45 1.84 23.56
CA GLN B 268 -9.56 0.97 23.08
C GLN B 268 -10.17 1.53 21.79
N ALA B 269 -10.21 2.85 21.65
CA ALA B 269 -10.71 3.53 20.43
C ALA B 269 -9.73 3.33 19.27
N ALA B 270 -8.46 3.09 19.56
CA ALA B 270 -7.45 2.95 18.50
C ALA B 270 -6.50 1.81 18.82
N ARG B 271 -5.80 1.39 17.78
CA ARG B 271 -4.75 0.38 17.85
C ARG B 271 -3.47 0.98 17.26
N ASP B 272 -3.25 2.26 17.53
CA ASP B 272 -2.16 3.02 16.89
C ASP B 272 -0.80 2.42 17.21
N GLY B 273 -0.64 1.79 18.37
CA GLY B 273 0.64 1.14 18.70
C GLY B 273 0.97 0.00 17.75
N LEU B 274 -0.02 -0.73 17.24
CA LEU B 274 0.22 -1.80 16.24
C LEU B 274 0.60 -1.16 14.92
N VAL B 275 -0.04 -0.08 14.55
CA VAL B 275 0.33 0.63 13.29
C VAL B 275 1.77 1.12 13.38
N GLU B 276 2.14 1.69 14.51
CA GLU B 276 3.51 2.19 14.75
C GLU B 276 4.50 1.03 14.64
N ALA B 277 4.27 -0.07 15.32
CA ALA B 277 5.17 -1.24 15.32
C ALA B 277 5.30 -1.80 13.91
N SER B 278 4.19 -1.89 13.18
CA SER B 278 4.23 -2.40 11.80
C SER B 278 5.16 -1.52 10.95
N GLY B 279 5.18 -0.22 11.17
CA GLY B 279 6.11 0.66 10.41
C GLY B 279 7.56 0.25 10.65
N ALA B 280 7.93 -0.07 11.89
CA ALA B 280 9.30 -0.55 12.18
C ALA B 280 9.54 -1.85 11.41
N LEU B 281 8.61 -2.76 11.42
CA LEU B 281 8.79 -4.04 10.71
C LEU B 281 8.92 -3.78 9.21
N ARG B 282 8.13 -2.85 8.69
CA ARG B 282 8.13 -2.53 7.25
C ARG B 282 9.49 -1.93 6.90
N THR B 283 10.07 -1.12 7.77
CA THR B 283 11.41 -0.55 7.54
C THR B 283 12.43 -1.66 7.54
N ILE B 284 12.31 -2.63 8.45
CA ILE B 284 13.24 -3.76 8.44
C ILE B 284 13.09 -4.54 7.13
N ALA B 285 11.88 -4.72 6.64
CA ALA B 285 11.65 -5.42 5.35
C ALA B 285 12.32 -4.69 4.18
N VAL B 286 12.28 -3.36 4.23
CA VAL B 286 12.96 -2.51 3.22
C VAL B 286 14.47 -2.72 3.30
N SER B 287 15.03 -2.75 4.50
CA SER B 287 16.48 -2.98 4.68
C SER B 287 16.83 -4.37 4.17
N LEU B 288 16.11 -5.40 4.60
CA LEU B 288 16.38 -6.79 4.21
C LEU B 288 16.30 -6.93 2.70
N THR B 289 15.40 -6.20 2.05
CA THR B 289 15.29 -6.30 0.58
C THR B 289 16.61 -5.84 -0.07
N LYS B 290 17.14 -4.71 0.36
CA LYS B 290 18.41 -4.18 -0.19
C LYS B 290 19.55 -5.17 0.08
N ILE B 291 19.60 -5.70 1.30
CA ILE B 291 20.72 -6.62 1.67
C ILE B 291 20.64 -7.90 0.84
N ALA B 292 19.46 -8.50 0.81
CA ALA B 292 19.28 -9.78 0.10
C ALA B 292 19.49 -9.59 -1.41
N ASN B 293 18.98 -8.49 -1.98
N ASN B 293 18.99 -8.48 -1.97
CA ASN B 293 19.15 -8.23 -3.44
CA ASN B 293 19.15 -8.23 -3.43
C ASN B 293 20.62 -8.02 -3.78
C ASN B 293 20.63 -8.02 -3.78
N ASP B 294 21.36 -7.31 -2.92
CA ASP B 294 22.80 -7.10 -3.20
C ASP B 294 23.50 -8.48 -3.12
N ILE B 295 23.17 -9.29 -2.14
CA ILE B 295 23.84 -10.60 -1.98
C ILE B 295 23.55 -11.54 -3.16
N ARG B 296 22.31 -11.62 -3.63
CA ARG B 296 22.06 -12.51 -4.79
C ARG B 296 22.76 -11.94 -6.04
N TRP B 297 22.81 -10.63 -6.18
CA TRP B 297 23.57 -10.06 -7.33
C TRP B 297 25.07 -10.36 -7.19
N MET B 298 25.60 -10.26 -5.98
N MET B 298 25.61 -10.26 -5.97
CA MET B 298 27.04 -10.56 -5.79
CA MET B 298 27.05 -10.55 -5.75
C MET B 298 27.34 -12.03 -6.09
C MET B 298 27.33 -12.02 -6.09
N GLY B 299 26.39 -12.93 -5.82
CA GLY B 299 26.59 -14.34 -6.10
C GLY B 299 26.13 -14.76 -7.50
N SER B 300 25.73 -13.81 -8.33
CA SER B 300 25.16 -14.14 -9.65
C SER B 300 26.21 -14.78 -10.58
N GLY B 301 25.69 -15.65 -11.41
CA GLY B 301 26.48 -16.23 -12.53
C GLY B 301 26.48 -17.74 -12.39
N PRO B 302 27.65 -18.40 -12.22
CA PRO B 302 28.90 -17.69 -11.98
C PRO B 302 29.70 -17.35 -13.22
N LEU B 303 29.20 -17.60 -14.43
CA LEU B 303 29.95 -17.22 -15.66
C LEU B 303 29.35 -15.98 -16.29
N THR B 304 28.04 -15.73 -16.19
CA THR B 304 27.38 -14.61 -16.90
C THR B 304 26.95 -13.51 -15.94
N GLY B 305 27.33 -13.62 -14.67
CA GLY B 305 26.95 -12.61 -13.69
C GLY B 305 28.14 -11.87 -13.09
N LEU B 306 27.96 -11.36 -11.88
CA LEU B 306 29.02 -10.60 -11.18
C LEU B 306 30.07 -11.50 -10.53
N ALA B 307 29.65 -12.65 -9.98
CA ALA B 307 30.57 -13.63 -9.38
C ALA B 307 31.52 -13.00 -8.35
N GLU B 308 31.01 -12.14 -7.49
CA GLU B 308 31.84 -11.52 -6.43
C GLU B 308 31.98 -12.44 -5.22
N ILE B 309 30.93 -13.18 -4.92
CA ILE B 309 30.91 -14.10 -3.75
C ILE B 309 30.22 -15.40 -4.15
N GLN B 310 30.40 -16.41 -3.32
CA GLN B 310 29.68 -17.69 -3.46
C GLN B 310 28.81 -17.90 -2.25
N LEU B 311 27.54 -18.22 -2.52
CA LEU B 311 26.58 -18.56 -1.47
C LEU B 311 26.68 -20.05 -1.20
N PRO B 312 26.49 -20.48 0.05
CA PRO B 312 26.37 -21.92 0.35
C PRO B 312 25.23 -22.55 -0.44
N ASP B 313 25.50 -23.73 -0.97
CA ASP B 313 24.51 -24.50 -1.76
C ASP B 313 23.52 -25.12 -0.77
N LEU B 314 22.22 -25.05 -1.02
CA LEU B 314 21.23 -25.53 -0.04
C LEU B 314 20.32 -26.59 -0.66
N GLN B 315 20.12 -26.54 -1.98
CA GLN B 315 19.31 -27.61 -2.63
C GLN B 315 19.56 -27.60 -4.12
N PRO B 316 19.31 -28.70 -4.87
CA PRO B 316 19.35 -28.64 -6.34
C PRO B 316 18.47 -27.56 -6.96
N GLY B 317 18.96 -26.90 -8.01
CA GLY B 317 18.24 -25.75 -8.60
C GLY B 317 17.31 -26.12 -9.75
N SER B 318 17.66 -27.17 -10.52
CA SER B 318 17.06 -27.47 -11.84
C SER B 318 17.36 -28.91 -12.28
N SER B 319 16.38 -29.51 -12.96
CA SER B 319 16.47 -30.85 -13.59
C SER B 319 16.98 -30.69 -15.02
N ILE B 320 16.59 -29.61 -15.70
CA ILE B 320 17.09 -29.32 -17.07
C ILE B 320 18.58 -28.92 -17.05
N MET B 321 18.98 -28.10 -16.09
CA MET B 321 20.40 -27.64 -16.03
C MET B 321 20.90 -28.15 -14.70
N PRO B 322 21.37 -29.54 -14.47
CA PRO B 322 21.68 -30.21 -13.20
C PRO B 322 22.78 -29.57 -12.33
N GLY B 323 23.71 -28.82 -12.86
CA GLY B 323 24.74 -28.21 -11.98
C GLY B 323 24.23 -26.96 -11.24
N LYS B 324 23.07 -26.43 -11.64
CA LYS B 324 22.70 -25.04 -11.31
C LYS B 324 22.15 -24.99 -9.88
N VAL B 325 22.67 -24.07 -9.09
CA VAL B 325 22.21 -23.84 -7.69
C VAL B 325 21.78 -22.37 -7.60
N ASN B 326 20.66 -22.12 -6.97
CA ASN B 326 20.04 -20.77 -6.94
C ASN B 326 20.15 -20.14 -5.54
N PRO B 327 20.08 -18.79 -5.45
CA PRO B 327 20.10 -18.03 -4.18
C PRO B 327 18.76 -18.14 -3.43
N VAL B 328 18.45 -19.32 -2.95
CA VAL B 328 17.10 -19.59 -2.42
C VAL B 328 16.88 -18.79 -1.14
N LEU B 329 17.87 -18.61 -0.27
CA LEU B 329 17.60 -17.84 0.95
C LEU B 329 17.41 -16.36 0.65
N PRO B 330 18.18 -15.66 -0.21
CA PRO B 330 17.76 -14.30 -0.60
C PRO B 330 16.35 -14.27 -1.17
N GLU B 331 15.93 -15.29 -1.89
CA GLU B 331 14.55 -15.29 -2.45
C GLU B 331 13.52 -15.41 -1.34
N ALA B 332 13.76 -16.27 -0.36
CA ALA B 332 12.85 -16.37 0.79
C ALA B 332 12.79 -15.02 1.50
N VAL B 333 13.92 -14.38 1.72
CA VAL B 333 13.96 -13.09 2.44
C VAL B 333 13.14 -12.05 1.65
N THR B 334 13.34 -11.93 0.35
CA THR B 334 12.66 -10.87 -0.42
C THR B 334 11.15 -11.17 -0.51
N GLN B 335 10.76 -12.42 -0.54
CA GLN B 335 9.33 -12.76 -0.53
C GLN B 335 8.74 -12.44 0.86
N VAL B 336 9.42 -12.77 1.95
CA VAL B 336 8.96 -12.37 3.28
C VAL B 336 8.78 -10.86 3.32
N ALA B 337 9.76 -10.10 2.86
CA ALA B 337 9.69 -8.63 2.92
C ALA B 337 8.44 -8.15 2.20
N ALA B 338 8.14 -8.69 1.01
CA ALA B 338 6.91 -8.31 0.27
C ALA B 338 5.68 -8.61 1.14
N GLN B 339 5.66 -9.74 1.85
CA GLN B 339 4.51 -10.09 2.71
C GLN B 339 4.37 -9.07 3.85
N VAL B 340 5.47 -8.68 4.46
CA VAL B 340 5.47 -7.68 5.55
C VAL B 340 4.92 -6.36 5.03
N ILE B 341 5.28 -5.96 3.82
N ILE B 341 5.31 -5.93 3.82
CA ILE B 341 4.79 -4.67 3.27
CA ILE B 341 4.80 -4.68 3.16
C ILE B 341 3.29 -4.77 3.00
C ILE B 341 3.28 -4.80 3.05
N GLY B 342 2.79 -5.92 2.55
CA GLY B 342 1.33 -6.11 2.37
C GLY B 342 0.60 -6.10 3.70
N ASN B 343 1.12 -6.84 4.66
CA ASN B 343 0.55 -6.92 6.01
C ASN B 343 0.49 -5.52 6.59
N ASP B 344 1.54 -4.74 6.40
CA ASP B 344 1.61 -3.38 6.94
C ASP B 344 0.46 -2.52 6.40
N ALA B 345 0.17 -2.65 5.11
CA ALA B 345 -0.93 -1.89 4.50
C ALA B 345 -2.27 -2.33 5.12
N ALA B 346 -2.50 -3.61 5.36
CA ALA B 346 -3.74 -4.10 6.00
C ALA B 346 -3.87 -3.52 7.42
N ILE B 347 -2.76 -3.52 8.14
CA ILE B 347 -2.77 -3.02 9.54
C ILE B 347 -3.16 -1.54 9.57
N ALA B 348 -2.56 -0.70 8.73
CA ALA B 348 -2.84 0.74 8.77
C ALA B 348 -4.30 0.95 8.37
N TRP B 349 -4.81 0.18 7.41
CA TRP B 349 -6.23 0.27 6.98
C TRP B 349 -7.16 0.02 8.16
N GLY B 350 -6.88 -1.05 8.88
CA GLY B 350 -7.74 -1.32 10.05
C GLY B 350 -7.53 -0.27 11.13
N GLY B 351 -6.33 0.21 11.32
CA GLY B 351 -6.04 1.17 12.39
C GLY B 351 -6.81 2.45 12.21
N ALA B 352 -6.99 2.92 10.96
CA ALA B 352 -7.59 4.24 10.69
C ALA B 352 -9.07 4.21 10.95
N ASN B 353 -9.66 3.03 10.89
CA ASN B 353 -11.14 2.88 10.74
C ASN B 353 -11.89 2.54 12.03
N GLY B 354 -11.36 2.97 13.17
CA GLY B 354 -12.09 2.85 14.44
C GLY B 354 -13.22 3.86 14.52
N ALA B 355 -14.19 3.61 15.38
CA ALA B 355 -15.29 4.57 15.53
C ALA B 355 -15.56 4.77 17.02
N PHE B 356 -15.58 6.01 17.47
CA PHE B 356 -15.98 6.29 18.87
C PHE B 356 -15.14 5.50 19.86
N GLU B 357 -15.77 4.70 20.70
CA GLU B 357 -15.07 4.02 21.80
C GLU B 357 -14.34 2.74 21.41
N LEU B 358 -14.47 2.27 20.17
CA LEU B 358 -13.80 0.98 19.89
C LEU B 358 -13.33 0.85 18.43
N ASN B 359 -12.10 0.39 18.26
CA ASN B 359 -11.59 0.02 16.92
C ASN B 359 -11.97 -1.45 16.76
N VAL B 360 -12.74 -1.76 15.73
CA VAL B 360 -13.26 -3.11 15.49
C VAL B 360 -12.58 -3.80 14.30
N TYR B 361 -11.26 -3.66 14.25
CA TYR B 361 -10.41 -4.35 13.26
C TYR B 361 -9.34 -5.20 13.96
N ILE B 362 -9.54 -5.50 15.24
CA ILE B 362 -8.44 -6.06 16.07
C ILE B 362 -8.03 -7.45 15.58
N PRO B 363 -8.94 -8.42 15.30
CA PRO B 363 -8.45 -9.73 14.91
C PRO B 363 -7.62 -9.69 13.63
N MET B 364 -8.03 -8.87 12.66
CA MET B 364 -7.28 -8.77 11.39
C MET B 364 -5.94 -8.06 11.64
N MET B 365 -5.93 -7.01 12.43
CA MET B 365 -4.66 -6.31 12.71
C MET B 365 -3.72 -7.26 13.44
N ALA B 366 -4.23 -8.03 14.40
CA ALA B 366 -3.41 -8.95 15.19
C ALA B 366 -2.85 -10.03 14.29
N ARG B 367 -3.66 -10.59 13.39
CA ARG B 367 -3.13 -11.64 12.51
C ARG B 367 -1.90 -11.09 11.76
N ASN B 368 -2.06 -9.93 11.16
CA ASN B 368 -1.05 -9.35 10.27
C ASN B 368 0.20 -8.96 11.06
N ILE B 369 0.09 -8.29 12.21
N ILE B 369 0.09 -8.33 12.21
CA ILE B 369 1.31 -7.83 12.93
CA ILE B 369 1.36 -7.88 12.85
C ILE B 369 2.04 -9.06 13.46
C ILE B 369 2.06 -9.10 13.43
N LEU B 370 1.34 -10.07 13.99
CA LEU B 370 2.02 -11.23 14.58
C LEU B 370 2.63 -12.08 13.47
N GLU B 371 2.01 -12.15 12.29
CA GLU B 371 2.65 -12.86 11.17
C GLU B 371 3.91 -12.11 10.74
N SER B 372 3.88 -10.81 10.63
CA SER B 372 5.10 -10.06 10.21
C SER B 372 6.23 -10.34 11.22
N PHE B 373 5.94 -10.31 12.52
CA PHE B 373 6.99 -10.65 13.53
C PHE B 373 7.56 -12.04 13.26
N LYS B 374 6.68 -13.02 13.09
CA LYS B 374 7.11 -14.44 12.94
C LYS B 374 7.96 -14.59 11.69
N LEU B 375 7.50 -14.09 10.55
CA LEU B 375 8.22 -14.29 9.27
C LEU B 375 9.59 -13.63 9.40
N LEU B 376 9.67 -12.40 9.91
CA LEU B 376 10.97 -11.69 10.00
C LEU B 376 11.91 -12.43 10.96
N THR B 377 11.41 -12.91 12.09
CA THR B 377 12.21 -13.66 13.07
C THR B 377 12.78 -14.89 12.38
N ASN B 378 11.94 -15.71 11.78
CA ASN B 378 12.39 -17.00 11.27
C ASN B 378 13.31 -16.81 10.09
N VAL B 379 12.98 -15.89 9.19
CA VAL B 379 13.82 -15.76 7.98
C VAL B 379 15.15 -15.10 8.36
N SER B 380 15.17 -14.19 9.32
N SER B 380 15.21 -14.23 9.37
CA SER B 380 16.43 -13.54 9.75
CA SER B 380 16.47 -13.55 9.73
C SER B 380 17.40 -14.63 10.22
C SER B 380 17.46 -14.55 10.33
N ARG B 381 16.95 -15.53 11.09
CA ARG B 381 17.79 -16.60 11.65
C ARG B 381 18.28 -17.47 10.50
N LEU B 382 17.42 -17.92 9.62
CA LEU B 382 17.83 -18.77 8.50
C LEU B 382 18.82 -18.03 7.61
N PHE B 383 18.61 -16.77 7.32
CA PHE B 383 19.51 -16.00 6.44
C PHE B 383 20.89 -15.92 7.10
N ALA B 384 20.94 -15.69 8.41
CA ALA B 384 22.23 -15.56 9.13
C ALA B 384 22.92 -16.90 9.07
N GLN B 385 22.23 -18.00 9.36
CA GLN B 385 22.92 -19.30 9.60
C GLN B 385 23.16 -20.04 8.28
N ARG B 386 22.25 -20.00 7.31
CA ARG B 386 22.28 -20.88 6.14
C ARG B 386 22.79 -20.11 4.92
N CYS B 387 23.07 -18.82 5.04
CA CYS B 387 23.54 -18.00 3.89
C CYS B 387 24.73 -17.15 4.36
N ILE B 388 24.55 -16.17 5.24
CA ILE B 388 25.61 -15.18 5.53
C ILE B 388 26.84 -15.92 6.08
N ALA B 389 26.66 -16.78 7.07
CA ALA B 389 27.82 -17.31 7.80
C ALA B 389 28.75 -18.05 6.83
N GLY B 390 28.23 -18.71 5.80
CA GLY B 390 29.05 -19.52 4.88
C GLY B 390 29.45 -18.82 3.61
N LEU B 391 29.15 -17.52 3.44
CA LEU B 391 29.58 -16.82 2.17
C LEU B 391 31.11 -16.91 2.06
N THR B 392 31.59 -17.02 0.82
CA THR B 392 33.03 -16.87 0.53
C THR B 392 33.21 -15.82 -0.54
N ALA B 393 34.28 -15.06 -0.46
CA ALA B 393 34.57 -13.96 -1.40
C ALA B 393 35.52 -14.44 -2.49
N ASN B 394 35.33 -13.98 -3.71
CA ASN B 394 36.22 -14.22 -4.85
C ASN B 394 37.26 -13.10 -4.86
N VAL B 395 38.20 -13.19 -3.93
CA VAL B 395 39.09 -12.05 -3.59
C VAL B 395 39.89 -11.60 -4.81
N GLU B 396 40.49 -12.52 -5.54
CA GLU B 396 41.42 -12.15 -6.62
C GLU B 396 40.66 -11.58 -7.81
N HIS B 397 39.45 -12.06 -8.07
CA HIS B 397 38.58 -11.47 -9.11
C HIS B 397 38.30 -10.01 -8.74
N LEU B 398 37.88 -9.78 -7.51
CA LEU B 398 37.50 -8.42 -7.07
C LEU B 398 38.69 -7.46 -7.18
N ARG B 399 39.87 -7.91 -6.77
CA ARG B 399 41.06 -7.03 -6.82
C ARG B 399 41.48 -6.77 -8.27
N ARG B 400 41.40 -7.79 -9.11
CA ARG B 400 41.79 -7.61 -10.54
C ARG B 400 40.93 -6.49 -11.14
N LEU B 401 39.62 -6.51 -10.94
CA LEU B 401 38.75 -5.48 -11.48
C LEU B 401 39.10 -4.10 -10.91
N ALA B 402 39.34 -4.00 -9.61
CA ALA B 402 39.69 -2.70 -8.98
C ALA B 402 40.97 -2.17 -9.61
N GLU B 403 41.95 -3.04 -9.82
CA GLU B 403 43.28 -2.61 -10.31
C GLU B 403 43.22 -2.25 -11.81
N SER B 404 42.13 -2.58 -12.51
CA SER B 404 41.91 -2.35 -13.95
C SER B 404 40.93 -1.20 -14.20
N SER B 405 40.49 -0.54 -13.14
CA SER B 405 39.36 0.43 -13.22
C SER B 405 39.88 1.79 -13.68
N PRO B 406 39.25 2.40 -14.72
CA PRO B 406 39.46 3.82 -15.02
C PRO B 406 39.25 4.74 -13.81
N SER B 407 38.42 4.35 -12.84
CA SER B 407 38.08 5.20 -11.67
C SER B 407 39.34 5.48 -10.85
N ILE B 408 40.44 4.70 -10.96
CA ILE B 408 41.55 4.80 -9.97
C ILE B 408 42.67 5.64 -10.53
N VAL B 409 42.46 6.32 -11.67
CA VAL B 409 43.54 7.15 -12.27
C VAL B 409 43.66 8.50 -11.55
N THR B 410 42.63 8.95 -10.84
CA THR B 410 42.60 10.30 -10.21
C THR B 410 43.88 10.55 -9.42
N PRO B 411 44.36 9.62 -8.57
CA PRO B 411 45.57 9.87 -7.78
C PRO B 411 46.87 10.06 -8.56
N LEU B 412 46.81 9.87 -9.89
CA LEU B 412 47.98 10.08 -10.78
C LEU B 412 47.98 11.56 -11.20
N ASN B 413 46.85 12.25 -11.09
CA ASN B 413 46.70 13.63 -11.66
C ASN B 413 47.87 14.54 -11.25
N SER B 414 48.25 14.55 -9.98
CA SER B 414 49.27 15.48 -9.43
C SER B 414 50.66 15.11 -9.97
N ALA B 415 50.85 13.93 -10.57
CA ALA B 415 52.15 13.51 -11.12
C ALA B 415 52.22 13.79 -12.63
N ILE B 416 51.19 13.41 -13.40
CA ILE B 416 51.23 13.34 -14.90
C ILE B 416 50.16 14.25 -15.51
N GLY B 417 49.25 14.80 -14.71
CA GLY B 417 48.14 15.65 -15.17
C GLY B 417 46.90 14.85 -15.53
N TYR B 418 45.74 15.49 -15.38
CA TYR B 418 44.40 14.86 -15.58
C TYR B 418 44.27 14.38 -17.03
N GLU B 419 44.82 15.08 -18.03
CA GLU B 419 44.68 14.65 -19.46
C GLU B 419 45.41 13.33 -19.72
N GLU B 420 46.65 13.18 -19.23
CA GLU B 420 47.43 11.96 -19.47
C GLU B 420 46.80 10.81 -18.65
N ALA B 421 46.26 11.12 -17.48
CA ALA B 421 45.58 10.09 -16.64
C ALA B 421 44.32 9.58 -17.36
N ALA B 422 43.58 10.42 -18.08
CA ALA B 422 42.42 10.02 -18.90
C ALA B 422 42.88 9.12 -20.06
N ALA B 423 44.04 9.40 -20.67
CA ALA B 423 44.60 8.56 -21.74
C ALA B 423 44.98 7.17 -21.21
N VAL B 424 45.53 7.13 -19.99
CA VAL B 424 45.87 5.86 -19.30
C VAL B 424 44.56 5.08 -19.12
N ALA B 425 43.51 5.74 -18.63
CA ALA B 425 42.18 5.11 -18.40
C ALA B 425 41.65 4.54 -19.73
N LYS B 426 41.58 5.36 -20.78
CA LYS B 426 41.09 4.96 -22.13
C LYS B 426 41.85 3.75 -22.66
N GLN B 427 43.18 3.80 -22.63
CA GLN B 427 44.03 2.70 -23.15
C GLN B 427 43.82 1.42 -22.33
N ALA B 428 43.82 1.53 -21.00
CA ALA B 428 43.71 0.36 -20.11
C ALA B 428 42.40 -0.37 -20.43
N LEU B 429 41.30 0.39 -20.52
CA LEU B 429 39.94 -0.14 -20.73
C LEU B 429 39.88 -0.79 -22.12
N LYS B 430 40.42 -0.11 -23.14
CA LYS B 430 40.49 -0.61 -24.55
C LYS B 430 41.27 -1.92 -24.61
N GLU B 431 42.41 -2.00 -23.92
CA GLU B 431 43.38 -3.14 -24.01
C GLU B 431 43.25 -4.14 -22.85
N ARG B 432 42.19 -4.05 -22.04
CA ARG B 432 41.97 -4.99 -20.90
C ARG B 432 43.26 -5.10 -20.06
N LYS B 433 43.88 -3.98 -19.69
CA LYS B 433 45.12 -4.01 -18.86
C LYS B 433 44.85 -3.34 -17.49
N THR B 434 45.68 -3.64 -16.51
CA THR B 434 45.70 -2.87 -15.25
C THR B 434 46.13 -1.43 -15.58
N ILE B 435 45.76 -0.51 -14.72
CA ILE B 435 46.18 0.91 -14.80
C ILE B 435 47.69 0.94 -14.61
N ARG B 436 48.19 0.23 -13.61
CA ARG B 436 49.64 0.14 -13.31
C ARG B 436 50.41 -0.19 -14.60
N GLN B 437 49.99 -1.24 -15.30
CA GLN B 437 50.69 -1.74 -16.51
C GLN B 437 50.54 -0.73 -17.65
N THR B 438 49.37 -0.10 -17.78
CA THR B 438 49.15 0.89 -18.85
C THR B 438 50.08 2.09 -18.63
N VAL B 439 50.24 2.56 -17.38
CA VAL B 439 51.16 3.68 -17.05
C VAL B 439 52.57 3.34 -17.54
N ILE B 440 53.04 2.13 -17.24
CA ILE B 440 54.36 1.61 -17.71
C ILE B 440 54.40 1.64 -19.24
N ASP B 441 53.44 0.99 -19.92
CA ASP B 441 53.40 0.78 -21.39
C ASP B 441 53.34 2.13 -22.15
N ARG B 442 53.16 3.25 -21.46
CA ARG B 442 53.18 4.62 -22.05
C ARG B 442 54.43 5.40 -21.60
N GLY B 443 55.38 4.67 -21.00
CA GLY B 443 56.68 5.16 -20.52
C GLY B 443 56.57 6.42 -19.70
N LEU B 444 55.66 6.47 -18.72
CA LEU B 444 55.49 7.70 -17.88
C LEU B 444 56.35 7.58 -16.62
N ILE B 445 57.00 6.45 -16.45
CA ILE B 445 57.85 6.25 -15.25
C ILE B 445 59.21 6.87 -15.53
N GLY B 446 59.63 7.79 -14.66
CA GLY B 446 60.91 8.48 -14.83
C GLY B 446 61.10 9.55 -13.78
N ASP B 447 61.38 10.76 -14.23
CA ASP B 447 61.63 11.91 -13.32
C ASP B 447 60.40 12.24 -12.48
N ARG B 448 59.24 12.36 -13.12
CA ARG B 448 58.01 12.69 -12.35
C ARG B 448 57.52 11.52 -11.49
N LEU B 449 57.66 10.30 -12.00
CA LEU B 449 57.02 9.16 -11.30
C LEU B 449 57.95 7.95 -11.15
N SER B 450 58.28 7.59 -9.92
CA SER B 450 59.04 6.34 -9.65
C SER B 450 58.06 5.16 -9.63
N ILE B 451 58.57 3.94 -9.71
CA ILE B 451 57.72 2.72 -9.71
C ILE B 451 57.15 2.46 -8.31
N GLU B 452 57.86 2.87 -7.25
CA GLU B 452 57.33 2.73 -5.87
C GLU B 452 56.22 3.77 -5.70
N ASP B 453 56.39 4.91 -6.36
CA ASP B 453 55.47 6.07 -6.30
C ASP B 453 54.15 5.73 -6.99
N LEU B 454 54.24 5.11 -8.15
CA LEU B 454 53.08 4.61 -8.94
C LEU B 454 52.29 3.65 -8.04
N ASP B 455 52.97 2.73 -7.36
CA ASP B 455 52.36 1.66 -6.53
C ASP B 455 51.70 2.29 -5.29
N ARG B 456 52.23 3.40 -4.81
CA ARG B 456 51.62 4.14 -3.68
C ARG B 456 50.36 4.87 -4.15
N ARG B 457 50.40 5.56 -5.28
CA ARG B 457 49.24 6.29 -5.83
C ARG B 457 48.11 5.32 -6.23
N LEU B 458 48.46 4.16 -6.79
CA LEU B 458 47.44 3.18 -7.28
C LEU B 458 47.20 2.09 -6.24
N ASP B 459 47.51 2.33 -4.98
CA ASP B 459 47.15 1.36 -3.89
C ASP B 459 45.63 1.36 -3.72
N VAL B 460 44.95 0.34 -4.24
CA VAL B 460 43.46 0.40 -4.31
C VAL B 460 42.89 0.24 -2.90
N LEU B 461 43.52 -0.55 -2.06
CA LEU B 461 43.02 -0.67 -0.67
C LEU B 461 43.13 0.68 0.05
N ALA B 462 44.21 1.45 -0.10
CA ALA B 462 44.30 2.78 0.52
C ALA B 462 43.24 3.71 -0.04
N MET B 463 42.89 3.59 -1.33
N MET B 463 42.89 3.53 -1.32
CA MET B 463 41.83 4.45 -1.94
CA MET B 463 41.87 4.36 -2.01
C MET B 463 40.47 4.14 -1.29
C MET B 463 40.47 4.10 -1.44
N ALA B 464 40.23 2.90 -0.89
CA ALA B 464 38.98 2.54 -0.19
C ALA B 464 38.92 3.20 1.17
N LYS B 465 40.05 3.67 1.71
CA LYS B 465 40.13 4.42 3.01
C LYS B 465 39.54 3.58 4.15
N ALA B 466 39.91 2.32 4.25
CA ALA B 466 39.40 1.45 5.34
C ALA B 466 39.96 1.93 6.69
N GLU B 467 39.21 1.83 7.79
CA GLU B 467 39.68 2.33 9.12
C GLU B 467 40.88 1.50 9.61
N TYR C 10 13.31 -43.00 10.11
CA TYR C 10 13.76 -42.30 8.89
C TYR C 10 14.28 -43.30 7.86
N ARG C 11 14.35 -42.88 6.60
CA ARG C 11 14.94 -43.69 5.50
C ARG C 11 15.87 -42.79 4.68
N ILE C 12 16.71 -43.39 3.84
CA ILE C 12 17.68 -42.59 3.04
C ILE C 12 17.17 -42.42 1.60
N GLU C 13 17.14 -41.17 1.14
CA GLU C 13 16.79 -40.81 -0.26
C GLU C 13 17.93 -39.98 -0.83
N HIS C 14 17.98 -39.77 -2.14
CA HIS C 14 19.12 -38.93 -2.61
C HIS C 14 18.74 -38.08 -3.82
N ASP C 15 19.56 -37.06 -4.04
CA ASP C 15 19.43 -36.13 -5.19
C ASP C 15 20.85 -35.82 -5.68
N THR C 16 20.97 -34.90 -6.63
CA THR C 16 22.28 -34.53 -7.23
C THR C 16 23.25 -34.00 -6.16
N MET C 17 22.76 -33.55 -4.99
N MET C 17 22.75 -33.53 -5.01
CA MET C 17 23.62 -33.00 -3.91
CA MET C 17 23.60 -32.99 -3.90
C MET C 17 23.93 -34.07 -2.87
C MET C 17 23.99 -34.10 -2.93
N GLY C 18 23.38 -35.28 -3.01
CA GLY C 18 23.77 -36.44 -2.18
C GLY C 18 22.61 -37.02 -1.39
N GLU C 19 22.87 -37.43 -0.14
CA GLU C 19 21.99 -38.30 0.68
C GLU C 19 21.24 -37.44 1.71
N VAL C 20 19.99 -37.80 2.00
CA VAL C 20 19.05 -37.00 2.86
C VAL C 20 18.21 -37.97 3.67
N ARG C 21 18.08 -37.72 4.97
CA ARG C 21 17.21 -38.54 5.85
C ARG C 21 15.78 -38.05 5.70
N VAL C 22 14.85 -38.95 5.41
CA VAL C 22 13.42 -38.61 5.19
C VAL C 22 12.57 -39.43 6.13
N PRO C 23 11.48 -38.89 6.72
CA PRO C 23 10.55 -39.66 7.58
C PRO C 23 10.16 -40.97 6.88
N ALA C 24 10.33 -42.07 7.62
CA ALA C 24 10.19 -43.45 7.12
C ALA C 24 8.96 -43.57 6.22
N LYS C 25 7.80 -43.05 6.62
CA LYS C 25 6.58 -43.30 5.83
C LYS C 25 6.19 -42.14 4.89
N ALA C 26 6.86 -41.00 4.96
CA ALA C 26 6.50 -39.89 4.02
C ALA C 26 6.58 -40.31 2.54
N LEU C 27 5.66 -39.80 1.73
CA LEU C 27 5.61 -40.08 0.27
C LEU C 27 6.51 -39.11 -0.49
N TRP C 28 6.99 -38.06 0.17
CA TRP C 28 7.94 -37.13 -0.47
C TRP C 28 9.35 -37.70 -0.35
N ARG C 29 10.30 -37.16 -1.11
CA ARG C 29 11.68 -37.70 -1.13
C ARG C 29 12.73 -36.65 -0.75
N ALA C 30 13.94 -36.79 -1.27
CA ALA C 30 15.09 -35.95 -0.87
C ALA C 30 14.89 -34.45 -1.14
N GLN C 31 14.41 -34.06 -2.32
CA GLN C 31 14.32 -32.60 -2.58
C GLN C 31 13.29 -31.95 -1.65
N THR C 32 12.16 -32.61 -1.43
CA THR C 32 11.13 -32.04 -0.55
C THR C 32 11.69 -31.92 0.86
N GLN C 33 12.39 -32.94 1.32
CA GLN C 33 12.95 -32.90 2.70
C GLN C 33 13.97 -31.77 2.83
N ARG C 34 14.80 -31.56 1.82
CA ARG C 34 15.75 -30.42 1.92
C ARG C 34 14.96 -29.12 2.08
N ALA C 35 13.86 -28.99 1.35
CA ALA C 35 13.04 -27.77 1.39
C ALA C 35 12.36 -27.65 2.77
N VAL C 36 11.92 -28.74 3.38
CA VAL C 36 11.38 -28.71 4.77
C VAL C 36 12.42 -28.06 5.69
N GLU C 37 13.70 -28.45 5.58
CA GLU C 37 14.74 -27.90 6.46
C GLU C 37 15.21 -26.51 6.09
N ASN C 38 15.16 -26.12 4.81
CA ASN C 38 15.67 -24.82 4.34
C ASN C 38 14.66 -23.71 4.64
N PHE C 39 13.33 -23.99 4.67
CA PHE C 39 12.35 -22.89 4.72
C PHE C 39 11.36 -22.96 5.88
N PRO C 40 11.74 -23.25 7.14
CA PRO C 40 10.77 -23.21 8.24
C PRO C 40 10.47 -21.76 8.65
N ILE C 41 9.61 -21.11 7.88
CA ILE C 41 9.40 -19.64 7.98
C ILE C 41 7.99 -19.32 8.52
N SER C 42 6.94 -19.72 7.80
CA SER C 42 5.54 -19.36 8.10
C SER C 42 4.84 -20.54 8.79
N GLY C 43 5.33 -21.75 8.58
CA GLY C 43 4.65 -22.96 9.06
C GLY C 43 3.41 -23.25 8.28
N ARG C 44 3.14 -22.58 7.16
CA ARG C 44 1.99 -22.90 6.30
C ARG C 44 2.53 -23.27 4.91
N GLY C 45 1.89 -24.25 4.31
CA GLY C 45 2.22 -24.73 2.96
C GLY C 45 1.13 -24.40 1.99
N LEU C 46 1.15 -25.09 0.86
N LEU C 46 1.15 -25.09 0.86
CA LEU C 46 0.20 -24.85 -0.22
CA LEU C 46 0.23 -24.86 -0.26
C LEU C 46 -1.22 -25.14 0.27
C LEU C 46 -1.20 -25.18 0.20
N GLU C 47 -2.15 -24.40 -0.30
CA GLU C 47 -3.60 -24.62 -0.03
C GLU C 47 -4.13 -25.76 -0.91
N ARG C 48 -5.31 -26.26 -0.53
CA ARG C 48 -6.02 -27.32 -1.26
C ARG C 48 -6.11 -26.97 -2.75
N THR C 49 -6.49 -25.75 -3.12
CA THR C 49 -6.66 -25.31 -4.53
C THR C 49 -5.34 -25.44 -5.29
N GLN C 50 -4.23 -25.18 -4.60
CA GLN C 50 -2.92 -25.17 -5.28
C GLN C 50 -2.48 -26.60 -5.55
N ILE C 51 -2.70 -27.46 -4.58
CA ILE C 51 -2.33 -28.91 -4.65
C ILE C 51 -3.21 -29.54 -5.76
N ARG C 52 -4.49 -29.18 -5.80
CA ARG C 52 -5.44 -29.63 -6.88
C ARG C 52 -4.86 -29.23 -8.22
N ALA C 53 -4.46 -27.98 -8.39
CA ALA C 53 -3.98 -27.51 -9.71
C ALA C 53 -2.70 -28.26 -10.09
N LEU C 54 -1.77 -28.48 -9.17
CA LEU C 54 -0.51 -29.19 -9.52
C LEU C 54 -0.85 -30.64 -9.96
N GLY C 55 -1.79 -31.28 -9.30
CA GLY C 55 -2.23 -32.64 -9.67
C GLY C 55 -2.86 -32.63 -11.05
N LEU C 56 -3.80 -31.72 -11.32
CA LEU C 56 -4.41 -31.56 -12.66
C LEU C 56 -3.30 -31.41 -13.69
N LEU C 57 -2.32 -30.53 -13.44
CA LEU C 57 -1.31 -30.24 -14.46
C LEU C 57 -0.42 -31.46 -14.72
N LYS C 58 -0.01 -32.16 -13.68
CA LYS C 58 0.89 -33.33 -13.84
C LYS C 58 0.17 -34.42 -14.65
N GLY C 59 -1.12 -34.61 -14.41
CA GLY C 59 -1.93 -35.59 -15.14
C GLY C 59 -2.02 -35.19 -16.59
N ALA C 60 -2.31 -33.92 -16.88
CA ALA C 60 -2.40 -33.42 -18.27
C ALA C 60 -1.06 -33.58 -18.99
N CYS C 61 0.08 -33.24 -18.35
CA CYS C 61 1.41 -33.36 -18.97
C CYS C 61 1.66 -34.83 -19.35
N ALA C 62 1.35 -35.75 -18.46
CA ALA C 62 1.61 -37.20 -18.71
C ALA C 62 0.72 -37.69 -19.87
N GLN C 63 -0.53 -37.24 -19.97
CA GLN C 63 -1.43 -37.56 -21.10
C GLN C 63 -0.78 -37.11 -22.41
N VAL C 64 -0.31 -35.86 -22.47
CA VAL C 64 0.30 -35.32 -23.71
C VAL C 64 1.61 -36.05 -24.01
N ASN C 65 2.45 -36.35 -23.02
CA ASN C 65 3.72 -37.06 -23.27
C ASN C 65 3.38 -38.45 -23.84
N SER C 66 2.33 -39.07 -23.33
CA SER C 66 1.84 -40.39 -23.80
C SER C 66 1.34 -40.27 -25.24
N ASP C 67 0.50 -39.28 -25.54
CA ASP C 67 -0.12 -39.04 -26.87
C ASP C 67 0.98 -38.81 -27.92
N LEU C 68 2.08 -38.16 -27.55
CA LEU C 68 3.20 -37.87 -28.49
C LEU C 68 4.20 -39.03 -28.53
N GLY C 69 3.97 -40.11 -27.81
CA GLY C 69 4.82 -41.30 -27.88
C GLY C 69 6.13 -41.09 -27.15
N LEU C 70 6.21 -40.14 -26.20
CA LEU C 70 7.49 -39.83 -25.52
C LEU C 70 7.58 -40.59 -24.21
N LEU C 71 6.46 -41.01 -23.67
CA LEU C 71 6.40 -41.64 -22.32
C LEU C 71 5.61 -42.92 -22.50
N ALA C 72 6.10 -44.01 -21.95
CA ALA C 72 5.47 -45.33 -22.04
C ALA C 72 4.06 -45.24 -21.46
N PRO C 73 3.04 -45.79 -22.18
CA PRO C 73 1.66 -45.81 -21.70
C PRO C 73 1.48 -46.28 -20.26
N GLU C 74 2.23 -47.30 -19.85
CA GLU C 74 2.14 -47.86 -18.47
C GLU C 74 2.55 -46.77 -17.47
N LYS C 75 3.60 -45.99 -17.77
CA LYS C 75 4.12 -44.93 -16.88
C LYS C 75 3.13 -43.77 -16.88
N ALA C 76 2.65 -43.35 -18.06
CA ALA C 76 1.60 -42.30 -18.17
C ALA C 76 0.37 -42.67 -17.34
N ASP C 77 -0.14 -43.90 -17.46
CA ASP C 77 -1.33 -44.34 -16.69
C ASP C 77 -1.08 -44.17 -15.18
N ALA C 78 0.09 -44.58 -14.72
CA ALA C 78 0.49 -44.60 -13.30
C ALA C 78 0.58 -43.14 -12.78
N ILE C 79 1.14 -42.25 -13.59
CA ILE C 79 1.22 -40.80 -13.26
C ILE C 79 -0.22 -40.25 -13.20
N ILE C 80 -1.01 -40.50 -14.23
CA ILE C 80 -2.40 -39.97 -14.31
C ILE C 80 -3.19 -40.44 -13.08
N ALA C 81 -3.10 -41.72 -12.70
CA ALA C 81 -3.86 -42.21 -11.52
C ALA C 81 -3.35 -41.53 -10.23
N ALA C 82 -2.05 -41.42 -10.05
CA ALA C 82 -1.48 -40.84 -8.80
C ALA C 82 -1.85 -39.35 -8.77
N ALA C 83 -1.78 -38.68 -9.93
CA ALA C 83 -2.07 -37.23 -10.06
C ALA C 83 -3.53 -37.02 -9.72
N ALA C 84 -4.41 -37.97 -10.09
CA ALA C 84 -5.84 -37.91 -9.73
C ALA C 84 -6.02 -38.02 -8.21
N GLU C 85 -5.30 -38.88 -7.49
CA GLU C 85 -5.41 -38.99 -6.02
C GLU C 85 -4.97 -37.67 -5.37
N ILE C 86 -3.91 -37.07 -5.92
CA ILE C 86 -3.41 -35.76 -5.41
C ILE C 86 -4.49 -34.70 -5.65
N ALA C 87 -5.01 -34.59 -6.88
CA ALA C 87 -6.03 -33.56 -7.23
C ALA C 87 -7.28 -33.69 -6.34
N ASP C 88 -7.66 -34.90 -5.98
CA ASP C 88 -8.86 -35.22 -5.16
C ASP C 88 -8.63 -34.88 -3.68
N GLY C 89 -7.39 -34.64 -3.22
CA GLY C 89 -7.09 -34.25 -1.82
C GLY C 89 -6.78 -35.40 -0.89
N GLN C 90 -6.37 -36.56 -1.41
CA GLN C 90 -5.99 -37.74 -0.59
C GLN C 90 -4.59 -37.60 0.00
N HIS C 91 -3.73 -36.69 -0.50
CA HIS C 91 -2.32 -36.67 -0.08
C HIS C 91 -1.90 -35.27 0.38
N ASP C 92 -2.83 -34.44 0.82
CA ASP C 92 -2.47 -33.03 1.16
C ASP C 92 -1.40 -33.01 2.26
N ASP C 93 -1.44 -33.96 3.20
CA ASP C 93 -0.44 -34.08 4.28
C ASP C 93 0.94 -34.46 3.72
N GLN C 94 1.08 -34.72 2.42
CA GLN C 94 2.39 -35.05 1.82
C GLN C 94 2.98 -33.81 1.14
N PHE C 95 2.40 -32.61 1.36
CA PHE C 95 2.94 -31.31 0.82
C PHE C 95 3.35 -30.40 1.98
N PRO C 96 4.51 -30.67 2.63
CA PRO C 96 4.92 -29.99 3.86
C PRO C 96 5.67 -28.68 3.64
N ILE C 97 5.97 -28.33 2.39
CA ILE C 97 6.93 -27.22 2.08
C ILE C 97 6.23 -25.88 2.38
N ASP C 98 7.00 -24.97 2.99
CA ASP C 98 6.54 -23.58 3.23
C ASP C 98 6.21 -22.83 1.94
N VAL C 99 5.23 -21.93 2.04
CA VAL C 99 4.97 -20.92 1.00
C VAL C 99 6.28 -20.18 0.70
N PHE C 100 7.06 -19.83 1.72
CA PHE C 100 8.24 -18.97 1.54
C PHE C 100 9.42 -19.86 1.17
N GLN C 101 9.35 -20.40 -0.03
CA GLN C 101 10.37 -21.31 -0.61
C GLN C 101 11.06 -20.63 -1.79
N THR C 102 11.88 -21.35 -2.51
N THR C 102 11.88 -21.37 -2.52
CA THR C 102 12.50 -20.80 -3.73
CA THR C 102 12.52 -20.81 -3.73
C THR C 102 11.45 -20.16 -4.59
C THR C 102 11.39 -20.10 -4.50
N GLY C 103 11.75 -19.02 -5.18
CA GLY C 103 10.77 -18.11 -5.77
C GLY C 103 10.15 -18.61 -7.04
N SER C 104 10.69 -19.67 -7.64
CA SER C 104 10.08 -20.30 -8.85
C SER C 104 9.04 -21.33 -8.49
N GLY C 105 8.96 -21.73 -7.24
CA GLY C 105 8.13 -22.87 -6.82
C GLY C 105 8.76 -24.21 -7.18
N THR C 106 10.04 -24.23 -7.55
N THR C 106 10.04 -24.29 -7.48
CA THR C 106 10.87 -25.49 -7.70
CA THR C 106 10.63 -25.60 -7.82
C THR C 106 10.44 -26.54 -6.67
C THR C 106 10.54 -26.61 -6.65
N SER C 107 10.53 -26.17 -5.39
CA SER C 107 10.42 -27.13 -4.27
C SER C 107 9.02 -27.79 -4.34
N SER C 108 7.95 -27.03 -4.54
CA SER C 108 6.59 -27.62 -4.59
C SER C 108 6.42 -28.42 -5.88
N ASN C 109 7.06 -28.04 -6.98
CA ASN C 109 7.01 -28.85 -8.22
C ASN C 109 7.67 -30.20 -7.89
N MET C 110 8.84 -30.19 -7.27
CA MET C 110 9.56 -31.47 -6.98
C MET C 110 8.72 -32.27 -5.98
N ASN C 111 8.00 -31.62 -5.06
CA ASN C 111 7.16 -32.30 -4.05
C ASN C 111 6.10 -33.11 -4.82
N THR C 112 5.49 -32.51 -5.83
CA THR C 112 4.41 -33.17 -6.61
C THR C 112 5.04 -34.37 -7.36
N ASN C 113 6.21 -34.17 -7.96
CA ASN C 113 6.91 -35.23 -8.73
C ASN C 113 7.26 -36.41 -7.81
N GLU C 114 7.83 -36.13 -6.65
CA GLU C 114 8.26 -37.19 -5.69
C GLU C 114 7.05 -37.94 -5.14
N VAL C 115 6.00 -37.22 -4.77
CA VAL C 115 4.79 -37.89 -4.21
C VAL C 115 4.18 -38.79 -5.29
N ILE C 116 4.12 -38.32 -6.54
CA ILE C 116 3.56 -39.15 -7.64
C ILE C 116 4.44 -40.40 -7.80
N ALA C 117 5.75 -40.26 -7.74
CA ALA C 117 6.65 -41.42 -7.90
C ALA C 117 6.41 -42.43 -6.78
N SER C 118 6.30 -41.96 -5.54
CA SER C 118 6.09 -42.86 -4.37
C SER C 118 4.72 -43.54 -4.49
N ILE C 119 3.70 -42.83 -4.91
CA ILE C 119 2.36 -43.46 -5.07
C ILE C 119 2.47 -44.54 -6.15
N ALA C 120 3.10 -44.20 -7.28
CA ALA C 120 3.20 -45.17 -8.40
C ALA C 120 3.93 -46.44 -7.90
N ALA C 121 4.96 -46.31 -7.05
CA ALA C 121 5.78 -47.43 -6.51
C ALA C 121 4.90 -48.39 -5.70
N LYS C 122 3.97 -47.88 -4.88
CA LYS C 122 2.99 -48.71 -4.13
C LYS C 122 2.26 -49.62 -5.12
N GLY C 123 1.98 -49.13 -6.33
CA GLY C 123 1.26 -49.88 -7.38
C GLY C 123 2.22 -50.66 -8.25
N GLY C 124 3.49 -50.74 -7.87
CA GLY C 124 4.50 -51.57 -8.55
C GLY C 124 5.00 -50.98 -9.86
N VAL C 125 4.87 -49.65 -10.08
CA VAL C 125 5.41 -49.01 -11.33
C VAL C 125 6.55 -48.08 -10.92
N THR C 126 7.75 -48.24 -11.49
CA THR C 126 8.91 -47.37 -11.21
C THR C 126 8.84 -46.14 -12.12
N LEU C 127 8.72 -44.95 -11.51
CA LEU C 127 8.74 -43.62 -12.19
C LEU C 127 9.90 -42.82 -11.61
N HIS C 128 10.64 -42.15 -12.47
CA HIS C 128 11.68 -41.23 -11.99
C HIS C 128 10.97 -39.88 -11.82
N PRO C 129 11.05 -39.21 -10.68
CA PRO C 129 10.36 -37.92 -10.48
C PRO C 129 10.69 -36.85 -11.53
N ASN C 130 11.94 -36.81 -11.98
N ASN C 130 11.94 -36.81 -11.98
CA ASN C 130 12.35 -35.79 -12.97
CA ASN C 130 12.31 -35.80 -12.98
C ASN C 130 12.26 -36.29 -14.42
C ASN C 130 12.24 -36.31 -14.43
N ASP C 131 12.70 -37.52 -14.69
CA ASP C 131 12.75 -37.98 -16.10
C ASP C 131 11.34 -38.33 -16.61
N ASP C 132 10.47 -38.83 -15.73
CA ASP C 132 9.12 -39.27 -16.12
C ASP C 132 8.04 -38.23 -15.69
N VAL C 133 7.97 -37.91 -14.42
CA VAL C 133 6.84 -37.09 -13.93
C VAL C 133 7.03 -35.65 -14.39
N ASN C 134 8.28 -35.22 -14.54
CA ASN C 134 8.65 -33.85 -14.99
C ASN C 134 9.03 -33.83 -16.47
N MET C 135 8.71 -34.89 -17.22
CA MET C 135 9.08 -34.93 -18.66
C MET C 135 8.43 -33.77 -19.42
N SER C 136 9.23 -33.07 -20.24
CA SER C 136 8.89 -31.90 -21.10
C SER C 136 8.58 -30.66 -20.26
N GLN C 137 8.97 -30.63 -18.98
CA GLN C 137 8.57 -29.52 -18.09
C GLN C 137 9.78 -28.94 -17.36
N SER C 138 9.58 -27.76 -16.81
CA SER C 138 10.51 -27.04 -15.91
C SER C 138 9.69 -26.54 -14.70
N SER C 139 10.31 -26.14 -13.59
CA SER C 139 9.53 -25.47 -12.51
C SER C 139 9.03 -24.11 -13.00
N ASN C 140 9.84 -23.47 -13.83
CA ASN C 140 9.62 -22.11 -14.36
C ASN C 140 8.31 -22.02 -15.14
N ASP C 141 7.87 -23.11 -15.80
CA ASP C 141 6.59 -23.06 -16.53
C ASP C 141 5.48 -23.80 -15.75
N THR C 142 5.82 -24.77 -14.93
CA THR C 142 4.78 -25.56 -14.23
C THR C 142 4.18 -24.83 -13.03
N PHE C 143 5.00 -24.30 -12.14
CA PHE C 143 4.45 -23.63 -10.93
C PHE C 143 3.61 -22.41 -11.31
N PRO C 144 4.02 -21.48 -12.21
CA PRO C 144 3.12 -20.40 -12.60
C PRO C 144 1.89 -20.93 -13.35
N THR C 145 2.00 -22.02 -14.10
CA THR C 145 0.81 -22.58 -14.76
C THR C 145 -0.19 -23.06 -13.71
N ALA C 146 0.24 -23.83 -12.74
CA ALA C 146 -0.62 -24.29 -11.63
C ALA C 146 -1.27 -23.10 -10.90
N THR C 147 -0.50 -22.03 -10.71
CA THR C 147 -1.00 -20.83 -10.00
C THR C 147 -2.12 -20.16 -10.81
N HIS C 148 -1.94 -20.05 -12.12
CA HIS C 148 -2.94 -19.39 -12.99
C HIS C 148 -4.15 -20.31 -13.18
N ILE C 149 -3.97 -21.61 -13.15
CA ILE C 149 -5.13 -22.54 -13.17
C ILE C 149 -5.96 -22.27 -11.91
N ALA C 150 -5.35 -22.29 -10.74
CA ALA C 150 -6.02 -22.16 -9.45
C ALA C 150 -6.71 -20.80 -9.43
N ALA C 151 -6.05 -19.73 -9.91
CA ALA C 151 -6.63 -18.35 -9.86
C ALA C 151 -7.81 -18.23 -10.83
N THR C 152 -7.69 -18.78 -12.04
CA THR C 152 -8.76 -18.75 -13.03
C THR C 152 -9.95 -19.53 -12.48
N GLU C 153 -9.72 -20.69 -11.93
CA GLU C 153 -10.84 -21.46 -11.36
C GLU C 153 -11.49 -20.70 -10.20
N ALA C 154 -10.69 -20.08 -9.34
CA ALA C 154 -11.26 -19.32 -8.22
C ALA C 154 -12.11 -18.17 -8.78
N ALA C 155 -11.69 -17.51 -9.83
CA ALA C 155 -12.44 -16.37 -10.38
C ALA C 155 -13.77 -16.85 -10.99
N VAL C 156 -13.70 -17.89 -11.82
CA VAL C 156 -14.85 -18.28 -12.66
C VAL C 156 -15.81 -19.14 -11.86
N ALA C 157 -15.35 -20.16 -11.15
CA ALA C 157 -16.21 -21.16 -10.50
C ALA C 157 -16.67 -20.71 -9.12
N HIS C 158 -15.95 -19.79 -8.48
CA HIS C 158 -16.23 -19.48 -7.05
C HIS C 158 -16.56 -18.01 -6.85
N LEU C 159 -15.68 -17.07 -7.23
CA LEU C 159 -15.94 -15.66 -6.87
C LEU C 159 -17.09 -15.09 -7.69
N ILE C 160 -17.13 -15.28 -9.02
CA ILE C 160 -18.21 -14.63 -9.82
C ILE C 160 -19.56 -15.15 -9.31
N PRO C 161 -19.80 -16.46 -9.13
CA PRO C 161 -21.08 -16.87 -8.55
C PRO C 161 -21.39 -16.31 -7.17
N ALA C 162 -20.39 -16.14 -6.30
CA ALA C 162 -20.62 -15.58 -4.96
C ALA C 162 -21.02 -14.11 -5.13
N LEU C 163 -20.32 -13.39 -5.96
CA LEU C 163 -20.69 -11.97 -6.21
C LEU C 163 -22.08 -11.89 -6.83
N GLN C 164 -22.41 -12.84 -7.73
CA GLN C 164 -23.77 -12.77 -8.31
C GLN C 164 -24.82 -13.01 -7.21
N GLN C 165 -24.62 -13.90 -6.30
CA GLN C 165 -25.54 -14.09 -5.16
C GLN C 165 -25.68 -12.79 -4.35
N LEU C 166 -24.57 -12.12 -4.05
CA LEU C 166 -24.64 -10.84 -3.31
C LEU C 166 -25.35 -9.77 -4.15
N HIS C 167 -25.05 -9.65 -5.44
CA HIS C 167 -25.74 -8.71 -6.34
C HIS C 167 -27.27 -8.96 -6.22
N ASP C 168 -27.67 -10.20 -6.36
CA ASP C 168 -29.12 -10.54 -6.43
C ASP C 168 -29.76 -10.18 -5.09
N ALA C 169 -29.08 -10.37 -3.95
CA ALA C 169 -29.67 -10.09 -2.63
C ALA C 169 -29.84 -8.58 -2.52
N LEU C 170 -28.85 -7.81 -2.97
CA LEU C 170 -28.91 -6.33 -2.96
C LEU C 170 -30.01 -5.83 -3.90
N ALA C 171 -30.12 -6.41 -5.07
CA ALA C 171 -31.10 -5.98 -6.08
C ALA C 171 -32.50 -6.36 -5.57
N ALA C 172 -32.65 -7.43 -4.79
CA ALA C 172 -33.97 -7.84 -4.24
C ALA C 172 -34.43 -6.78 -3.25
N LYS C 173 -33.51 -6.28 -2.41
N LYS C 173 -33.50 -6.31 -2.41
CA LYS C 173 -33.82 -5.15 -1.50
CA LYS C 173 -33.80 -5.23 -1.45
C LYS C 173 -34.15 -3.89 -2.26
C LYS C 173 -34.07 -3.91 -2.19
N ALA C 174 -33.39 -3.61 -3.31
CA ALA C 174 -33.63 -2.41 -4.13
C ALA C 174 -35.10 -2.41 -4.58
N LEU C 175 -35.64 -3.59 -4.93
N LEU C 175 -35.64 -3.58 -4.95
CA LEU C 175 -37.04 -3.70 -5.42
CA LEU C 175 -37.05 -3.66 -5.43
C LEU C 175 -37.98 -3.62 -4.21
C LEU C 175 -37.99 -3.61 -4.22
N ASP C 176 -37.73 -4.40 -3.17
CA ASP C 176 -38.58 -4.46 -1.95
C ASP C 176 -38.73 -3.08 -1.32
N TRP C 177 -37.67 -2.26 -1.37
CA TRP C 177 -37.61 -0.96 -0.70
C TRP C 177 -37.73 0.21 -1.67
N HIS C 178 -38.30 -0.03 -2.85
CA HIS C 178 -38.37 0.99 -3.94
C HIS C 178 -39.12 2.25 -3.47
N THR C 179 -40.07 2.14 -2.55
CA THR C 179 -40.86 3.33 -2.12
C THR C 179 -40.52 3.74 -0.69
N VAL C 180 -39.47 3.17 -0.09
CA VAL C 180 -39.11 3.43 1.33
C VAL C 180 -38.31 4.73 1.33
N VAL C 181 -39.04 5.83 1.31
CA VAL C 181 -38.44 7.18 1.25
C VAL C 181 -37.72 7.51 2.56
N LYS C 182 -36.62 8.21 2.43
CA LYS C 182 -35.80 8.59 3.60
C LYS C 182 -34.94 9.78 3.22
N SER C 183 -34.38 10.42 4.24
N SER C 183 -34.38 10.42 4.24
CA SER C 183 -33.48 11.57 3.99
CA SER C 183 -33.48 11.55 3.99
C SER C 183 -32.23 11.07 3.27
C SER C 183 -32.22 11.07 3.27
N GLY C 184 -31.75 11.90 2.35
CA GLY C 184 -30.48 11.63 1.69
C GLY C 184 -29.39 12.20 2.62
N ARG C 185 -28.17 11.72 2.48
CA ARG C 185 -27.06 12.27 3.31
C ARG C 185 -25.87 12.52 2.41
N THR C 186 -25.37 13.74 2.44
CA THR C 186 -24.14 14.11 1.70
C THR C 186 -23.26 14.81 2.73
N HIS C 187 -21.97 14.44 2.76
CA HIS C 187 -21.02 14.99 3.76
C HIS C 187 -21.42 14.60 5.18
N LEU C 188 -22.29 13.60 5.31
CA LEU C 188 -22.93 13.14 6.58
C LEU C 188 -24.07 14.08 6.98
N MET C 189 -24.38 15.08 6.18
CA MET C 189 -25.42 16.08 6.51
C MET C 189 -26.69 15.77 5.75
N ASP C 190 -27.79 16.16 6.37
CA ASP C 190 -29.11 15.90 5.77
C ASP C 190 -29.20 16.55 4.38
N ALA C 191 -29.76 15.81 3.46
CA ALA C 191 -29.94 16.23 2.07
C ALA C 191 -31.34 15.83 1.58
N VAL C 192 -31.59 16.20 0.34
CA VAL C 192 -32.93 15.93 -0.26
C VAL C 192 -33.22 14.43 -0.29
N PRO C 193 -34.50 14.01 -0.35
CA PRO C 193 -34.87 12.62 -0.20
C PRO C 193 -34.33 11.66 -1.29
N VAL C 194 -34.16 10.44 -0.84
CA VAL C 194 -33.86 9.25 -1.67
C VAL C 194 -34.75 8.12 -1.17
N THR C 195 -34.71 6.96 -1.76
CA THR C 195 -35.30 5.78 -1.14
C THR C 195 -34.21 4.78 -0.73
N LEU C 196 -34.48 3.96 0.26
CA LEU C 196 -33.56 2.86 0.58
C LEU C 196 -33.36 2.02 -0.68
N GLY C 197 -34.38 1.84 -1.51
CA GLY C 197 -34.27 1.04 -2.73
C GLY C 197 -33.23 1.61 -3.66
N GLN C 198 -33.22 2.93 -3.81
CA GLN C 198 -32.25 3.61 -4.70
C GLN C 198 -30.84 3.37 -4.17
N GLU C 199 -30.64 3.50 -2.87
CA GLU C 199 -29.30 3.29 -2.27
C GLU C 199 -28.86 1.85 -2.54
N PHE C 200 -29.78 0.90 -2.38
CA PHE C 200 -29.45 -0.53 -2.61
C PHE C 200 -29.19 -0.81 -4.10
N SER C 201 -29.86 -0.07 -4.99
CA SER C 201 -29.61 -0.21 -6.45
C SER C 201 -28.18 0.23 -6.71
N GLY C 202 -27.70 1.25 -6.01
CA GLY C 202 -26.29 1.67 -6.13
C GLY C 202 -25.34 0.57 -5.60
N TYR C 203 -25.60 -0.01 -4.47
CA TYR C 203 -24.75 -1.11 -3.94
C TYR C 203 -24.77 -2.27 -4.94
N ALA C 204 -25.93 -2.66 -5.48
CA ALA C 204 -26.04 -3.71 -6.48
C ALA C 204 -25.20 -3.34 -7.70
N ARG C 205 -25.22 -2.13 -8.18
CA ARG C 205 -24.39 -1.73 -9.34
C ARG C 205 -22.91 -1.93 -8.98
N GLN C 206 -22.48 -1.56 -7.77
CA GLN C 206 -21.05 -1.73 -7.40
C GLN C 206 -20.68 -3.20 -7.53
N ILE C 207 -21.52 -4.13 -7.12
CA ILE C 207 -21.18 -5.56 -7.19
C ILE C 207 -21.26 -6.05 -8.64
N GLU C 208 -22.22 -5.63 -9.42
CA GLU C 208 -22.28 -5.98 -10.88
C GLU C 208 -21.03 -5.45 -11.59
N ALA C 209 -20.60 -4.26 -11.27
CA ALA C 209 -19.35 -3.71 -11.83
C ALA C 209 -18.16 -4.54 -11.37
N GLY C 210 -18.16 -5.03 -10.15
CA GLY C 210 -17.12 -5.94 -9.64
C GLY C 210 -17.03 -7.19 -10.51
N ILE C 211 -18.17 -7.78 -10.84
CA ILE C 211 -18.22 -8.97 -11.71
C ILE C 211 -17.63 -8.58 -13.09
N GLU C 212 -18.00 -7.42 -13.63
CA GLU C 212 -17.47 -6.94 -14.93
C GLU C 212 -15.95 -6.82 -14.84
N ARG C 213 -15.43 -6.32 -13.71
CA ARG C 213 -13.99 -6.13 -13.50
C ARG C 213 -13.27 -7.48 -13.50
N VAL C 214 -13.82 -8.46 -12.85
CA VAL C 214 -13.21 -9.81 -12.79
C VAL C 214 -13.26 -10.37 -14.20
N ARG C 215 -14.41 -10.34 -14.85
CA ARG C 215 -14.50 -10.90 -16.24
CA ARG C 215 -14.52 -10.87 -16.24
C ARG C 215 -13.48 -10.22 -17.16
N ALA C 216 -13.24 -8.90 -17.04
CA ALA C 216 -12.33 -8.13 -17.92
C ALA C 216 -10.87 -8.61 -17.76
N CYS C 217 -10.49 -9.18 -16.62
CA CYS C 217 -9.10 -9.60 -16.38
C CYS C 217 -8.88 -11.03 -16.92
N LEU C 218 -9.92 -11.82 -17.19
CA LEU C 218 -9.79 -13.27 -17.50
C LEU C 218 -8.98 -13.51 -18.77
N PRO C 219 -9.00 -12.70 -19.84
CA PRO C 219 -8.18 -12.98 -21.02
C PRO C 219 -6.68 -13.08 -20.70
N ARG C 220 -6.24 -12.38 -19.67
CA ARG C 220 -4.81 -12.43 -19.24
C ARG C 220 -4.64 -13.32 -18.02
N LEU C 221 -5.57 -13.40 -17.08
CA LEU C 221 -5.38 -14.26 -15.90
C LEU C 221 -5.30 -15.73 -16.35
N GLY C 222 -6.08 -16.10 -17.39
CA GLY C 222 -6.12 -17.49 -17.85
C GLY C 222 -4.94 -17.91 -18.72
N GLU C 223 -4.00 -17.02 -19.03
CA GLU C 223 -2.80 -17.39 -19.82
C GLU C 223 -1.87 -18.28 -19.00
N LEU C 224 -1.48 -19.38 -19.60
CA LEU C 224 -0.63 -20.39 -18.96
C LEU C 224 0.74 -20.42 -19.63
N ALA C 225 1.77 -20.55 -18.82
CA ALA C 225 3.19 -20.63 -19.28
C ALA C 225 3.57 -22.02 -19.81
N ILE C 226 2.79 -23.06 -19.54
CA ILE C 226 3.18 -24.46 -19.89
C ILE C 226 3.71 -24.59 -21.32
N GLY C 227 4.86 -25.24 -21.47
CA GLY C 227 5.55 -25.43 -22.75
C GLY C 227 6.73 -24.50 -22.94
N GLY C 228 6.86 -23.45 -22.14
CA GLY C 228 8.00 -22.51 -22.24
C GLY C 228 9.27 -23.07 -21.62
N THR C 229 9.16 -24.06 -20.78
CA THR C 229 10.31 -24.71 -20.09
C THR C 229 11.18 -23.73 -19.29
N ALA C 230 12.49 -23.90 -19.33
CA ALA C 230 13.37 -23.14 -18.41
C ALA C 230 13.36 -21.62 -18.58
N VAL C 231 13.42 -21.13 -19.82
CA VAL C 231 13.56 -19.67 -20.04
C VAL C 231 12.48 -19.09 -20.96
N GLY C 232 11.50 -19.88 -21.37
CA GLY C 232 10.45 -19.40 -22.29
C GLY C 232 10.63 -19.86 -23.74
N THR C 233 11.78 -20.45 -24.06
CA THR C 233 12.10 -20.89 -25.45
C THR C 233 11.45 -22.22 -25.80
N GLY C 234 11.02 -23.00 -24.82
CA GLY C 234 10.43 -24.31 -25.13
C GLY C 234 11.49 -25.37 -25.34
N LEU C 235 12.75 -25.08 -25.02
CA LEU C 235 13.81 -26.11 -25.16
C LEU C 235 13.49 -27.29 -24.23
N ASN C 236 13.67 -28.52 -24.74
CA ASN C 236 13.42 -29.80 -24.02
C ASN C 236 11.93 -30.12 -23.98
N ALA C 237 11.10 -29.42 -24.75
CA ALA C 237 9.68 -29.80 -24.83
C ALA C 237 9.25 -29.84 -26.29
N PRO C 238 8.23 -30.63 -26.65
CA PRO C 238 7.66 -30.57 -27.99
C PRO C 238 7.14 -29.16 -28.31
N ASP C 239 7.25 -28.76 -29.57
CA ASP C 239 6.86 -27.40 -30.02
C ASP C 239 5.38 -27.16 -29.73
N ASP C 240 4.55 -28.20 -29.69
CA ASP C 240 3.10 -27.99 -29.45
C ASP C 240 2.70 -28.44 -28.04
N PHE C 241 3.66 -28.51 -27.10
CA PHE C 241 3.33 -29.07 -25.77
C PHE C 241 2.26 -28.22 -25.10
N GLY C 242 2.46 -26.91 -25.09
CA GLY C 242 1.55 -25.97 -24.41
C GLY C 242 0.14 -26.06 -24.95
N VAL C 243 -0.02 -26.02 -26.27
N VAL C 243 -0.01 -25.98 -26.27
CA VAL C 243 -1.37 -26.05 -26.89
CA VAL C 243 -1.33 -26.11 -26.98
C VAL C 243 -2.01 -27.40 -26.55
C VAL C 243 -1.98 -27.39 -26.50
N ARG C 244 -1.28 -28.53 -26.59
CA ARG C 244 -1.86 -29.84 -26.24
C ARG C 244 -2.26 -29.89 -24.76
N VAL C 245 -1.38 -29.41 -23.85
CA VAL C 245 -1.66 -29.52 -22.40
C VAL C 245 -2.85 -28.61 -22.10
N VAL C 246 -2.90 -27.44 -22.70
CA VAL C 246 -4.02 -26.50 -22.39
C VAL C 246 -5.32 -27.20 -22.84
N ALA C 247 -5.32 -27.88 -23.99
CA ALA C 247 -6.56 -28.52 -24.48
C ALA C 247 -7.01 -29.58 -23.50
N VAL C 248 -6.10 -30.36 -22.93
CA VAL C 248 -6.45 -31.38 -21.93
C VAL C 248 -7.06 -30.66 -20.71
N LEU C 249 -6.42 -29.60 -20.23
CA LEU C 249 -6.93 -28.88 -19.00
C LEU C 249 -8.33 -28.32 -19.25
N VAL C 250 -8.57 -27.75 -20.42
CA VAL C 250 -9.88 -27.15 -20.73
C VAL C 250 -10.95 -28.28 -20.72
N ALA C 251 -10.61 -29.44 -21.30
CA ALA C 251 -11.53 -30.59 -21.38
C ALA C 251 -11.85 -31.07 -19.98
N GLN C 252 -10.83 -31.16 -19.13
CA GLN C 252 -11.01 -31.76 -17.78
C GLN C 252 -11.68 -30.82 -16.80
N THR C 253 -11.42 -29.54 -16.91
CA THR C 253 -11.92 -28.56 -15.93
C THR C 253 -13.19 -27.90 -16.44
N GLY C 254 -13.38 -27.81 -17.74
CA GLY C 254 -14.46 -27.01 -18.34
C GLY C 254 -14.18 -25.52 -18.32
N LEU C 255 -12.95 -25.09 -17.93
CA LEU C 255 -12.57 -23.67 -17.89
C LEU C 255 -12.06 -23.30 -19.27
N SER C 256 -12.93 -22.75 -20.09
CA SER C 256 -12.58 -22.27 -21.44
C SER C 256 -11.68 -21.04 -21.38
N GLU C 257 -11.56 -20.41 -20.21
CA GLU C 257 -10.74 -19.19 -20.05
C GLU C 257 -9.25 -19.59 -20.02
N LEU C 258 -8.91 -20.85 -19.78
CA LEU C 258 -7.49 -21.27 -19.80
C LEU C 258 -6.99 -21.22 -21.24
N ARG C 259 -5.82 -20.64 -21.45
CA ARG C 259 -5.30 -20.45 -22.81
C ARG C 259 -3.78 -20.43 -22.78
N THR C 260 -3.14 -20.75 -23.90
N THR C 260 -3.17 -20.67 -23.94
CA THR C 260 -1.67 -20.59 -24.06
CA THR C 260 -1.70 -20.59 -24.04
C THR C 260 -1.31 -19.10 -24.00
C THR C 260 -1.32 -19.11 -23.98
N ALA C 261 -0.17 -18.80 -23.38
CA ALA C 261 0.30 -17.41 -23.25
C ALA C 261 0.47 -16.79 -24.62
N ALA C 262 0.14 -15.52 -24.77
CA ALA C 262 0.39 -14.79 -26.02
C ALA C 262 1.89 -14.72 -26.31
N ASN C 263 2.70 -14.59 -25.26
CA ASN C 263 4.17 -14.45 -25.45
C ASN C 263 4.82 -15.28 -24.35
N SER C 264 5.61 -16.30 -24.72
CA SER C 264 6.15 -17.28 -23.75
C SER C 264 7.19 -16.67 -22.81
N PHE C 265 7.80 -15.57 -23.19
CA PHE C 265 8.85 -14.89 -22.37
C PHE C 265 8.11 -14.04 -21.31
N GLU C 266 7.11 -13.28 -21.73
CA GLU C 266 6.29 -12.47 -20.78
C GLU C 266 5.67 -13.38 -19.72
N ALA C 267 5.24 -14.57 -20.12
CA ALA C 267 4.51 -15.47 -19.20
C ALA C 267 5.42 -16.06 -18.11
N GLN C 268 6.74 -15.93 -18.24
CA GLN C 268 7.65 -16.49 -17.22
C GLN C 268 8.47 -15.39 -16.57
N ALA C 269 8.80 -14.34 -17.32
CA ALA C 269 9.57 -13.20 -16.79
C ALA C 269 8.70 -12.32 -15.88
N ALA C 270 7.39 -12.42 -16.02
CA ALA C 270 6.47 -11.58 -15.22
C ALA C 270 5.25 -12.38 -14.79
N ARG C 271 4.57 -11.88 -13.76
CA ARG C 271 3.31 -12.42 -13.29
C ARG C 271 2.29 -11.26 -13.34
N ASP C 272 2.31 -10.46 -14.39
CA ASP C 272 1.52 -9.23 -14.48
C ASP C 272 0.02 -9.57 -14.45
N GLY C 273 -0.38 -10.73 -14.92
CA GLY C 273 -1.79 -11.16 -14.89
C GLY C 273 -2.30 -11.31 -13.46
N LEU C 274 -1.44 -11.68 -12.52
CA LEU C 274 -1.86 -11.78 -11.11
C LEU C 274 -2.02 -10.37 -10.54
N VAL C 275 -1.10 -9.50 -10.90
CA VAL C 275 -1.15 -8.09 -10.45
C VAL C 275 -2.47 -7.47 -10.95
N GLU C 276 -2.76 -7.69 -12.23
CA GLU C 276 -3.99 -7.16 -12.85
C GLU C 276 -5.21 -7.70 -12.12
N ALA C 277 -5.30 -8.99 -11.91
CA ALA C 277 -6.43 -9.64 -11.22
C ALA C 277 -6.57 -9.11 -9.79
N SER C 278 -5.47 -8.91 -9.08
CA SER C 278 -5.55 -8.40 -7.69
C SER C 278 -6.16 -7.02 -7.71
N GLY C 279 -5.88 -6.19 -8.71
CA GLY C 279 -6.52 -4.86 -8.82
C GLY C 279 -8.04 -4.96 -8.88
N ALA C 280 -8.57 -5.92 -9.62
CA ALA C 280 -10.04 -6.16 -9.66
C ALA C 280 -10.49 -6.51 -8.25
N LEU C 281 -9.83 -7.41 -7.58
CA LEU C 281 -10.21 -7.86 -6.21
C LEU C 281 -10.15 -6.67 -5.23
N ARG C 282 -9.14 -5.83 -5.35
CA ARG C 282 -8.94 -4.63 -4.50
C ARG C 282 -10.08 -3.66 -4.73
N THR C 283 -10.53 -3.50 -5.96
CA THR C 283 -11.66 -2.61 -6.30
C THR C 283 -12.91 -3.17 -5.64
N ILE C 284 -13.12 -4.50 -5.73
CA ILE C 284 -14.28 -5.13 -5.03
C ILE C 284 -14.20 -4.87 -3.53
N ALA C 285 -13.00 -4.97 -2.95
CA ALA C 285 -12.81 -4.75 -1.51
C ALA C 285 -13.24 -3.28 -1.21
N VAL C 286 -12.86 -2.34 -2.08
CA VAL C 286 -13.23 -0.91 -1.91
C VAL C 286 -14.75 -0.77 -1.97
N SER C 287 -15.41 -1.39 -2.94
CA SER C 287 -16.89 -1.35 -3.03
C SER C 287 -17.52 -1.96 -1.77
N LEU C 288 -17.06 -3.14 -1.35
CA LEU C 288 -17.63 -3.83 -0.19
C LEU C 288 -17.45 -2.99 1.07
N THR C 289 -16.38 -2.22 1.15
CA THR C 289 -16.17 -1.39 2.36
C THR C 289 -17.27 -0.34 2.42
N LYS C 290 -17.56 0.30 1.31
CA LYS C 290 -18.62 1.34 1.30
C LYS C 290 -19.98 0.72 1.62
N ILE C 291 -20.30 -0.43 1.02
CA ILE C 291 -21.62 -1.08 1.26
C ILE C 291 -21.72 -1.49 2.73
N ALA C 292 -20.71 -2.16 3.24
CA ALA C 292 -20.78 -2.66 4.61
C ALA C 292 -20.82 -1.49 5.62
N ASN C 293 -20.04 -0.44 5.39
N ASN C 293 -20.04 -0.44 5.38
CA ASN C 293 -20.01 0.71 6.32
CA ASN C 293 -20.01 0.70 6.32
C ASN C 293 -21.37 1.43 6.33
C ASN C 293 -21.37 1.42 6.33
N ASP C 294 -22.00 1.57 5.16
CA ASP C 294 -23.32 2.23 5.12
C ASP C 294 -24.33 1.37 5.90
N ILE C 295 -24.29 0.06 5.70
CA ILE C 295 -25.26 -0.84 6.38
C ILE C 295 -25.07 -0.81 7.89
N ARG C 296 -23.82 -0.84 8.37
CA ARG C 296 -23.69 -0.82 9.84
C ARG C 296 -24.13 0.55 10.39
N TRP C 297 -23.88 1.62 9.67
CA TRP C 297 -24.35 2.95 10.15
C TRP C 297 -25.88 2.99 10.11
N MET C 298 -26.48 2.41 9.08
N MET C 298 -26.47 2.40 9.09
CA MET C 298 -27.96 2.40 9.02
CA MET C 298 -27.95 2.42 9.05
C MET C 298 -28.51 1.69 10.25
C MET C 298 -28.53 1.68 10.27
N GLY C 299 -27.89 0.57 10.64
CA GLY C 299 -28.35 -0.23 11.78
C GLY C 299 -27.94 0.30 13.14
N SER C 300 -27.23 1.42 13.20
CA SER C 300 -26.68 1.92 14.45
C SER C 300 -27.78 2.33 15.43
N GLY C 301 -27.56 2.13 16.72
CA GLY C 301 -28.52 2.58 17.74
C GLY C 301 -28.61 1.58 18.87
N PRO C 302 -29.78 1.25 19.46
CA PRO C 302 -31.09 1.60 18.91
C PRO C 302 -31.64 2.97 19.30
N LEU C 303 -30.94 3.74 20.14
CA LEU C 303 -31.42 5.06 20.58
C LEU C 303 -30.57 6.16 19.99
N THR C 304 -29.25 6.05 20.04
CA THR C 304 -28.45 7.28 19.79
C THR C 304 -27.87 7.28 18.36
N GLY C 305 -28.14 6.26 17.56
CA GLY C 305 -27.62 6.16 16.19
C GLY C 305 -28.65 6.53 15.13
N LEU C 306 -28.39 6.13 13.89
CA LEU C 306 -29.32 6.45 12.79
C LEU C 306 -30.63 5.68 12.90
N ALA C 307 -30.57 4.41 13.30
CA ALA C 307 -31.76 3.55 13.49
C ALA C 307 -32.65 3.50 12.24
N GLU C 308 -32.06 3.41 11.07
CA GLU C 308 -32.80 3.31 9.80
C GLU C 308 -33.28 1.88 9.56
N ILE C 309 -32.44 0.90 9.90
CA ILE C 309 -32.75 -0.53 9.67
C ILE C 309 -32.32 -1.35 10.87
N GLN C 310 -32.78 -2.59 10.91
CA GLN C 310 -32.33 -3.59 11.89
C GLN C 310 -31.62 -4.73 11.13
N LEU C 311 -30.41 -5.06 11.58
CA LEU C 311 -29.66 -6.23 11.05
C LEU C 311 -30.14 -7.47 11.78
N PRO C 312 -30.13 -8.63 11.09
CA PRO C 312 -30.43 -9.90 11.77
C PRO C 312 -29.38 -10.25 12.82
N ASP C 313 -29.86 -10.83 13.91
CA ASP C 313 -29.09 -11.10 15.15
C ASP C 313 -28.37 -12.41 14.99
N LEU C 314 -27.03 -12.38 15.01
CA LEU C 314 -26.18 -13.60 14.96
C LEU C 314 -25.54 -13.78 16.34
N LYS C 324 -30.27 -3.85 18.68
CA LYS C 324 -29.15 -4.07 19.64
C LYS C 324 -28.16 -5.14 19.12
N VAL C 325 -28.43 -5.73 17.96
CA VAL C 325 -27.47 -6.66 17.33
C VAL C 325 -26.15 -5.88 17.02
N ASN C 326 -24.96 -6.38 17.33
CA ASN C 326 -23.69 -5.86 16.74
C ASN C 326 -23.64 -6.23 15.27
N PRO C 327 -23.13 -5.32 14.41
CA PRO C 327 -23.04 -5.54 12.96
C PRO C 327 -21.83 -6.44 12.67
N VAL C 328 -21.93 -7.69 13.06
CA VAL C 328 -20.76 -8.59 13.00
C VAL C 328 -20.42 -8.91 11.54
N LEU C 329 -21.38 -9.20 10.63
N LEU C 329 -21.41 -9.13 10.66
CA LEU C 329 -20.96 -9.43 9.21
CA LEU C 329 -21.04 -9.42 9.25
C LEU C 329 -20.48 -8.12 8.56
C LEU C 329 -20.40 -8.18 8.61
N PRO C 330 -20.95 -6.97 8.70
CA PRO C 330 -20.24 -5.80 8.21
C PRO C 330 -18.82 -5.75 8.75
N GLU C 331 -18.61 -6.10 10.02
CA GLU C 331 -17.23 -6.10 10.55
C GLU C 331 -16.35 -7.16 9.85
N ALA C 332 -16.86 -8.35 9.60
CA ALA C 332 -16.12 -9.39 8.86
C ALA C 332 -15.82 -8.90 7.45
N VAL C 333 -16.76 -8.26 6.80
CA VAL C 333 -16.58 -7.79 5.41
C VAL C 333 -15.48 -6.72 5.40
N THR C 334 -15.57 -5.75 6.31
CA THR C 334 -14.56 -4.64 6.26
C THR C 334 -13.17 -5.16 6.67
N GLN C 335 -13.05 -6.14 7.55
CA GLN C 335 -11.74 -6.79 7.88
C GLN C 335 -11.24 -7.56 6.68
N VAL C 336 -12.09 -8.33 6.00
CA VAL C 336 -11.68 -9.03 4.77
C VAL C 336 -11.17 -8.02 3.76
N ALA C 337 -11.86 -6.93 3.56
CA ALA C 337 -11.46 -5.89 2.62
C ALA C 337 -10.06 -5.35 2.94
N ALA C 338 -9.79 -5.07 4.21
CA ALA C 338 -8.46 -4.61 4.67
C ALA C 338 -7.41 -5.67 4.24
N GLN C 339 -7.71 -6.95 4.44
CA GLN C 339 -6.76 -8.03 4.13
C GLN C 339 -6.50 -8.06 2.60
N VAL C 340 -7.53 -7.88 1.78
CA VAL C 340 -7.39 -7.91 0.31
C VAL C 340 -6.51 -6.73 -0.10
N ILE C 341 -6.71 -5.56 0.50
CA ILE C 341 -5.85 -4.38 0.21
C ILE C 341 -4.40 -4.70 0.57
N GLY C 342 -4.11 -5.30 1.70
CA GLY C 342 -2.75 -5.67 2.07
C GLY C 342 -2.16 -6.68 1.13
N ASN C 343 -2.92 -7.73 0.85
CA ASN C 343 -2.46 -8.78 -0.07
C ASN C 343 -2.16 -8.18 -1.41
N ASP C 344 -2.97 -7.23 -1.85
CA ASP C 344 -2.79 -6.59 -3.16
C ASP C 344 -1.45 -5.85 -3.20
N ALA C 345 -1.04 -5.21 -2.11
CA ALA C 345 0.27 -4.52 -2.05
C ALA C 345 1.41 -5.54 -2.14
N ALA C 346 1.30 -6.67 -1.48
CA ALA C 346 2.34 -7.71 -1.48
C ALA C 346 2.44 -8.26 -2.93
N ILE C 347 1.31 -8.49 -3.59
CA ILE C 347 1.30 -9.01 -4.98
C ILE C 347 2.03 -8.05 -5.89
N ALA C 348 1.73 -6.76 -5.83
CA ALA C 348 2.33 -5.82 -6.79
C ALA C 348 3.83 -5.75 -6.54
N TRP C 349 4.25 -5.79 -5.26
CA TRP C 349 5.69 -5.76 -4.88
C TRP C 349 6.41 -6.94 -5.52
N GLY C 350 5.86 -8.12 -5.40
CA GLY C 350 6.46 -9.30 -6.02
C GLY C 350 6.46 -9.15 -7.51
N GLY C 351 5.39 -8.62 -8.08
CA GLY C 351 5.23 -8.57 -9.54
C GLY C 351 6.29 -7.73 -10.18
N ALA C 352 6.65 -6.63 -9.52
CA ALA C 352 7.60 -5.65 -10.12
C ALA C 352 9.03 -6.16 -10.16
N ASN C 353 9.36 -7.12 -9.30
CA ASN C 353 10.75 -7.48 -8.97
C ASN C 353 11.27 -8.73 -9.65
N GLY C 354 10.77 -9.03 -10.85
CA GLY C 354 11.36 -10.12 -11.65
C GLY C 354 12.69 -9.71 -12.28
N ALA C 355 13.49 -10.66 -12.69
CA ALA C 355 14.74 -10.30 -13.37
C ALA C 355 14.93 -11.21 -14.57
N PHE C 356 15.19 -10.61 -15.72
CA PHE C 356 15.52 -11.39 -16.93
C PHE C 356 14.43 -12.41 -17.25
N GLU C 357 14.80 -13.68 -17.31
CA GLU C 357 13.86 -14.73 -17.78
C GLU C 357 12.87 -15.21 -16.71
N LEU C 358 13.00 -14.80 -15.45
CA LEU C 358 12.06 -15.38 -14.46
C LEU C 358 11.68 -14.40 -13.34
N ASN C 359 10.39 -14.37 -13.01
CA ASN C 359 9.92 -13.65 -11.80
C ASN C 359 9.94 -14.71 -10.68
N VAL C 360 10.73 -14.46 -9.66
CA VAL C 360 10.96 -15.38 -8.53
C VAL C 360 10.23 -14.90 -7.27
N TYR C 361 8.97 -14.48 -7.41
CA TYR C 361 8.09 -14.20 -6.27
C TYR C 361 6.81 -15.01 -6.37
N ILE C 362 6.79 -16.12 -7.11
CA ILE C 362 5.52 -16.81 -7.45
C ILE C 362 4.86 -17.38 -6.22
N PRO C 363 5.52 -18.13 -5.31
CA PRO C 363 4.82 -18.71 -4.17
C PRO C 363 4.14 -17.66 -3.31
N MET C 364 4.79 -16.54 -3.06
CA MET C 364 4.18 -15.47 -2.25
C MET C 364 3.04 -14.83 -3.04
N MET C 365 3.20 -14.55 -4.31
CA MET C 365 2.10 -13.90 -5.07
C MET C 365 0.91 -14.85 -5.11
N ALA C 366 1.17 -16.14 -5.29
CA ALA C 366 0.09 -17.18 -5.35
C ALA C 366 -0.64 -17.20 -4.01
N ARG C 367 0.08 -17.23 -2.90
CA ARG C 367 -0.58 -17.26 -1.57
C ARG C 367 -1.56 -16.08 -1.46
N ASN C 368 -1.10 -14.91 -1.81
CA ASN C 368 -1.88 -13.70 -1.61
C ASN C 368 -3.08 -13.66 -2.54
N ILE C 369 -2.91 -13.92 -3.82
N ILE C 369 -2.89 -13.90 -3.84
CA ILE C 369 -4.08 -13.71 -4.72
CA ILE C 369 -4.03 -13.76 -4.82
C ILE C 369 -5.10 -14.82 -4.46
C ILE C 369 -5.08 -14.82 -4.45
N LEU C 370 -4.66 -16.05 -4.15
CA LEU C 370 -5.63 -17.14 -3.90
C LEU C 370 -6.35 -16.88 -2.58
N GLU C 371 -5.67 -16.32 -1.58
CA GLU C 371 -6.34 -15.95 -0.33
C GLU C 371 -7.38 -14.86 -0.61
N SER C 372 -7.03 -13.83 -1.36
CA SER C 372 -7.99 -12.73 -1.65
C SER C 372 -9.23 -13.33 -2.34
N PHE C 373 -9.06 -14.20 -3.32
CA PHE C 373 -10.23 -14.85 -3.97
C PHE C 373 -11.09 -15.58 -2.95
N LYS C 374 -10.49 -16.36 -2.08
CA LYS C 374 -11.21 -17.18 -1.09
C LYS C 374 -11.95 -16.30 -0.08
N LEU C 375 -11.28 -15.28 0.48
CA LEU C 375 -11.95 -14.45 1.49
C LEU C 375 -13.12 -13.69 0.85
N LEU C 376 -12.97 -13.17 -0.35
CA LEU C 376 -14.06 -12.39 -0.98
C LEU C 376 -15.20 -13.37 -1.30
N THR C 377 -14.90 -14.54 -1.83
CA THR C 377 -15.96 -15.54 -2.15
C THR C 377 -16.75 -15.83 -0.88
N ASN C 378 -16.08 -16.23 0.18
CA ASN C 378 -16.76 -16.76 1.39
C ASN C 378 -17.51 -15.62 2.07
N VAL C 379 -16.91 -14.45 2.21
CA VAL C 379 -17.59 -13.36 2.96
C VAL C 379 -18.74 -12.83 2.12
N SER C 380 -18.68 -12.83 0.79
CA SER C 380 -19.75 -12.30 -0.07
C SER C 380 -21.00 -13.17 0.14
N ARG C 381 -20.84 -14.48 0.14
CA ARG C 381 -22.00 -15.40 0.32
C ARG C 381 -22.57 -15.20 1.72
N LEU C 382 -21.75 -15.14 2.75
CA LEU C 382 -22.21 -14.95 4.14
C LEU C 382 -22.97 -13.64 4.20
N PHE C 383 -22.39 -12.57 3.67
CA PHE C 383 -23.01 -11.23 3.78
C PHE C 383 -24.38 -11.26 3.11
N ALA C 384 -24.46 -11.86 1.93
CA ALA C 384 -25.72 -11.94 1.16
C ALA C 384 -26.78 -12.69 1.96
N GLN C 385 -26.45 -13.85 2.50
CA GLN C 385 -27.47 -14.79 3.03
C GLN C 385 -27.81 -14.41 4.47
N ARG C 386 -26.84 -13.98 5.27
CA ARG C 386 -27.00 -13.87 6.74
C ARG C 386 -27.08 -12.41 7.21
N CYS C 387 -26.94 -11.45 6.32
CA CYS C 387 -27.13 -10.02 6.64
C CYS C 387 -28.12 -9.38 5.67
N ILE C 388 -27.81 -9.27 4.40
CA ILE C 388 -28.61 -8.53 3.40
C ILE C 388 -30.05 -9.10 3.35
N ALA C 389 -30.18 -10.40 3.20
CA ALA C 389 -31.49 -11.04 2.97
C ALA C 389 -32.42 -10.70 4.14
N GLY C 390 -31.94 -10.60 5.38
CA GLY C 390 -32.80 -10.43 6.57
C GLY C 390 -32.92 -9.00 7.07
N LEU C 391 -32.38 -7.99 6.36
CA LEU C 391 -32.51 -6.60 6.89
C LEU C 391 -34.00 -6.21 6.93
N THR C 392 -34.37 -5.48 7.96
CA THR C 392 -35.73 -4.87 8.04
C THR C 392 -35.56 -3.37 8.11
N ALA C 393 -36.43 -2.64 7.44
CA ALA C 393 -36.42 -1.15 7.43
C ALA C 393 -37.46 -0.61 8.41
N ASN C 394 -37.09 0.45 9.11
CA ASN C 394 -38.03 1.24 9.95
C ASN C 394 -38.79 2.20 9.05
N VAL C 395 -39.73 1.66 8.29
CA VAL C 395 -40.30 2.41 7.13
C VAL C 395 -40.97 3.71 7.60
N GLU C 396 -41.91 3.64 8.54
CA GLU C 396 -42.70 4.85 8.88
C GLU C 396 -41.78 5.90 9.52
N HIS C 397 -40.80 5.47 10.29
CA HIS C 397 -39.82 6.35 10.94
C HIS C 397 -39.00 7.09 9.89
N LEU C 398 -38.47 6.36 8.91
CA LEU C 398 -37.69 6.94 7.80
C LEU C 398 -38.50 8.03 7.08
N ARG C 399 -39.77 7.72 6.78
CA ARG C 399 -40.63 8.70 6.06
C ARG C 399 -40.87 9.92 6.97
N ARG C 400 -41.17 9.70 8.24
N ARG C 400 -41.17 9.69 8.24
CA ARG C 400 -41.43 10.84 9.16
CA ARG C 400 -41.43 10.84 9.16
C ARG C 400 -40.22 11.78 9.16
C ARG C 400 -40.22 11.78 9.16
N LEU C 401 -39.01 11.23 9.31
CA LEU C 401 -37.80 12.08 9.30
C LEU C 401 -37.65 12.80 7.95
N ALA C 402 -37.86 12.12 6.82
CA ALA C 402 -37.77 12.78 5.51
C ALA C 402 -38.75 13.96 5.41
N GLU C 403 -39.96 13.75 5.93
CA GLU C 403 -41.04 14.78 5.90
C GLU C 403 -40.81 15.90 6.90
N SER C 404 -39.81 15.77 7.77
CA SER C 404 -39.49 16.70 8.86
C SER C 404 -38.17 17.41 8.63
N SER C 405 -37.54 17.19 7.48
CA SER C 405 -36.18 17.72 7.22
C SER C 405 -36.23 19.12 6.65
N PRO C 406 -35.42 20.07 7.17
CA PRO C 406 -35.21 21.36 6.52
C PRO C 406 -34.85 21.28 5.03
N SER C 407 -34.28 20.15 4.57
CA SER C 407 -33.90 20.01 3.14
C SER C 407 -35.09 20.10 2.22
N ILE C 408 -36.30 19.79 2.69
CA ILE C 408 -37.45 19.77 1.73
C ILE C 408 -38.19 21.11 1.71
N VAL C 409 -37.70 22.15 2.39
CA VAL C 409 -38.43 23.46 2.39
C VAL C 409 -38.18 24.19 1.05
N THR C 410 -37.11 23.87 0.33
CA THR C 410 -36.74 24.61 -0.91
C THR C 410 -37.93 24.77 -1.86
N PRO C 411 -38.73 23.74 -2.19
CA PRO C 411 -39.81 23.88 -3.16
C PRO C 411 -40.91 24.83 -2.66
N LEU C 412 -40.85 25.27 -1.40
CA LEU C 412 -41.80 26.32 -0.89
C LEU C 412 -41.30 27.72 -1.18
N ASN C 413 -40.04 27.91 -1.55
CA ASN C 413 -39.44 29.26 -1.63
C ASN C 413 -40.30 30.15 -2.51
N SER C 414 -40.75 29.64 -3.66
CA SER C 414 -41.43 30.48 -4.68
C SER C 414 -42.80 30.92 -4.14
N ALA C 415 -43.38 30.25 -3.14
CA ALA C 415 -44.70 30.58 -2.56
C ALA C 415 -44.55 31.46 -1.31
N ILE C 416 -43.62 31.15 -0.41
CA ILE C 416 -43.62 31.80 0.94
C ILE C 416 -42.39 32.71 1.10
N GLY C 417 -41.40 32.67 0.22
CA GLY C 417 -40.17 33.49 0.37
C GLY C 417 -39.08 32.74 1.12
N TYR C 418 -37.82 33.14 0.91
CA TYR C 418 -36.63 32.52 1.56
C TYR C 418 -36.71 32.63 3.08
N GLU C 419 -36.97 33.84 3.57
CA GLU C 419 -36.99 34.19 5.00
C GLU C 419 -37.98 33.27 5.72
N GLU C 420 -39.19 33.14 5.17
CA GLU C 420 -40.24 32.32 5.82
C GLU C 420 -39.92 30.83 5.66
N ALA C 421 -39.37 30.40 4.53
CA ALA C 421 -38.95 28.98 4.41
C ALA C 421 -37.90 28.66 5.48
N ALA C 422 -37.00 29.59 5.78
CA ALA C 422 -35.96 29.39 6.82
C ALA C 422 -36.63 29.28 8.20
N ALA C 423 -37.65 30.10 8.46
CA ALA C 423 -38.35 30.08 9.75
C ALA C 423 -39.14 28.79 9.92
N VAL C 424 -39.71 28.29 8.85
CA VAL C 424 -40.41 26.99 8.85
C VAL C 424 -39.42 25.90 9.23
N ALA C 425 -38.27 25.86 8.55
CA ALA C 425 -37.25 24.83 8.83
C ALA C 425 -36.81 24.88 10.31
N LYS C 426 -36.55 26.07 10.82
CA LYS C 426 -36.06 26.22 12.20
C LYS C 426 -37.13 25.74 13.18
N GLN C 427 -38.38 26.15 12.98
CA GLN C 427 -39.47 25.75 13.91
C GLN C 427 -39.73 24.25 13.79
N ALA C 428 -39.71 23.68 12.60
CA ALA C 428 -39.96 22.24 12.46
C ALA C 428 -38.92 21.46 13.28
N LEU C 429 -37.66 21.85 13.17
N LEU C 429 -37.64 21.86 13.17
CA LEU C 429 -36.58 21.14 13.90
CA LEU C 429 -36.56 21.15 13.90
C LEU C 429 -36.76 21.33 15.42
C LEU C 429 -36.73 21.32 15.42
N LYS C 430 -37.00 22.54 15.86
CA LYS C 430 -37.14 22.80 17.31
C LYS C 430 -38.35 22.08 17.90
N GLU C 431 -39.46 22.01 17.18
CA GLU C 431 -40.72 21.42 17.72
C GLU C 431 -40.83 19.93 17.38
N ARG C 432 -39.89 19.39 16.60
CA ARG C 432 -39.88 17.99 16.11
C ARG C 432 -41.19 17.69 15.39
N LYS C 433 -41.53 18.54 14.42
CA LYS C 433 -42.78 18.37 13.64
C LYS C 433 -42.42 18.26 12.17
N THR C 434 -43.34 17.75 11.38
CA THR C 434 -43.16 17.75 9.91
C THR C 434 -43.11 19.16 9.35
N ILE C 435 -42.52 19.30 8.17
CA ILE C 435 -42.57 20.57 7.42
C ILE C 435 -44.05 20.89 7.12
N ARG C 436 -44.83 19.91 6.67
CA ARG C 436 -46.27 20.15 6.36
C ARG C 436 -46.94 20.74 7.61
N GLN C 437 -46.76 20.11 8.75
CA GLN C 437 -47.48 20.55 9.97
C GLN C 437 -46.99 21.94 10.38
N THR C 438 -45.72 22.25 10.19
CA THR C 438 -45.17 23.55 10.59
C THR C 438 -45.72 24.64 9.68
N VAL C 439 -45.84 24.40 8.38
CA VAL C 439 -46.38 25.41 7.44
C VAL C 439 -47.83 25.70 7.89
N ILE C 440 -48.57 24.67 8.25
CA ILE C 440 -49.98 24.87 8.69
C ILE C 440 -49.98 25.68 9.99
N ASP C 441 -49.15 25.28 10.94
N ASP C 441 -49.11 25.30 10.94
CA ASP C 441 -49.10 25.89 12.29
CA ASP C 441 -49.02 25.86 12.32
C ASP C 441 -48.75 27.38 12.15
C ASP C 441 -48.63 27.34 12.27
N ARG C 442 -47.87 27.75 11.23
CA ARG C 442 -47.46 29.16 11.05
C ARG C 442 -48.51 29.99 10.31
N GLY C 443 -49.61 29.35 9.91
CA GLY C 443 -50.75 30.02 9.26
C GLY C 443 -50.50 30.41 7.83
N LEU C 444 -49.60 29.70 7.14
CA LEU C 444 -49.25 30.06 5.75
C LEU C 444 -50.27 29.56 4.71
N ILE C 445 -51.15 28.64 5.09
CA ILE C 445 -52.14 28.14 4.09
C ILE C 445 -53.14 29.25 3.72
N GLY C 446 -53.52 29.32 2.45
CA GLY C 446 -54.48 30.27 1.86
C GLY C 446 -53.83 31.49 1.24
N ASP C 447 -53.08 32.28 2.00
CA ASP C 447 -52.49 33.45 1.29
C ASP C 447 -51.40 32.97 0.34
N ARG C 448 -50.47 32.20 0.87
CA ARG C 448 -49.29 31.75 0.09
C ARG C 448 -49.62 30.61 -0.88
N LEU C 449 -50.29 29.58 -0.36
CA LEU C 449 -50.57 28.40 -1.20
C LEU C 449 -51.68 27.59 -0.57
N SER C 450 -52.24 26.68 -1.36
CA SER C 450 -53.32 25.81 -0.86
C SER C 450 -52.76 24.51 -0.30
N ILE C 451 -53.60 23.77 0.39
CA ILE C 451 -53.23 22.41 0.83
C ILE C 451 -52.84 21.54 -0.35
N GLU C 452 -53.54 21.63 -1.48
CA GLU C 452 -53.26 20.82 -2.68
C GLU C 452 -51.83 21.13 -3.11
N ASP C 453 -51.49 22.40 -3.14
CA ASP C 453 -50.17 22.90 -3.61
C ASP C 453 -49.09 22.43 -2.61
N LEU C 454 -49.36 22.57 -1.33
CA LEU C 454 -48.43 22.13 -0.25
C LEU C 454 -48.11 20.65 -0.44
N ASP C 455 -49.12 19.81 -0.58
CA ASP C 455 -48.91 18.34 -0.65
C ASP C 455 -48.19 17.97 -1.95
N ARG C 456 -48.38 18.72 -3.02
CA ARG C 456 -47.61 18.50 -4.28
C ARG C 456 -46.16 18.87 -4.01
N ARG C 457 -45.91 20.03 -3.40
CA ARG C 457 -44.53 20.54 -3.28
C ARG C 457 -43.75 19.67 -2.28
N LEU C 458 -44.37 19.16 -1.23
CA LEU C 458 -43.67 18.41 -0.16
C LEU C 458 -43.84 16.89 -0.29
N ASP C 459 -44.28 16.35 -1.41
CA ASP C 459 -44.39 14.87 -1.61
C ASP C 459 -42.95 14.28 -1.67
N VAL C 460 -42.46 13.73 -0.56
CA VAL C 460 -41.03 13.33 -0.46
C VAL C 460 -40.74 12.17 -1.42
N LEU C 461 -41.68 11.26 -1.64
CA LEU C 461 -41.45 10.18 -2.61
C LEU C 461 -41.29 10.74 -4.01
N ALA C 462 -42.12 11.71 -4.42
CA ALA C 462 -41.96 12.40 -5.70
C ALA C 462 -40.64 13.14 -5.77
N MET C 463 -40.20 13.70 -4.66
N MET C 463 -40.18 13.72 -4.67
CA MET C 463 -38.93 14.46 -4.58
CA MET C 463 -38.90 14.44 -4.66
C MET C 463 -37.73 13.51 -4.79
C MET C 463 -37.75 13.47 -4.89
N ALA C 464 -37.88 12.24 -4.40
CA ALA C 464 -36.85 11.19 -4.62
C ALA C 464 -36.90 10.74 -6.08
N LYS C 465 -37.89 11.20 -6.85
CA LYS C 465 -38.07 10.82 -8.28
C LYS C 465 -38.27 9.31 -8.34
N ALA C 466 -39.05 8.77 -7.41
CA ALA C 466 -39.52 7.37 -7.37
C ALA C 466 -41.07 7.37 -7.42
N GLU C 467 -41.69 6.25 -7.83
CA GLU C 467 -43.14 6.17 -8.15
C GLU C 467 -43.79 5.11 -7.25
N TYR D 10 -6.58 44.55 -5.96
CA TYR D 10 -6.84 44.79 -4.51
C TYR D 10 -8.29 45.24 -4.26
N ARG D 11 -9.26 44.71 -5.01
CA ARG D 11 -10.69 45.14 -4.97
C ARG D 11 -11.37 44.49 -3.76
N ILE D 12 -12.59 44.93 -3.46
CA ILE D 12 -13.37 44.45 -2.28
C ILE D 12 -14.78 44.00 -2.73
N GLU D 13 -15.16 42.80 -2.29
CA GLU D 13 -16.51 42.27 -2.63
C GLU D 13 -17.27 41.93 -1.36
N HIS D 14 -18.58 41.72 -1.48
CA HIS D 14 -19.40 41.45 -0.27
C HIS D 14 -20.05 40.07 -0.29
N ASP D 15 -19.71 39.27 0.71
CA ASP D 15 -20.23 37.90 0.97
C ASP D 15 -21.23 38.00 2.12
N THR D 16 -22.18 37.06 2.23
CA THR D 16 -23.24 37.03 3.27
C THR D 16 -22.64 36.77 4.66
N MET D 17 -21.31 36.74 4.82
CA MET D 17 -20.65 36.72 6.15
C MET D 17 -19.65 37.88 6.30
N GLY D 18 -19.56 38.79 5.31
CA GLY D 18 -18.86 40.09 5.46
C GLY D 18 -18.16 40.56 4.20
N GLU D 19 -17.06 41.30 4.36
CA GLU D 19 -16.22 41.84 3.26
C GLU D 19 -15.25 40.76 2.76
N VAL D 20 -14.72 40.91 1.53
CA VAL D 20 -13.77 39.96 0.89
C VAL D 20 -12.86 40.73 -0.06
N ARG D 21 -11.58 40.86 0.28
CA ARG D 21 -10.57 41.48 -0.63
C ARG D 21 -10.14 40.45 -1.69
N VAL D 22 -10.21 40.82 -2.97
CA VAL D 22 -9.87 39.95 -4.13
C VAL D 22 -8.88 40.68 -5.03
N PRO D 23 -7.77 40.05 -5.49
CA PRO D 23 -6.87 40.66 -6.46
C PRO D 23 -7.64 41.29 -7.64
N ALA D 24 -7.12 42.39 -8.19
CA ALA D 24 -7.85 43.23 -9.18
C ALA D 24 -7.95 42.50 -10.51
N LYS D 25 -6.88 41.80 -10.95
CA LYS D 25 -6.83 41.05 -12.23
C LYS D 25 -7.52 39.68 -12.11
N ALA D 26 -8.07 39.37 -10.94
CA ALA D 26 -8.71 38.04 -10.73
C ALA D 26 -10.13 38.02 -11.30
N LEU D 27 -10.48 36.94 -12.00
CA LEU D 27 -11.84 36.73 -12.57
C LEU D 27 -12.68 35.95 -11.56
N TRP D 28 -12.05 35.42 -10.51
CA TRP D 28 -12.83 34.72 -9.47
C TRP D 28 -13.49 35.73 -8.52
N ARG D 29 -14.47 35.30 -7.76
CA ARG D 29 -15.23 36.22 -6.88
C ARG D 29 -15.13 35.80 -5.41
N ALA D 30 -16.13 36.15 -4.61
CA ALA D 30 -16.09 35.97 -3.15
C ALA D 30 -15.99 34.51 -2.70
N GLN D 31 -16.76 33.58 -3.25
CA GLN D 31 -16.72 32.19 -2.76
C GLN D 31 -15.33 31.60 -2.98
N THR D 32 -14.73 31.88 -4.12
CA THR D 32 -13.38 31.34 -4.41
C THR D 32 -12.38 31.95 -3.41
N GLN D 33 -12.48 33.25 -3.16
CA GLN D 33 -11.53 33.91 -2.22
C GLN D 33 -11.68 33.30 -0.83
N ARG D 34 -12.91 33.01 -0.40
CA ARG D 34 -13.14 32.36 0.90
C ARG D 34 -12.49 30.97 0.90
N ALA D 35 -12.56 30.23 -0.21
CA ALA D 35 -11.93 28.88 -0.29
C ALA D 35 -10.41 29.05 -0.25
N VAL D 36 -9.86 30.09 -0.88
CA VAL D 36 -8.40 30.37 -0.82
C VAL D 36 -7.99 30.51 0.66
N GLU D 37 -8.78 31.23 1.43
CA GLU D 37 -8.44 31.54 2.83
C GLU D 37 -8.66 30.30 3.70
N ASN D 38 -9.62 29.44 3.34
N ASN D 38 -9.60 29.42 3.32
CA ASN D 38 -10.02 28.26 4.15
CA ASN D 38 -10.01 28.28 4.17
C ASN D 38 -9.01 27.09 4.04
C ASN D 38 -9.05 27.07 4.03
N PHE D 39 -8.38 26.92 2.87
CA PHE D 39 -7.59 25.68 2.59
C PHE D 39 -6.14 25.97 2.21
N PRO D 40 -5.33 26.71 3.01
CA PRO D 40 -3.89 26.84 2.70
C PRO D 40 -3.10 25.61 3.19
N ILE D 41 -3.14 24.57 2.41
CA ILE D 41 -2.68 23.22 2.82
C ILE D 41 -1.50 22.79 1.95
N SER D 42 -1.64 22.64 0.64
CA SER D 42 -0.57 22.14 -0.26
C SER D 42 0.06 23.29 -1.04
N GLY D 43 -0.68 24.37 -1.28
CA GLY D 43 -0.21 25.45 -2.16
C GLY D 43 -0.29 25.07 -3.64
N ARG D 44 -1.00 24.01 -3.98
CA ARG D 44 -1.18 23.60 -5.39
C ARG D 44 -2.67 23.50 -5.65
N GLY D 45 -3.08 23.98 -6.82
CA GLY D 45 -4.48 23.95 -7.25
C GLY D 45 -4.68 22.98 -8.39
N LEU D 46 -5.80 23.11 -9.06
CA LEU D 46 -6.16 22.20 -10.16
C LEU D 46 -5.15 22.29 -11.29
N GLU D 47 -4.94 21.17 -11.93
CA GLU D 47 -4.11 21.12 -13.15
C GLU D 47 -4.87 21.59 -14.38
N ARG D 48 -4.12 21.87 -15.43
CA ARG D 48 -4.68 22.37 -16.72
C ARG D 48 -5.79 21.43 -17.20
N THR D 49 -5.59 20.12 -17.10
CA THR D 49 -6.53 19.07 -17.59
C THR D 49 -7.86 19.20 -16.86
N GLN D 50 -7.80 19.47 -15.55
CA GLN D 50 -8.99 19.59 -14.70
C GLN D 50 -9.75 20.87 -15.01
N ILE D 51 -9.02 21.97 -15.22
CA ILE D 51 -9.61 23.29 -15.56
C ILE D 51 -10.31 23.14 -16.92
N ARG D 52 -9.63 22.51 -17.86
CA ARG D 52 -10.20 22.30 -19.21
C ARG D 52 -11.52 21.54 -19.10
N ALA D 53 -11.56 20.41 -18.38
CA ALA D 53 -12.77 19.61 -18.25
C ALA D 53 -13.89 20.39 -17.58
N LEU D 54 -13.58 21.24 -16.61
CA LEU D 54 -14.63 22.07 -15.95
C LEU D 54 -15.19 23.05 -16.98
N GLY D 55 -14.32 23.60 -17.84
CA GLY D 55 -14.80 24.49 -18.92
C GLY D 55 -15.68 23.73 -19.89
N LEU D 56 -15.24 22.58 -20.37
CA LEU D 56 -16.05 21.76 -21.31
C LEU D 56 -17.43 21.50 -20.71
N LEU D 57 -17.49 21.05 -19.46
CA LEU D 57 -18.74 20.70 -18.80
C LEU D 57 -19.67 21.92 -18.73
N LYS D 58 -19.16 23.08 -18.34
CA LYS D 58 -20.05 24.27 -18.17
C LYS D 58 -20.59 24.71 -19.53
N GLY D 59 -19.78 24.62 -20.57
CA GLY D 59 -20.26 24.95 -21.93
C GLY D 59 -21.36 23.99 -22.38
N ALA D 60 -21.20 22.69 -22.16
CA ALA D 60 -22.18 21.68 -22.57
C ALA D 60 -23.48 21.88 -21.76
N CYS D 61 -23.39 22.16 -20.46
CA CYS D 61 -24.61 22.32 -19.65
C CYS D 61 -25.42 23.55 -20.16
N ALA D 62 -24.73 24.64 -20.44
CA ALA D 62 -25.36 25.89 -20.93
C ALA D 62 -26.03 25.57 -22.27
N GLN D 63 -25.38 24.77 -23.11
N GLN D 63 -25.41 24.81 -23.16
CA GLN D 63 -25.90 24.37 -24.45
CA GLN D 63 -26.11 24.49 -24.44
C GLN D 63 -27.22 23.62 -24.28
C GLN D 63 -27.40 23.73 -24.13
N VAL D 64 -27.30 22.68 -23.33
CA VAL D 64 -28.48 21.84 -23.11
C VAL D 64 -29.57 22.66 -22.43
N ASN D 65 -29.24 23.49 -21.44
CA ASN D 65 -30.22 24.38 -20.79
C ASN D 65 -30.84 25.32 -21.85
N SER D 66 -30.04 25.80 -22.81
CA SER D 66 -30.54 26.67 -23.92
C SER D 66 -31.46 25.82 -24.81
N ASP D 67 -31.06 24.62 -25.23
CA ASP D 67 -31.90 23.73 -26.08
C ASP D 67 -33.25 23.41 -25.43
N LEU D 68 -33.33 23.28 -24.11
CA LEU D 68 -34.55 22.89 -23.39
C LEU D 68 -35.38 24.13 -23.08
N GLY D 69 -34.88 25.30 -23.42
CA GLY D 69 -35.60 26.59 -23.21
C GLY D 69 -35.51 27.09 -21.76
N LEU D 70 -34.57 26.59 -20.95
CA LEU D 70 -34.53 26.90 -19.50
C LEU D 70 -33.64 28.11 -19.29
N LEU D 71 -32.77 28.43 -20.23
CA LEU D 71 -31.77 29.49 -20.13
C LEU D 71 -31.86 30.32 -21.40
N ALA D 72 -32.03 31.63 -21.23
CA ALA D 72 -32.16 32.58 -22.34
C ALA D 72 -30.93 32.44 -23.23
N PRO D 73 -31.12 32.46 -24.56
CA PRO D 73 -30.03 32.22 -25.50
C PRO D 73 -28.85 33.18 -25.35
N GLU D 74 -29.10 34.46 -25.04
CA GLU D 74 -28.03 35.48 -24.81
C GLU D 74 -27.10 34.99 -23.68
N LYS D 75 -27.68 34.58 -22.55
CA LYS D 75 -26.91 34.06 -21.39
C LYS D 75 -26.15 32.77 -21.80
N ALA D 76 -26.78 31.87 -22.54
CA ALA D 76 -26.15 30.58 -22.91
C ALA D 76 -24.95 30.86 -23.81
N ASP D 77 -25.14 31.73 -24.80
CA ASP D 77 -24.03 32.10 -25.71
C ASP D 77 -22.82 32.63 -24.91
N ALA D 78 -23.08 33.47 -23.92
CA ALA D 78 -22.04 34.10 -23.10
C ALA D 78 -21.31 33.01 -22.28
N ILE D 79 -22.05 32.06 -21.72
CA ILE D 79 -21.44 30.95 -20.92
C ILE D 79 -20.64 30.08 -21.88
N ILE D 80 -21.22 29.73 -23.03
CA ILE D 80 -20.52 28.89 -24.02
C ILE D 80 -19.22 29.55 -24.48
N ALA D 81 -19.19 30.86 -24.76
CA ALA D 81 -17.94 31.48 -25.22
C ALA D 81 -16.89 31.53 -24.08
N ALA D 82 -17.31 31.86 -22.85
CA ALA D 82 -16.43 31.93 -21.67
C ALA D 82 -15.89 30.52 -21.36
N ALA D 83 -16.77 29.51 -21.33
CA ALA D 83 -16.37 28.08 -21.17
C ALA D 83 -15.35 27.64 -22.24
N ALA D 84 -15.47 28.09 -23.50
CA ALA D 84 -14.55 27.67 -24.57
C ALA D 84 -13.17 28.24 -24.28
N GLU D 85 -13.11 29.47 -23.75
CA GLU D 85 -11.80 30.08 -23.42
C GLU D 85 -11.14 29.25 -22.32
N ILE D 86 -11.91 28.90 -21.29
CA ILE D 86 -11.36 28.05 -20.18
C ILE D 86 -10.90 26.72 -20.74
N ALA D 87 -11.70 26.03 -21.55
CA ALA D 87 -11.32 24.72 -22.14
C ALA D 87 -10.05 24.80 -23.01
N ASP D 88 -9.78 25.98 -23.57
CA ASP D 88 -8.66 26.24 -24.50
C ASP D 88 -7.42 26.70 -23.73
N GLY D 89 -7.48 26.74 -22.39
CA GLY D 89 -6.29 27.03 -21.56
C GLY D 89 -6.05 28.51 -21.38
N GLN D 90 -7.01 29.39 -21.65
CA GLN D 90 -6.75 30.85 -21.59
C GLN D 90 -6.83 31.38 -20.15
N HIS D 91 -7.32 30.60 -19.18
CA HIS D 91 -7.60 31.12 -17.81
C HIS D 91 -7.05 30.16 -16.74
N ASP D 92 -5.97 29.46 -17.05
CA ASP D 92 -5.34 28.47 -16.12
C ASP D 92 -4.80 29.16 -14.86
N ASP D 93 -4.77 30.50 -14.79
CA ASP D 93 -4.29 31.29 -13.62
C ASP D 93 -5.47 31.82 -12.79
N GLN D 94 -6.70 31.44 -13.12
CA GLN D 94 -7.89 31.92 -12.42
C GLN D 94 -8.50 30.84 -11.50
N PHE D 95 -7.71 29.82 -11.16
CA PHE D 95 -8.22 28.69 -10.32
C PHE D 95 -7.27 28.49 -9.13
N PRO D 96 -7.35 29.34 -8.10
CA PRO D 96 -6.32 29.35 -7.03
C PRO D 96 -6.60 28.40 -5.87
N ILE D 97 -7.73 27.70 -5.89
CA ILE D 97 -8.14 26.89 -4.71
C ILE D 97 -7.24 25.66 -4.58
N ASP D 98 -6.88 25.34 -3.34
CA ASP D 98 -6.12 24.12 -3.03
C ASP D 98 -6.83 22.87 -3.52
N VAL D 99 -6.04 21.86 -3.88
CA VAL D 99 -6.53 20.47 -4.09
C VAL D 99 -7.26 20.01 -2.85
N PHE D 100 -6.74 20.29 -1.67
CA PHE D 100 -7.27 19.77 -0.40
C PHE D 100 -8.37 20.72 0.08
N GLN D 101 -9.49 20.56 -0.55
CA GLN D 101 -10.70 21.40 -0.37
C GLN D 101 -11.89 20.53 0.04
N THR D 102 -13.09 21.13 0.17
CA THR D 102 -14.29 20.34 0.47
C THR D 102 -14.33 19.14 -0.49
N GLY D 103 -14.70 17.98 0.01
CA GLY D 103 -14.39 16.72 -0.67
C GLY D 103 -15.33 16.40 -1.81
N SER D 104 -16.38 17.21 -2.02
CA SER D 104 -17.22 17.15 -3.22
C SER D 104 -16.57 17.85 -4.39
N GLY D 105 -15.60 18.73 -4.15
CA GLY D 105 -15.08 19.65 -5.17
C GLY D 105 -16.03 20.81 -5.44
N THR D 106 -16.99 21.08 -4.55
CA THR D 106 -17.91 22.22 -4.73
C THR D 106 -17.09 23.52 -4.85
N SER D 107 -15.99 23.69 -4.12
CA SER D 107 -15.23 24.96 -4.15
C SER D 107 -14.77 25.23 -5.58
N SER D 108 -14.16 24.25 -6.22
CA SER D 108 -13.71 24.39 -7.63
C SER D 108 -14.91 24.56 -8.57
N ASN D 109 -16.00 23.86 -8.35
CA ASN D 109 -17.23 24.06 -9.18
C ASN D 109 -17.63 25.54 -9.11
N MET D 110 -17.68 26.10 -7.93
CA MET D 110 -18.06 27.54 -7.75
C MET D 110 -17.00 28.47 -8.38
N ASN D 111 -15.72 28.11 -8.30
CA ASN D 111 -14.61 28.86 -8.91
C ASN D 111 -14.89 29.01 -10.41
N THR D 112 -15.34 27.93 -11.04
CA THR D 112 -15.61 27.90 -12.48
C THR D 112 -16.83 28.78 -12.77
N ASN D 113 -17.87 28.67 -11.95
CA ASN D 113 -19.09 29.49 -12.14
C ASN D 113 -18.73 30.98 -12.06
N GLU D 114 -17.95 31.36 -11.05
CA GLU D 114 -17.55 32.79 -10.85
C GLU D 114 -16.68 33.31 -11.99
N VAL D 115 -15.71 32.53 -12.45
CA VAL D 115 -14.82 32.97 -13.55
C VAL D 115 -15.64 33.18 -14.82
N ILE D 116 -16.57 32.27 -15.11
CA ILE D 116 -17.40 32.42 -16.33
C ILE D 116 -18.24 33.69 -16.21
N ALA D 117 -18.80 33.96 -15.04
CA ALA D 117 -19.63 35.17 -14.84
C ALA D 117 -18.79 36.43 -15.07
N SER D 118 -17.56 36.46 -14.59
CA SER D 118 -16.68 37.64 -14.79
C SER D 118 -16.32 37.79 -16.26
N ILE D 119 -16.04 36.69 -16.95
CA ILE D 119 -15.66 36.77 -18.39
C ILE D 119 -16.88 37.30 -19.17
N ALA D 120 -18.06 36.83 -18.81
CA ALA D 120 -19.30 37.23 -19.51
C ALA D 120 -19.55 38.73 -19.30
N ALA D 121 -19.34 39.23 -18.08
CA ALA D 121 -19.53 40.66 -17.69
C ALA D 121 -18.64 41.58 -18.53
N LYS D 122 -17.39 41.19 -18.85
CA LYS D 122 -16.50 41.91 -19.80
C LYS D 122 -17.15 42.06 -21.20
N GLY D 123 -17.98 41.10 -21.61
CA GLY D 123 -18.67 41.10 -22.92
C GLY D 123 -20.05 41.74 -22.84
N GLY D 124 -20.45 42.26 -21.67
CA GLY D 124 -21.69 43.03 -21.46
C GLY D 124 -22.86 42.21 -20.97
N VAL D 125 -22.67 40.93 -20.65
CA VAL D 125 -23.79 40.05 -20.20
C VAL D 125 -23.65 39.80 -18.69
N THR D 126 -24.77 39.90 -17.98
CA THR D 126 -24.85 39.65 -16.52
C THR D 126 -25.34 38.22 -16.28
N LEU D 127 -24.48 37.39 -15.68
CA LEU D 127 -24.78 35.97 -15.36
C LEU D 127 -24.71 35.80 -13.84
N HIS D 128 -25.65 35.07 -13.29
CA HIS D 128 -25.58 34.70 -11.86
C HIS D 128 -24.77 33.41 -11.80
N PRO D 129 -23.63 33.34 -11.07
CA PRO D 129 -22.84 32.12 -11.02
C PRO D 129 -23.67 30.86 -10.70
N ASN D 130 -24.53 30.93 -9.70
CA ASN D 130 -25.33 29.74 -9.34
C ASN D 130 -26.57 29.56 -10.21
N ASP D 131 -27.36 30.61 -10.40
CA ASP D 131 -28.70 30.41 -11.01
C ASP D 131 -28.55 30.20 -12.51
N ASP D 132 -27.53 30.81 -13.14
CA ASP D 132 -27.30 30.69 -14.61
C ASP D 132 -26.22 29.65 -14.89
N VAL D 133 -25.01 29.86 -14.39
CA VAL D 133 -23.87 28.98 -14.83
C VAL D 133 -24.02 27.59 -14.18
N ASN D 134 -24.68 27.46 -13.02
CA ASN D 134 -24.89 26.17 -12.33
C ASN D 134 -26.28 25.63 -12.59
N MET D 135 -27.02 26.20 -13.55
CA MET D 135 -28.40 25.77 -13.76
C MET D 135 -28.48 24.25 -14.05
N SER D 136 -29.39 23.54 -13.40
CA SER D 136 -29.66 22.11 -13.59
C SER D 136 -28.52 21.22 -13.01
N GLN D 137 -27.59 21.82 -12.29
CA GLN D 137 -26.40 21.12 -11.75
C GLN D 137 -26.44 21.23 -10.23
N SER D 138 -25.64 20.44 -9.57
CA SER D 138 -25.55 20.60 -8.12
C SER D 138 -24.11 20.81 -7.74
N SER D 139 -23.91 20.96 -6.45
CA SER D 139 -22.57 21.04 -5.86
C SER D 139 -21.85 19.69 -5.93
N ASN D 140 -22.49 18.55 -6.33
CA ASN D 140 -22.02 17.15 -6.11
C ASN D 140 -21.88 16.31 -7.37
N ASP D 141 -22.45 16.69 -8.52
CA ASP D 141 -22.45 15.86 -9.75
C ASP D 141 -21.51 16.50 -10.78
N THR D 142 -21.01 17.69 -10.48
CA THR D 142 -20.22 18.51 -11.43
C THR D 142 -18.75 18.11 -11.34
N PHE D 143 -18.13 18.21 -10.17
CA PHE D 143 -16.66 17.99 -10.07
C PHE D 143 -16.34 16.53 -10.39
N PRO D 144 -17.11 15.52 -9.95
CA PRO D 144 -16.80 14.15 -10.40
C PRO D 144 -16.94 13.95 -11.92
N THR D 145 -17.93 14.63 -12.51
CA THR D 145 -18.07 14.55 -13.99
C THR D 145 -16.79 15.11 -14.64
N ALA D 146 -16.36 16.30 -14.22
CA ALA D 146 -15.14 16.92 -14.78
C ALA D 146 -13.93 16.00 -14.56
N THR D 147 -13.85 15.34 -13.41
CA THR D 147 -12.76 14.38 -13.11
C THR D 147 -12.75 13.25 -14.14
N HIS D 148 -13.88 12.62 -14.37
CA HIS D 148 -13.98 11.45 -15.28
C HIS D 148 -13.76 11.89 -16.74
N ILE D 149 -14.19 13.09 -17.12
CA ILE D 149 -13.85 13.63 -18.47
C ILE D 149 -12.32 13.71 -18.59
N ALA D 150 -11.69 14.35 -17.61
CA ALA D 150 -10.24 14.54 -17.64
C ALA D 150 -9.55 13.18 -17.66
N ALA D 151 -9.98 12.21 -16.87
CA ALA D 151 -9.30 10.92 -16.80
C ALA D 151 -9.47 10.15 -18.11
N THR D 152 -10.66 10.20 -18.71
CA THR D 152 -10.95 9.45 -19.95
C THR D 152 -10.14 10.08 -21.09
N GLU D 153 -10.05 11.41 -21.14
CA GLU D 153 -9.25 12.11 -22.17
C GLU D 153 -7.77 11.70 -21.97
N ALA D 154 -7.31 11.68 -20.71
CA ALA D 154 -5.91 11.32 -20.45
C ALA D 154 -5.66 9.89 -20.93
N ALA D 155 -6.55 8.96 -20.70
CA ALA D 155 -6.35 7.55 -21.08
C ALA D 155 -6.30 7.42 -22.61
N VAL D 156 -7.30 7.99 -23.28
CA VAL D 156 -7.58 7.71 -24.70
C VAL D 156 -6.68 8.58 -25.59
N ALA D 157 -6.56 9.86 -25.32
CA ALA D 157 -5.89 10.81 -26.23
C ALA D 157 -4.39 10.83 -25.95
N HIS D 158 -3.94 10.43 -24.75
CA HIS D 158 -2.53 10.67 -24.33
C HIS D 158 -1.86 9.37 -23.94
N LEU D 159 -2.39 8.61 -22.97
CA LEU D 159 -1.62 7.44 -22.47
C LEU D 159 -1.56 6.36 -23.50
N ILE D 160 -2.68 5.98 -24.08
CA ILE D 160 -2.69 4.83 -25.02
C ILE D 160 -1.73 5.13 -26.17
N PRO D 161 -1.73 6.29 -26.83
CA PRO D 161 -0.74 6.53 -27.88
C PRO D 161 0.71 6.53 -27.38
N ALA D 162 0.97 7.02 -26.16
CA ALA D 162 2.37 6.96 -25.65
C ALA D 162 2.78 5.50 -25.44
N LEU D 163 1.92 4.67 -24.87
CA LEU D 163 2.20 3.26 -24.67
C LEU D 163 2.41 2.59 -26.04
N GLN D 164 1.62 2.95 -27.04
CA GLN D 164 1.77 2.33 -28.38
C GLN D 164 3.14 2.71 -28.93
N GLN D 165 3.60 3.95 -28.75
CA GLN D 165 4.95 4.41 -29.15
C GLN D 165 6.00 3.53 -28.48
N LEU D 166 5.89 3.31 -27.19
CA LEU D 166 6.85 2.44 -26.46
C LEU D 166 6.75 1.00 -26.91
N HIS D 167 5.56 0.44 -27.07
CA HIS D 167 5.39 -0.92 -27.62
C HIS D 167 6.13 -1.00 -28.96
N ASP D 168 5.92 -0.03 -29.82
CA ASP D 168 6.48 -0.11 -31.19
C ASP D 168 8.01 -0.07 -31.12
N ALA D 169 8.56 0.73 -30.22
CA ALA D 169 10.03 0.82 -30.07
C ALA D 169 10.56 -0.54 -29.58
N LEU D 170 9.92 -1.15 -28.58
CA LEU D 170 10.37 -2.44 -28.06
C LEU D 170 10.23 -3.54 -29.14
N ALA D 171 9.13 -3.55 -29.87
CA ALA D 171 8.89 -4.56 -30.92
C ALA D 171 9.92 -4.42 -32.04
N ALA D 172 10.32 -3.22 -32.38
CA ALA D 172 11.35 -2.98 -33.42
C ALA D 172 12.67 -3.61 -32.97
N LYS D 173 13.03 -3.47 -31.71
CA LYS D 173 14.26 -4.13 -31.18
C LYS D 173 14.08 -5.64 -31.12
N ALA D 174 12.92 -6.17 -30.79
CA ALA D 174 12.62 -7.61 -30.78
C ALA D 174 12.96 -8.20 -32.16
N LEU D 175 12.60 -7.47 -33.22
CA LEU D 175 12.89 -7.94 -34.60
C LEU D 175 14.36 -7.72 -34.98
N ASP D 176 14.93 -6.56 -34.71
N ASP D 176 14.91 -6.55 -34.66
CA ASP D 176 16.34 -6.30 -35.06
CA ASP D 176 16.31 -6.12 -34.95
C ASP D 176 17.18 -7.42 -34.43
C ASP D 176 17.30 -7.13 -34.33
N TRP D 177 16.92 -7.73 -33.18
CA TRP D 177 17.79 -8.59 -32.35
C TRP D 177 17.32 -10.02 -32.30
N HIS D 178 16.47 -10.44 -33.24
CA HIS D 178 15.87 -11.79 -33.30
C HIS D 178 16.94 -12.89 -33.20
N THR D 179 18.13 -12.71 -33.77
CA THR D 179 19.17 -13.78 -33.74
C THR D 179 20.38 -13.36 -32.91
N VAL D 180 20.26 -12.32 -32.08
CA VAL D 180 21.36 -11.90 -31.18
C VAL D 180 21.35 -12.79 -29.94
N VAL D 181 22.00 -13.93 -30.06
CA VAL D 181 21.99 -14.95 -28.98
C VAL D 181 22.78 -14.45 -27.75
N LYS D 182 22.35 -14.92 -26.60
CA LYS D 182 22.96 -14.53 -25.31
C LYS D 182 22.63 -15.60 -24.27
N SER D 183 23.14 -15.43 -23.07
CA SER D 183 22.78 -16.41 -22.03
C SER D 183 21.48 -15.99 -21.38
N GLY D 184 20.60 -16.97 -21.14
CA GLY D 184 19.44 -16.74 -20.29
C GLY D 184 19.87 -16.65 -18.84
N ARG D 185 19.08 -15.97 -18.03
CA ARG D 185 19.39 -15.91 -16.58
C ARG D 185 18.09 -16.17 -15.83
N THR D 186 18.10 -17.16 -14.96
CA THR D 186 16.95 -17.43 -14.07
C THR D 186 17.52 -17.42 -12.66
N HIS D 187 16.81 -16.77 -11.73
CA HIS D 187 17.32 -16.59 -10.33
C HIS D 187 18.66 -15.82 -10.34
N LEU D 188 18.97 -15.09 -11.42
CA LEU D 188 20.24 -14.33 -11.65
C LEU D 188 21.38 -15.30 -12.00
N MET D 189 21.11 -16.57 -12.14
CA MET D 189 22.11 -17.62 -12.42
C MET D 189 22.10 -18.00 -13.88
N ASP D 190 23.25 -18.50 -14.34
CA ASP D 190 23.42 -18.85 -15.76
C ASP D 190 22.37 -19.90 -16.14
N ALA D 191 21.66 -19.65 -17.24
CA ALA D 191 20.67 -20.56 -17.78
C ALA D 191 20.92 -20.77 -19.28
N VAL D 192 20.09 -21.61 -19.86
CA VAL D 192 20.22 -21.95 -21.31
C VAL D 192 20.02 -20.71 -22.17
N PRO D 193 20.55 -20.71 -23.41
CA PRO D 193 20.47 -19.54 -24.27
C PRO D 193 19.08 -19.00 -24.61
N VAL D 194 19.04 -17.70 -24.79
CA VAL D 194 17.87 -16.97 -25.33
C VAL D 194 18.41 -15.96 -26.32
N THR D 195 17.58 -15.25 -27.03
CA THR D 195 18.05 -14.10 -27.79
C THR D 195 17.64 -12.80 -27.11
N LEU D 196 18.40 -11.76 -27.37
CA LEU D 196 18.02 -10.41 -26.91
C LEU D 196 16.66 -10.04 -27.52
N GLY D 197 16.38 -10.50 -28.74
CA GLY D 197 15.09 -10.23 -29.39
C GLY D 197 13.95 -10.88 -28.65
N GLN D 198 14.13 -12.10 -28.17
CA GLN D 198 13.06 -12.79 -27.42
C GLN D 198 12.74 -12.00 -26.15
N GLU D 199 13.76 -11.55 -25.45
CA GLU D 199 13.52 -10.79 -24.20
C GLU D 199 12.73 -9.51 -24.52
N PHE D 200 13.10 -8.83 -25.59
CA PHE D 200 12.39 -7.59 -25.99
C PHE D 200 10.97 -7.92 -26.47
N SER D 201 10.75 -9.12 -27.00
CA SER D 201 9.39 -9.50 -27.42
C SER D 201 8.54 -9.60 -26.15
N GLY D 202 9.11 -10.06 -25.05
CA GLY D 202 8.45 -10.12 -23.74
C GLY D 202 8.13 -8.74 -23.25
N TYR D 203 9.08 -7.80 -23.29
CA TYR D 203 8.85 -6.41 -22.85
C TYR D 203 7.70 -5.83 -23.69
N ALA D 204 7.73 -6.07 -25.01
CA ALA D 204 6.71 -5.47 -25.88
C ALA D 204 5.38 -6.04 -25.49
N ARG D 205 5.25 -7.33 -25.23
CA ARG D 205 3.95 -7.91 -24.82
C ARG D 205 3.49 -7.28 -23.52
N GLN D 206 4.40 -7.02 -22.56
CA GLN D 206 3.97 -6.37 -21.30
C GLN D 206 3.29 -5.04 -21.64
N ILE D 207 3.82 -4.24 -22.54
CA ILE D 207 3.25 -2.91 -22.85
C ILE D 207 1.95 -3.10 -23.64
N GLU D 208 1.89 -4.06 -24.55
CA GLU D 208 0.64 -4.35 -25.30
C GLU D 208 -0.44 -4.75 -24.31
N ALA D 209 -0.14 -5.57 -23.34
CA ALA D 209 -1.08 -6.00 -22.30
C ALA D 209 -1.48 -4.78 -21.47
N GLY D 210 -0.59 -3.86 -21.25
CA GLY D 210 -0.92 -2.61 -20.53
C GLY D 210 -1.95 -1.83 -21.31
N ILE D 211 -1.81 -1.71 -22.61
CA ILE D 211 -2.82 -1.00 -23.44
C ILE D 211 -4.13 -1.79 -23.31
N GLU D 212 -4.14 -3.11 -23.34
CA GLU D 212 -5.38 -3.91 -23.18
C GLU D 212 -6.01 -3.60 -21.83
N ARG D 213 -5.19 -3.43 -20.79
CA ARG D 213 -5.69 -3.19 -19.41
C ARG D 213 -6.36 -1.83 -19.38
N VAL D 214 -5.77 -0.82 -19.96
CA VAL D 214 -6.39 0.53 -19.97
C VAL D 214 -7.69 0.46 -20.78
N ARG D 215 -7.67 -0.15 -21.97
N ARG D 215 -7.68 -0.14 -21.97
CA ARG D 215 -8.90 -0.23 -22.79
CA ARG D 215 -8.94 -0.21 -22.76
C ARG D 215 -10.01 -0.91 -21.97
C ARG D 215 -10.03 -0.90 -21.94
N ALA D 216 -9.73 -1.97 -21.21
CA ALA D 216 -10.71 -2.73 -20.44
C ALA D 216 -11.40 -1.85 -19.38
N CYS D 217 -10.78 -0.81 -18.89
CA CYS D 217 -11.41 -0.01 -17.80
C CYS D 217 -12.30 1.08 -18.39
N LEU D 218 -12.21 1.37 -19.68
CA LEU D 218 -12.87 2.56 -20.25
C LEU D 218 -14.40 2.54 -20.10
N PRO D 219 -15.09 1.39 -20.19
CA PRO D 219 -16.55 1.40 -20.07
C PRO D 219 -17.00 1.97 -18.74
N ARG D 220 -16.18 1.86 -17.71
CA ARG D 220 -16.55 2.40 -16.38
C ARG D 220 -15.83 3.72 -16.09
N LEU D 221 -14.60 3.92 -16.54
CA LEU D 221 -13.91 5.20 -16.33
C LEU D 221 -14.72 6.32 -16.98
N GLY D 222 -15.30 6.04 -18.17
CA GLY D 222 -15.97 7.09 -18.93
C GLY D 222 -17.36 7.44 -18.42
N GLU D 223 -17.88 6.76 -17.42
CA GLU D 223 -19.22 7.05 -16.82
C GLU D 223 -19.19 8.41 -16.13
N LEU D 224 -20.18 9.27 -16.48
CA LEU D 224 -20.31 10.62 -15.94
C LEU D 224 -21.57 10.69 -15.05
N ALA D 225 -21.45 11.39 -13.93
CA ALA D 225 -22.54 11.62 -12.97
C ALA D 225 -23.51 12.72 -13.38
N ILE D 226 -23.16 13.53 -14.37
CA ILE D 226 -23.95 14.77 -14.65
C ILE D 226 -25.41 14.38 -14.88
N GLY D 227 -26.30 15.18 -14.29
CA GLY D 227 -27.74 14.92 -14.32
C GLY D 227 -28.26 14.37 -12.99
N GLY D 228 -27.38 13.79 -12.14
CA GLY D 228 -27.81 13.17 -10.89
C GLY D 228 -28.09 14.21 -9.82
N THR D 229 -27.60 15.43 -9.98
CA THR D 229 -27.76 16.56 -9.02
C THR D 229 -27.37 16.11 -7.60
N ALA D 230 -27.98 16.61 -6.54
CA ALA D 230 -27.32 16.58 -5.20
C ALA D 230 -27.09 15.16 -4.69
N VAL D 231 -28.03 14.24 -4.88
CA VAL D 231 -28.00 12.90 -4.25
C VAL D 231 -28.07 11.77 -5.25
N GLY D 232 -28.16 12.05 -6.54
CA GLY D 232 -28.27 10.99 -7.57
C GLY D 232 -29.65 10.85 -8.17
N THR D 233 -30.64 11.53 -7.60
CA THR D 233 -32.06 11.37 -8.00
C THR D 233 -32.39 12.25 -9.21
N GLY D 234 -31.58 13.23 -9.52
CA GLY D 234 -31.85 14.12 -10.64
C GLY D 234 -32.86 15.20 -10.29
N LEU D 235 -33.23 15.31 -9.02
CA LEU D 235 -34.11 16.43 -8.60
C LEU D 235 -33.54 17.77 -9.04
N ASN D 236 -34.37 18.62 -9.68
CA ASN D 236 -34.01 19.99 -10.10
C ASN D 236 -33.15 19.95 -11.37
N ALA D 237 -33.10 18.82 -12.06
CA ALA D 237 -32.59 18.76 -13.43
C ALA D 237 -33.66 18.18 -14.34
N PRO D 238 -33.63 18.50 -15.65
CA PRO D 238 -34.41 17.73 -16.61
C PRO D 238 -34.10 16.23 -16.56
N ASP D 239 -35.08 15.38 -16.85
CA ASP D 239 -34.93 13.90 -16.77
C ASP D 239 -33.86 13.41 -17.74
N ASP D 240 -33.67 14.08 -18.85
CA ASP D 240 -32.68 13.65 -19.86
C ASP D 240 -31.44 14.56 -19.86
N PHE D 241 -31.19 15.30 -18.79
CA PHE D 241 -30.06 16.26 -18.74
C PHE D 241 -28.75 15.53 -19.01
N GLY D 242 -28.51 14.42 -18.32
CA GLY D 242 -27.24 13.67 -18.43
C GLY D 242 -27.02 13.20 -19.85
N VAL D 243 -28.00 12.52 -20.44
N VAL D 243 -28.00 12.50 -20.45
CA VAL D 243 -27.80 11.96 -21.81
CA VAL D 243 -27.81 11.97 -21.82
C VAL D 243 -27.58 13.13 -22.80
C VAL D 243 -27.57 13.14 -22.79
N ARG D 244 -28.24 14.27 -22.63
CA ARG D 244 -28.07 15.42 -23.56
C ARG D 244 -26.68 16.05 -23.39
N VAL D 245 -26.23 16.22 -22.13
CA VAL D 245 -24.90 16.82 -21.86
C VAL D 245 -23.80 15.89 -22.38
N VAL D 246 -23.92 14.60 -22.13
CA VAL D 246 -22.90 13.63 -22.61
C VAL D 246 -22.82 13.72 -24.14
N ALA D 247 -23.95 13.82 -24.82
CA ALA D 247 -23.90 13.90 -26.30
C ALA D 247 -23.15 15.14 -26.73
N VAL D 248 -23.39 16.29 -26.12
CA VAL D 248 -22.64 17.52 -26.47
C VAL D 248 -21.15 17.28 -26.20
N LEU D 249 -20.79 16.68 -25.06
CA LEU D 249 -19.34 16.49 -24.74
C LEU D 249 -18.69 15.54 -25.74
N VAL D 250 -19.35 14.45 -26.10
CA VAL D 250 -18.80 13.49 -27.08
C VAL D 250 -18.55 14.27 -28.37
N ALA D 251 -19.53 15.04 -28.83
CA ALA D 251 -19.39 15.80 -30.09
C ALA D 251 -18.21 16.78 -30.03
N GLN D 252 -18.06 17.48 -28.92
CA GLN D 252 -17.05 18.56 -28.82
C GLN D 252 -15.66 17.96 -28.64
N THR D 253 -15.51 16.85 -27.93
CA THR D 253 -14.17 16.28 -27.58
C THR D 253 -13.76 15.17 -28.54
N GLY D 254 -14.71 14.54 -29.23
CA GLY D 254 -14.46 13.31 -29.99
C GLY D 254 -14.23 12.08 -29.14
N LEU D 255 -14.50 12.15 -27.83
CA LEU D 255 -14.27 11.04 -26.89
C LEU D 255 -15.54 10.21 -26.85
N SER D 256 -15.67 9.23 -27.73
CA SER D 256 -16.81 8.31 -27.76
C SER D 256 -16.95 7.48 -26.48
N GLU D 257 -15.88 7.41 -25.65
CA GLU D 257 -15.88 6.62 -24.40
C GLU D 257 -16.66 7.29 -23.29
N LEU D 258 -17.05 8.55 -23.43
CA LEU D 258 -17.84 9.20 -22.37
C LEU D 258 -19.25 8.62 -22.44
N ARG D 259 -19.85 8.39 -21.30
CA ARG D 259 -21.21 7.85 -21.29
C ARG D 259 -21.90 8.27 -20.01
N THR D 260 -23.22 8.21 -20.00
N THR D 260 -23.22 8.22 -19.99
CA THR D 260 -24.02 8.40 -18.79
CA THR D 260 -24.01 8.45 -18.77
C THR D 260 -23.67 7.26 -17.82
C THR D 260 -23.83 7.25 -17.84
N ALA D 261 -23.85 7.51 -16.53
CA ALA D 261 -23.69 6.44 -15.55
C ALA D 261 -24.74 5.35 -15.73
N ALA D 262 -24.34 4.09 -15.57
CA ALA D 262 -25.26 2.95 -15.52
C ALA D 262 -26.25 3.16 -14.36
N ASN D 263 -25.78 3.63 -13.22
CA ASN D 263 -26.60 3.81 -11.99
C ASN D 263 -26.22 5.15 -11.39
N SER D 264 -27.16 6.09 -11.31
CA SER D 264 -26.86 7.48 -10.89
C SER D 264 -26.43 7.55 -9.42
N PHE D 265 -26.83 6.61 -8.57
CA PHE D 265 -26.45 6.56 -7.14
C PHE D 265 -25.00 6.06 -7.02
N GLU D 266 -24.66 5.00 -7.73
CA GLU D 266 -23.28 4.47 -7.71
C GLU D 266 -22.33 5.56 -8.17
N ALA D 267 -22.72 6.38 -9.16
CA ALA D 267 -21.82 7.33 -9.82
C ALA D 267 -21.49 8.49 -8.88
N GLN D 268 -22.22 8.63 -7.78
CA GLN D 268 -21.99 9.77 -6.85
C GLN D 268 -21.58 9.28 -5.47
N ALA D 269 -22.12 8.13 -5.05
CA ALA D 269 -21.77 7.50 -3.76
C ALA D 269 -20.35 6.91 -3.80
N ALA D 270 -19.86 6.60 -5.00
CA ALA D 270 -18.53 5.98 -5.14
C ALA D 270 -17.78 6.57 -6.34
N ARG D 271 -16.48 6.35 -6.32
CA ARG D 271 -15.56 6.72 -7.40
C ARG D 271 -14.85 5.45 -7.83
N ASP D 272 -15.54 4.33 -7.82
CA ASP D 272 -14.93 3.00 -8.10
C ASP D 272 -14.21 2.98 -9.46
N GLY D 273 -14.68 3.70 -10.46
CA GLY D 273 -14.08 3.74 -11.78
C GLY D 273 -12.67 4.31 -11.73
N LEU D 274 -12.43 5.25 -10.84
CA LEU D 274 -11.05 5.77 -10.65
C LEU D 274 -10.17 4.73 -9.99
N VAL D 275 -10.68 4.02 -9.01
CA VAL D 275 -9.94 2.93 -8.33
C VAL D 275 -9.58 1.87 -9.36
N GLU D 276 -10.56 1.46 -10.18
CA GLU D 276 -10.32 0.44 -11.23
C GLU D 276 -9.22 0.94 -12.17
N ALA D 277 -9.32 2.15 -12.69
CA ALA D 277 -8.34 2.70 -13.66
C ALA D 277 -6.97 2.76 -13.01
N SER D 278 -6.89 3.19 -11.76
CA SER D 278 -5.57 3.25 -11.06
C SER D 278 -4.98 1.86 -11.02
N GLY D 279 -5.74 0.81 -10.83
CA GLY D 279 -5.15 -0.54 -10.84
C GLY D 279 -4.53 -0.88 -12.21
N ALA D 280 -5.10 -0.46 -13.34
CA ALA D 280 -4.45 -0.62 -14.65
C ALA D 280 -3.13 0.14 -14.67
N LEU D 281 -3.13 1.38 -14.23
CA LEU D 281 -1.90 2.19 -14.23
C LEU D 281 -0.83 1.54 -13.32
N ARG D 282 -1.23 1.06 -12.16
CA ARG D 282 -0.31 0.36 -11.24
C ARG D 282 0.28 -0.85 -11.92
N THR D 283 -0.54 -1.64 -12.63
CA THR D 283 -0.02 -2.81 -13.35
C THR D 283 1.01 -2.34 -14.40
N ILE D 284 0.72 -1.30 -15.14
CA ILE D 284 1.72 -0.75 -16.10
C ILE D 284 3.00 -0.35 -15.35
N ALA D 285 2.91 0.26 -14.18
CA ALA D 285 4.09 0.67 -13.40
C ALA D 285 4.88 -0.59 -13.04
N VAL D 286 4.23 -1.67 -12.65
CA VAL D 286 4.89 -2.95 -12.33
C VAL D 286 5.58 -3.49 -13.57
N SER D 287 4.96 -3.45 -14.73
CA SER D 287 5.62 -3.91 -15.97
C SER D 287 6.82 -3.02 -16.28
N LEU D 288 6.66 -1.71 -16.26
CA LEU D 288 7.74 -0.74 -16.57
C LEU D 288 8.93 -0.95 -15.62
N THR D 289 8.67 -1.27 -14.37
CA THR D 289 9.77 -1.51 -13.40
C THR D 289 10.62 -2.69 -13.88
N LYS D 290 10.00 -3.79 -14.28
CA LYS D 290 10.78 -4.97 -14.77
C LYS D 290 11.54 -4.61 -16.05
N ILE D 291 10.91 -3.90 -16.96
CA ILE D 291 11.61 -3.57 -18.23
C ILE D 291 12.80 -2.64 -17.95
N ALA D 292 12.57 -1.60 -17.19
CA ALA D 292 13.61 -0.58 -16.90
C ALA D 292 14.76 -1.25 -16.11
N ASN D 293 14.43 -2.10 -15.15
CA ASN D 293 15.49 -2.74 -14.33
C ASN D 293 16.33 -3.67 -15.21
N ASP D 294 15.70 -4.44 -16.08
CA ASP D 294 16.49 -5.33 -16.95
C ASP D 294 17.39 -4.46 -17.84
N ILE D 295 16.88 -3.37 -18.38
CA ILE D 295 17.69 -2.51 -19.28
C ILE D 295 18.87 -1.88 -18.53
N ARG D 296 18.67 -1.37 -17.32
CA ARG D 296 19.84 -0.79 -16.62
C ARG D 296 20.85 -1.89 -16.27
N TRP D 297 20.39 -3.07 -15.90
CA TRP D 297 21.33 -4.20 -15.62
C TRP D 297 22.07 -4.61 -16.89
N MET D 298 21.38 -4.64 -18.02
N MET D 298 21.38 -4.64 -18.01
CA MET D 298 22.04 -5.00 -19.30
CA MET D 298 22.05 -5.00 -19.28
C MET D 298 23.11 -3.96 -19.64
C MET D 298 23.12 -3.96 -19.62
N GLY D 299 22.88 -2.68 -19.33
CA GLY D 299 23.87 -1.64 -19.62
C GLY D 299 24.92 -1.43 -18.54
N SER D 300 24.89 -2.22 -17.47
CA SER D 300 25.77 -2.01 -16.29
C SER D 300 27.25 -2.22 -16.63
N GLY D 301 28.10 -1.47 -15.91
CA GLY D 301 29.55 -1.67 -15.98
C GLY D 301 30.22 -0.37 -16.35
N PRO D 302 31.09 -0.32 -17.38
CA PRO D 302 31.34 -1.45 -18.28
C PRO D 302 32.30 -2.55 -17.83
N LEU D 303 33.05 -2.44 -16.73
CA LEU D 303 33.96 -3.55 -16.35
C LEU D 303 33.36 -4.42 -15.26
N THR D 304 32.58 -3.84 -14.34
CA THR D 304 32.04 -4.49 -13.11
C THR D 304 30.66 -5.08 -13.36
N GLY D 305 30.10 -4.85 -14.55
CA GLY D 305 28.69 -5.26 -14.75
C GLY D 305 28.49 -6.26 -15.87
N LEU D 306 27.29 -6.27 -16.43
CA LEU D 306 26.93 -7.25 -17.48
C LEU D 306 27.41 -6.76 -18.86
N ALA D 307 27.34 -5.46 -19.11
CA ALA D 307 27.86 -4.86 -20.37
C ALA D 307 27.26 -5.51 -21.63
N GLU D 308 25.98 -5.85 -21.58
CA GLU D 308 25.28 -6.49 -22.72
C GLU D 308 24.90 -5.47 -23.79
N ILE D 309 24.48 -4.26 -23.37
CA ILE D 309 24.01 -3.20 -24.31
C ILE D 309 24.63 -1.85 -23.93
N GLN D 310 24.56 -0.94 -24.76
N GLN D 310 24.54 -0.91 -24.75
CA GLN D 310 24.91 0.47 -24.52
CA GLN D 310 24.93 0.49 -24.47
C GLN D 310 23.61 1.29 -24.55
C GLN D 310 23.71 1.40 -24.58
N LEU D 311 23.40 2.11 -23.52
CA LEU D 311 22.30 3.09 -23.54
C LEU D 311 22.82 4.39 -24.14
N PRO D 312 21.94 5.13 -24.83
CA PRO D 312 22.31 6.45 -25.30
C PRO D 312 22.62 7.37 -24.11
N ASP D 313 23.65 8.18 -24.31
CA ASP D 313 24.15 9.19 -23.36
C ASP D 313 23.28 10.44 -23.49
N LEU D 314 22.66 10.82 -22.38
CA LEU D 314 21.81 12.03 -22.25
C LEU D 314 22.53 13.02 -21.34
N LYS D 324 31.00 5.61 -20.01
CA LYS D 324 30.25 5.17 -18.80
C LYS D 324 28.98 6.06 -18.65
N VAL D 325 27.90 5.61 -19.24
CA VAL D 325 26.62 6.37 -19.29
C VAL D 325 25.76 5.91 -18.10
N ASN D 326 25.30 6.82 -17.25
CA ASN D 326 24.34 6.43 -16.19
C ASN D 326 22.97 6.20 -16.81
N PRO D 327 22.22 5.20 -16.34
CA PRO D 327 20.92 4.82 -16.92
C PRO D 327 19.83 5.78 -16.42
N VAL D 328 19.89 7.04 -16.84
CA VAL D 328 19.08 8.11 -16.21
C VAL D 328 17.62 7.89 -16.62
N LEU D 329 17.31 7.40 -17.84
CA LEU D 329 15.86 7.20 -18.13
C LEU D 329 15.34 5.96 -17.42
N PRO D 330 16.02 4.81 -17.30
CA PRO D 330 15.52 3.75 -16.43
C PRO D 330 15.28 4.30 -15.02
N GLU D 331 16.13 5.16 -14.50
CA GLU D 331 15.95 5.71 -13.13
C GLU D 331 14.67 6.54 -13.10
N ALA D 332 14.45 7.37 -14.09
CA ALA D 332 13.19 8.17 -14.13
C ALA D 332 11.98 7.26 -14.22
N VAL D 333 12.03 6.22 -15.03
CA VAL D 333 10.92 5.26 -15.17
C VAL D 333 10.61 4.59 -13.81
N THR D 334 11.63 4.09 -13.14
CA THR D 334 11.42 3.34 -11.88
C THR D 334 10.91 4.31 -10.80
N GLN D 335 11.38 5.54 -10.76
CA GLN D 335 10.87 6.54 -9.81
C GLN D 335 9.40 6.88 -10.12
N VAL D 336 9.07 7.04 -11.39
CA VAL D 336 7.66 7.28 -11.80
C VAL D 336 6.81 6.09 -11.33
N ALA D 337 7.25 4.87 -11.53
CA ALA D 337 6.48 3.68 -11.14
C ALA D 337 6.21 3.72 -9.63
N ALA D 338 7.23 4.08 -8.83
CA ALA D 338 7.04 4.19 -7.36
C ALA D 338 5.92 5.19 -7.09
N GLN D 339 5.96 6.33 -7.76
CA GLN D 339 4.94 7.37 -7.53
C GLN D 339 3.57 6.83 -7.91
N VAL D 340 3.44 6.10 -9.03
CA VAL D 340 2.11 5.57 -9.43
C VAL D 340 1.62 4.60 -8.35
N ILE D 341 2.49 3.76 -7.79
CA ILE D 341 2.14 2.79 -6.72
C ILE D 341 1.63 3.59 -5.51
N GLY D 342 2.32 4.69 -5.12
CA GLY D 342 1.84 5.45 -3.96
C GLY D 342 0.54 6.14 -4.26
N ASN D 343 0.41 6.77 -5.43
CA ASN D 343 -0.82 7.44 -5.83
C ASN D 343 -1.95 6.43 -5.81
N ASP D 344 -1.69 5.19 -6.26
CA ASP D 344 -2.74 4.17 -6.35
C ASP D 344 -3.25 3.82 -4.95
N ALA D 345 -2.39 3.78 -3.94
CA ALA D 345 -2.80 3.52 -2.56
C ALA D 345 -3.68 4.66 -2.06
N ALA D 346 -3.33 5.93 -2.34
CA ALA D 346 -4.13 7.10 -1.94
C ALA D 346 -5.52 7.04 -2.59
N ILE D 347 -5.57 6.63 -3.84
CA ILE D 347 -6.84 6.57 -4.61
C ILE D 347 -7.75 5.55 -3.94
N ALA D 348 -7.26 4.37 -3.67
CA ALA D 348 -8.10 3.29 -3.12
C ALA D 348 -8.56 3.65 -1.71
N TRP D 349 -7.74 4.34 -0.93
CA TRP D 349 -8.09 4.79 0.42
C TRP D 349 -9.27 5.76 0.29
N GLY D 350 -9.18 6.75 -0.58
CA GLY D 350 -10.33 7.66 -0.74
C GLY D 350 -11.53 6.91 -1.29
N GLY D 351 -11.36 6.02 -2.26
CA GLY D 351 -12.48 5.31 -2.88
C GLY D 351 -13.28 4.55 -1.87
N ALA D 352 -12.66 3.97 -0.84
CA ALA D 352 -13.35 3.04 0.09
C ALA D 352 -14.22 3.83 1.05
N ASN D 353 -13.89 5.10 1.24
CA ASN D 353 -14.40 5.90 2.38
C ASN D 353 -15.54 6.86 2.06
N GLY D 354 -16.35 6.52 1.07
CA GLY D 354 -17.58 7.29 0.81
C GLY D 354 -18.65 7.00 1.86
N ALA D 355 -19.63 7.86 1.96
CA ALA D 355 -20.72 7.60 2.93
C ALA D 355 -22.04 7.94 2.26
N PHE D 356 -22.99 7.02 2.31
CA PHE D 356 -24.35 7.31 1.82
C PHE D 356 -24.33 7.81 0.38
N GLU D 357 -24.87 8.99 0.14
CA GLU D 357 -25.06 9.50 -1.24
C GLU D 357 -23.81 10.14 -1.84
N LEU D 358 -22.72 10.29 -1.09
CA LEU D 358 -21.58 10.99 -1.71
C LEU D 358 -20.21 10.51 -1.21
N ASN D 359 -19.29 10.28 -2.14
CA ASN D 359 -17.88 10.04 -1.79
C ASN D 359 -17.22 11.43 -1.77
N VAL D 360 -16.68 11.81 -0.63
CA VAL D 360 -16.10 13.15 -0.42
C VAL D 360 -14.55 13.10 -0.36
N TYR D 361 -13.96 12.36 -1.30
CA TYR D 361 -12.49 12.31 -1.48
C TYR D 361 -12.12 12.69 -2.90
N ILE D 362 -13.03 13.35 -3.61
CA ILE D 362 -12.89 13.50 -5.08
C ILE D 362 -11.68 14.35 -5.42
N PRO D 363 -11.45 15.53 -4.82
CA PRO D 363 -10.27 16.31 -5.22
C PRO D 363 -8.95 15.55 -5.06
N MET D 364 -8.79 14.85 -3.95
CA MET D 364 -7.58 14.08 -3.71
C MET D 364 -7.48 12.93 -4.73
N MET D 365 -8.55 12.19 -4.94
CA MET D 365 -8.51 11.07 -5.91
C MET D 365 -8.17 11.61 -7.30
N ALA D 366 -8.78 12.71 -7.68
CA ALA D 366 -8.56 13.36 -9.01
C ALA D 366 -7.10 13.75 -9.17
N ARG D 367 -6.52 14.41 -8.18
CA ARG D 367 -5.09 14.77 -8.27
C ARG D 367 -4.23 13.54 -8.53
N ASN D 368 -4.48 12.48 -7.79
CA ASN D 368 -3.61 11.28 -7.85
C ASN D 368 -3.81 10.56 -9.18
N ILE D 369 -5.03 10.36 -9.64
N ILE D 369 -5.05 10.32 -9.61
CA ILE D 369 -5.16 9.55 -10.87
CA ILE D 369 -5.27 9.54 -10.87
C ILE D 369 -4.67 10.36 -12.07
C ILE D 369 -4.72 10.35 -12.05
N LEU D 370 -4.99 11.65 -12.11
CA LEU D 370 -4.51 12.48 -13.26
C LEU D 370 -3.00 12.58 -13.27
N GLU D 371 -2.38 12.67 -12.08
CA GLU D 371 -0.91 12.67 -12.06
C GLU D 371 -0.40 11.33 -12.59
N SER D 372 -0.93 10.21 -12.14
CA SER D 372 -0.43 8.90 -12.62
C SER D 372 -0.53 8.80 -14.14
N PHE D 373 -1.66 9.23 -14.71
CA PHE D 373 -1.78 9.23 -16.19
C PHE D 373 -0.69 10.09 -16.80
N LYS D 374 -0.47 11.29 -16.30
CA LYS D 374 0.52 12.23 -16.88
C LYS D 374 1.94 11.65 -16.79
N LEU D 375 2.33 11.17 -15.62
CA LEU D 375 3.69 10.61 -15.44
C LEU D 375 3.91 9.44 -16.38
N LEU D 376 2.98 8.52 -16.47
CA LEU D 376 3.18 7.34 -17.32
C LEU D 376 3.24 7.77 -18.80
N THR D 377 2.38 8.68 -19.22
CA THR D 377 2.36 9.12 -20.63
C THR D 377 3.73 9.74 -20.93
N ASN D 378 4.16 10.69 -20.13
CA ASN D 378 5.39 11.44 -20.47
C ASN D 378 6.62 10.56 -20.40
N VAL D 379 6.74 9.78 -19.34
CA VAL D 379 7.96 8.95 -19.19
C VAL D 379 7.97 7.84 -20.25
N SER D 380 6.83 7.30 -20.66
CA SER D 380 6.80 6.23 -21.67
C SER D 380 7.35 6.80 -23.00
N ARG D 381 6.89 7.97 -23.38
CA ARG D 381 7.35 8.58 -24.65
C ARG D 381 8.85 8.84 -24.55
N LEU D 382 9.33 9.42 -23.44
CA LEU D 382 10.77 9.69 -23.29
C LEU D 382 11.56 8.37 -23.31
N PHE D 383 11.11 7.37 -22.60
CA PHE D 383 11.80 6.07 -22.55
C PHE D 383 11.90 5.51 -23.98
N ALA D 384 10.80 5.55 -24.74
CA ALA D 384 10.76 4.98 -26.10
C ALA D 384 11.76 5.69 -26.99
N GLN D 385 11.75 7.01 -26.99
CA GLN D 385 12.43 7.85 -28.00
C GLN D 385 13.90 8.02 -27.61
N ARG D 386 14.19 8.19 -26.33
CA ARG D 386 15.55 8.61 -25.90
C ARG D 386 16.32 7.51 -25.18
N CYS D 387 15.76 6.34 -25.04
CA CYS D 387 16.47 5.17 -24.48
C CYS D 387 16.30 4.00 -25.42
N ILE D 388 15.10 3.44 -25.58
CA ILE D 388 14.90 2.18 -26.31
C ILE D 388 15.40 2.35 -27.76
N ALA D 389 14.96 3.38 -28.46
CA ALA D 389 15.23 3.46 -29.91
C ALA D 389 16.74 3.48 -30.18
N GLY D 390 17.53 4.06 -29.28
CA GLY D 390 18.98 4.22 -29.44
C GLY D 390 19.83 3.13 -28.84
N LEU D 391 19.29 2.09 -28.21
CA LEU D 391 20.11 1.05 -27.56
C LEU D 391 20.95 0.36 -28.64
N THR D 392 22.16 0.01 -28.29
CA THR D 392 23.01 -0.83 -29.18
C THR D 392 23.44 -2.08 -28.44
N ALA D 393 23.37 -3.20 -29.10
CA ALA D 393 23.74 -4.52 -28.54
C ALA D 393 25.24 -4.76 -28.71
N ASN D 394 25.89 -5.34 -27.69
CA ASN D 394 27.32 -5.75 -27.77
C ASN D 394 27.31 -7.20 -28.26
N VAL D 395 27.06 -7.41 -29.55
CA VAL D 395 26.72 -8.73 -30.14
C VAL D 395 27.83 -9.77 -29.81
N GLU D 396 29.11 -9.43 -29.98
CA GLU D 396 30.18 -10.45 -29.79
C GLU D 396 30.25 -10.86 -28.30
N HIS D 397 30.12 -9.88 -27.40
CA HIS D 397 30.05 -10.17 -25.93
C HIS D 397 28.87 -11.07 -25.64
N LEU D 398 27.70 -10.75 -26.17
CA LEU D 398 26.49 -11.53 -25.93
C LEU D 398 26.66 -12.97 -26.43
N ARG D 399 27.30 -13.16 -27.58
CA ARG D 399 27.53 -14.53 -28.07
C ARG D 399 28.51 -15.27 -27.12
N ARG D 400 29.52 -14.59 -26.64
CA ARG D 400 30.48 -15.22 -25.69
C ARG D 400 29.73 -15.67 -24.42
N LEU D 401 28.76 -14.86 -23.96
CA LEU D 401 27.95 -15.27 -22.80
C LEU D 401 27.09 -16.49 -23.16
N ALA D 402 26.49 -16.52 -24.36
CA ALA D 402 25.68 -17.68 -24.78
C ALA D 402 26.56 -18.94 -24.81
N GLU D 403 27.78 -18.77 -25.32
CA GLU D 403 28.75 -19.90 -25.43
C GLU D 403 29.25 -20.31 -24.05
N SER D 404 28.84 -19.63 -22.97
CA SER D 404 29.18 -20.03 -21.58
C SER D 404 27.94 -20.52 -20.80
N SER D 405 26.75 -20.48 -21.39
CA SER D 405 25.52 -21.04 -20.80
C SER D 405 25.67 -22.54 -20.59
N PRO D 406 24.88 -23.14 -19.69
CA PRO D 406 24.79 -24.59 -19.65
C PRO D 406 24.20 -25.11 -20.97
N SER D 407 24.62 -26.31 -21.29
CA SER D 407 24.07 -27.10 -22.42
C SER D 407 23.24 -28.27 -21.88
N ILE D 408 22.58 -28.97 -22.78
CA ILE D 408 21.79 -30.19 -22.47
C ILE D 408 22.16 -31.29 -23.48
N VAL D 409 21.87 -32.53 -23.12
CA VAL D 409 22.27 -33.74 -23.90
C VAL D 409 21.19 -34.13 -24.90
N THR D 410 19.94 -33.72 -24.65
CA THR D 410 18.73 -34.08 -25.43
C THR D 410 19.02 -34.05 -26.93
N PRO D 411 19.63 -32.97 -27.48
CA PRO D 411 19.93 -32.88 -28.92
C PRO D 411 20.97 -33.87 -29.48
N LEU D 412 21.56 -34.71 -28.62
CA LEU D 412 22.48 -35.81 -29.04
C LEU D 412 21.71 -37.14 -29.11
N ASN D 413 20.49 -37.24 -28.57
CA ASN D 413 19.70 -38.50 -28.46
C ASN D 413 19.75 -39.28 -29.79
N SER D 414 19.45 -38.63 -30.91
CA SER D 414 19.31 -39.28 -32.24
C SER D 414 20.66 -39.81 -32.75
N ALA D 415 21.77 -39.44 -32.12
CA ALA D 415 23.14 -39.75 -32.60
C ALA D 415 23.78 -40.84 -31.73
N ILE D 416 23.63 -40.77 -30.40
CA ILE D 416 24.35 -41.65 -29.43
C ILE D 416 23.35 -42.46 -28.60
N GLY D 417 22.06 -42.14 -28.74
CA GLY D 417 20.97 -42.85 -28.05
C GLY D 417 20.82 -42.39 -26.62
N TYR D 418 19.63 -42.66 -26.07
CA TYR D 418 19.12 -42.20 -24.75
C TYR D 418 20.10 -42.59 -23.64
N GLU D 419 20.76 -43.73 -23.79
CA GLU D 419 21.60 -44.30 -22.71
C GLU D 419 22.96 -43.60 -22.69
N GLU D 420 23.67 -43.48 -23.82
CA GLU D 420 25.00 -42.80 -23.90
C GLU D 420 24.82 -41.33 -23.49
N ALA D 421 23.79 -40.64 -24.01
CA ALA D 421 23.41 -39.26 -23.62
C ALA D 421 23.30 -39.16 -22.09
N ALA D 422 22.52 -40.05 -21.45
CA ALA D 422 22.34 -40.06 -19.98
C ALA D 422 23.71 -40.19 -19.31
N ALA D 423 24.61 -41.03 -19.83
CA ALA D 423 25.97 -41.23 -19.27
C ALA D 423 26.81 -39.96 -19.49
N VAL D 424 26.64 -39.28 -20.63
CA VAL D 424 27.32 -37.97 -20.88
C VAL D 424 26.85 -36.98 -19.80
N ALA D 425 25.53 -36.87 -19.60
CA ALA D 425 24.93 -35.94 -18.61
C ALA D 425 25.53 -36.20 -17.23
N LYS D 426 25.57 -37.47 -16.83
CA LYS D 426 26.00 -37.86 -15.46
C LYS D 426 27.48 -37.50 -15.33
N GLN D 427 28.31 -37.85 -16.33
CA GLN D 427 29.77 -37.60 -16.24
C GLN D 427 30.06 -36.09 -16.29
N ALA D 428 29.34 -35.32 -17.10
CA ALA D 428 29.51 -33.85 -17.15
C ALA D 428 29.24 -33.26 -15.75
N LEU D 429 28.16 -33.70 -15.10
CA LEU D 429 27.80 -33.18 -13.76
C LEU D 429 28.91 -33.55 -12.76
N LYS D 430 29.36 -34.80 -12.77
CA LYS D 430 30.32 -35.33 -11.75
C LYS D 430 31.65 -34.59 -11.90
N GLU D 431 32.07 -34.36 -13.14
CA GLU D 431 33.45 -33.86 -13.44
C GLU D 431 33.41 -32.34 -13.65
N ARG D 432 32.22 -31.71 -13.60
CA ARG D 432 32.08 -30.23 -13.78
C ARG D 432 32.66 -29.83 -15.13
N LYS D 433 32.28 -30.57 -16.16
CA LYS D 433 32.71 -30.39 -17.57
C LYS D 433 31.51 -29.97 -18.38
N THR D 434 31.74 -29.39 -19.54
CA THR D 434 30.63 -29.09 -20.47
C THR D 434 30.15 -30.40 -21.09
N ILE D 435 28.96 -30.36 -21.67
CA ILE D 435 28.44 -31.49 -22.46
C ILE D 435 29.42 -31.72 -23.63
N ARG D 436 29.81 -30.67 -24.34
CA ARG D 436 30.67 -30.78 -25.54
C ARG D 436 31.97 -31.51 -25.17
N GLN D 437 32.66 -31.03 -24.15
CA GLN D 437 33.96 -31.64 -23.79
C GLN D 437 33.76 -33.08 -23.29
N THR D 438 32.68 -33.37 -22.56
CA THR D 438 32.42 -34.72 -22.04
C THR D 438 32.23 -35.67 -23.23
N VAL D 439 31.58 -35.21 -24.29
CA VAL D 439 31.42 -36.06 -25.52
C VAL D 439 32.80 -36.38 -26.08
N ILE D 440 33.64 -35.37 -26.28
CA ILE D 440 35.03 -35.54 -26.82
C ILE D 440 35.82 -36.49 -25.92
N ASP D 441 35.78 -36.27 -24.60
CA ASP D 441 36.57 -37.02 -23.60
C ASP D 441 36.13 -38.48 -23.54
N ARG D 442 34.84 -38.79 -23.71
CA ARG D 442 34.31 -40.18 -23.74
C ARG D 442 34.61 -40.86 -25.09
N GLY D 443 35.36 -40.21 -25.99
CA GLY D 443 35.77 -40.78 -27.29
C GLY D 443 34.59 -41.04 -28.22
N LEU D 444 33.55 -40.18 -28.20
CA LEU D 444 32.28 -40.43 -28.94
C LEU D 444 32.37 -39.85 -30.34
N ILE D 445 33.36 -39.01 -30.65
CA ILE D 445 33.56 -38.49 -32.02
C ILE D 445 34.01 -39.68 -32.90
N GLY D 446 33.27 -39.93 -34.00
CA GLY D 446 33.31 -41.17 -34.82
C GLY D 446 32.23 -41.14 -35.88
N ASP D 447 31.81 -42.31 -36.37
CA ASP D 447 30.86 -42.48 -37.50
C ASP D 447 29.43 -42.10 -37.06
N ARG D 448 29.13 -42.26 -35.76
CA ARG D 448 27.82 -41.93 -35.16
C ARG D 448 27.70 -40.41 -34.96
N LEU D 449 28.83 -39.69 -34.87
CA LEU D 449 28.86 -38.26 -34.45
C LEU D 449 30.19 -37.62 -34.83
N SER D 450 30.19 -36.82 -35.89
CA SER D 450 31.34 -35.97 -36.27
C SER D 450 31.41 -34.79 -35.31
N ILE D 451 32.53 -34.10 -35.30
CA ILE D 451 32.64 -32.79 -34.59
C ILE D 451 31.55 -31.88 -35.16
N GLU D 452 31.45 -31.79 -36.49
CA GLU D 452 30.47 -30.89 -37.17
C GLU D 452 29.09 -31.13 -36.57
N ASP D 453 28.66 -32.39 -36.48
CA ASP D 453 27.31 -32.81 -36.02
C ASP D 453 27.17 -32.46 -34.53
N LEU D 454 28.24 -32.59 -33.75
CA LEU D 454 28.24 -32.21 -32.30
C LEU D 454 27.92 -30.71 -32.22
N ASP D 455 28.64 -29.92 -33.00
CA ASP D 455 28.64 -28.43 -32.98
C ASP D 455 27.28 -27.93 -33.51
N ARG D 456 26.66 -28.63 -34.46
CA ARG D 456 25.34 -28.24 -35.01
C ARG D 456 24.29 -28.57 -33.97
N ARG D 457 24.35 -29.76 -33.35
CA ARG D 457 23.34 -30.22 -32.38
C ARG D 457 23.35 -29.26 -31.17
N LEU D 458 24.53 -28.78 -30.77
CA LEU D 458 24.70 -28.00 -29.49
C LEU D 458 24.72 -26.51 -29.77
N ASP D 459 24.49 -26.10 -31.01
CA ASP D 459 24.64 -24.69 -31.42
C ASP D 459 23.75 -23.76 -30.55
N VAL D 460 24.34 -22.71 -29.98
CA VAL D 460 23.63 -21.88 -28.95
C VAL D 460 22.46 -21.13 -29.58
N LEU D 461 22.54 -20.65 -30.82
CA LEU D 461 21.35 -20.00 -31.44
C LEU D 461 20.26 -21.05 -31.65
N ALA D 462 20.58 -22.27 -32.06
CA ALA D 462 19.60 -23.35 -32.20
C ALA D 462 18.94 -23.65 -30.86
N MET D 463 19.74 -23.67 -29.77
CA MET D 463 19.26 -23.96 -28.42
C MET D 463 18.27 -22.85 -28.00
N ALA D 464 18.43 -21.64 -28.54
CA ALA D 464 17.48 -20.51 -28.23
C ALA D 464 16.15 -20.70 -28.98
N LYS D 465 16.06 -21.61 -29.96
CA LYS D 465 14.79 -21.90 -30.70
C LYS D 465 14.21 -20.61 -31.26
N ALA D 466 15.01 -19.75 -31.91
CA ALA D 466 14.59 -18.44 -32.47
C ALA D 466 14.12 -18.61 -33.94
O3 KUE E . -36.63 8.34 17.33
C4 KUE E . -31.50 9.93 14.32
C5 KUE E . -34.61 10.04 16.25
O4 KUE E . -36.78 13.79 17.55
C6 KUE E . -35.44 8.08 17.47
N1 KUE E . -36.64 5.90 19.64
C7 KUE E . -34.98 6.92 18.31
C8 KUE E . -36.04 5.88 18.50
N2 KUE E . -37.63 4.95 19.83
C9 KUE E . -38.09 4.03 18.97
C10 KUE E . -37.43 4.01 17.66
C11 KUE E . -37.89 3.20 16.63
C12 KUE E . -37.29 3.27 15.37
N3 KUE E . -38.39 12.36 16.34
C13 KUE E . -36.22 4.15 15.14
C14 KUE E . -35.76 4.98 16.15
C15 KUE E . -36.38 4.93 17.42
S KUE E . -37.02 13.26 16.26
O KUE E . -37.16 14.16 15.15
C23 KUE E . -38.76 11.55 15.15
C22 KUE E . -40.20 11.12 15.11
C21 KUE E . -41.19 12.26 15.06
C20 KUE E . -41.55 13.03 16.31
C19 KUE E . -41.31 12.37 17.65
C18 KUE E . -39.96 12.67 18.27
C17 KUE E . -38.78 11.90 17.69
C KUE E . -35.71 12.13 15.88
C16 KUE E . -35.66 10.91 16.53
C3 KUE E . -33.63 10.43 15.32
O1 KUE E . -32.61 9.53 15.15
C2 KUE E . -33.71 11.65 14.69
C1 KUE E . -34.76 12.50 14.96
N KUE E . -34.46 8.78 16.87
O2 KUE E . -39.02 3.28 19.27
C FMT F . 16.07 -22.82 -12.79
O1 FMT F . 15.89 -22.02 -13.69
O2 FMT F . 17.17 -22.89 -12.16
MG MG G . 32.42 -9.66 -14.70
O3 KUE H . -33.81 14.91 18.74
C4 KUE H . -29.77 10.46 17.36
C5 KUE H . -32.81 12.24 18.34
O4 KUE H . -35.28 9.57 21.75
C6 KUE H . -33.18 14.61 17.72
N1 KUE H . -34.34 17.57 16.74
C7 KUE H . -33.07 15.58 16.56
C8 KUE H . -33.22 16.99 17.02
N2 KUE H . -34.52 18.86 17.16
C9 KUE H . -33.66 19.64 17.88
C10 KUE H . -32.37 18.99 18.21
C11 KUE H . -31.38 19.67 18.91
C12 KUE H . -30.18 19.04 19.22
N3 KUE H . -35.73 12.02 21.69
C13 KUE H . -29.95 17.74 18.79
C14 KUE H . -30.93 17.05 18.07
C15 KUE H . -32.16 17.69 17.78
S KUE H . -35.53 10.65 20.84
O KUE H . -36.63 10.55 19.93
C23 KUE H . -34.49 12.56 22.32
C22 KUE H . -34.62 13.02 23.75
C21 KUE H . -35.84 13.87 24.05
C20 KUE H . -37.19 13.12 24.04
C19 KUE H . -38.21 13.58 23.03
C18 KUE H . -38.03 13.12 21.64
C17 KUE H . -36.61 13.08 21.12
C KUE H . -34.07 10.89 19.88
C16 KUE H . -33.92 12.08 19.17
C3 KUE H . -31.85 11.23 18.28
O1 KUE H . -30.81 11.47 17.44
C2 KUE H . -32.00 10.07 19.02
C1 KUE H . -33.11 9.89 19.83
N KUE H . -32.60 13.38 17.51
O2 KUE H . -33.95 20.79 18.20
MG MG I . -13.67 7.24 -30.38
#